data_2QJM
#
_entry.id   2QJM
#
_cell.length_a   116.254
_cell.length_b   165.312
_cell.length_c   166.853
_cell.angle_alpha   90.00
_cell.angle_beta   90.00
_cell.angle_gamma   90.00
#
_symmetry.space_group_name_H-M   'C 2 2 21'
#
loop_
_entity.id
_entity.type
_entity.pdbx_description
1 polymer 'Mandelate racemase/muconate lactonizing enzyme'
2 non-polymer 'MAGNESIUM ION'
3 non-polymer 'D-MANNONIC ACID'
4 water water
#
_entity_poly.entity_id   1
_entity_poly.type   'polypeptide(L)'
_entity_poly.pdbx_seq_one_letter_code
;MKITAARVIITCPGRNFVTLKIETDQGVYGIGDATLNGRELSVVAYLQEHVAPCLIGMDPRRIEDIWQYVYRGAYWRRGP
VTMRAIAAVDMALWDIKAKMAGMPLYQLLGGRSRDGIMVYGHANGSDIAETVEAVGHYIDMGYKAIRAQTGVPGIKDAYG
VGRGKLYYEPADASLPSVTGWDTRKALNYVPKLFEELRKTYGFDHHLLHDGHHRYTPQEAANLGKMLEPYQLFWLEDCTP
AENQEAFRLVRQHTVTPLAVGEIFNTIWDAEDLIQNQLIDYIRATVVGAGGLTHLRRIADLASLYQVRTGCHGATDLSPV
TMGCALHFDTWVPNFGIQEYMRHTEETDAVFPHDYWFEKGELFVGETPGHGVDIDEELAAKYPYKPAYLPVARLEDGTMW
NW
;
_entity_poly.pdbx_strand_id   A,B,C,D
#
# COMPACT_ATOMS: atom_id res chain seq x y z
N MET A 1 -23.50 -23.11 -1.05
CA MET A 1 -22.35 -23.90 -0.53
C MET A 1 -22.08 -23.55 0.92
N LYS A 2 -21.78 -24.56 1.74
CA LYS A 2 -21.55 -24.34 3.16
C LYS A 2 -20.39 -25.12 3.75
N ILE A 3 -19.82 -24.58 4.82
CA ILE A 3 -18.73 -25.22 5.55
C ILE A 3 -19.42 -26.18 6.52
N THR A 4 -19.04 -27.45 6.47
CA THR A 4 -19.67 -28.42 7.35
C THR A 4 -18.80 -28.80 8.54
N ALA A 5 -17.51 -28.49 8.45
CA ALA A 5 -16.60 -28.80 9.54
C ALA A 5 -15.28 -28.07 9.36
N ALA A 6 -14.67 -27.74 10.49
CA ALA A 6 -13.40 -27.06 10.53
C ALA A 6 -12.67 -27.78 11.64
N ARG A 7 -11.89 -28.79 11.27
CA ARG A 7 -11.18 -29.61 12.24
C ARG A 7 -9.71 -29.25 12.37
N VAL A 8 -9.20 -29.38 13.59
CA VAL A 8 -7.79 -29.11 13.86
C VAL A 8 -7.10 -30.45 14.04
N ILE A 9 -5.99 -30.63 13.34
CA ILE A 9 -5.23 -31.87 13.42
C ILE A 9 -3.83 -31.58 13.91
N ILE A 10 -3.41 -32.30 14.95
CA ILE A 10 -2.08 -32.13 15.52
C ILE A 10 -1.22 -33.37 15.32
N THR A 11 0.00 -33.17 14.85
CA THR A 11 0.93 -34.28 14.63
C THR A 11 2.35 -33.83 14.89
N CYS A 12 3.24 -34.76 15.22
CA CYS A 12 4.63 -34.42 15.49
C CYS A 12 5.64 -35.34 14.81
N PRO A 13 5.76 -35.24 13.47
CA PRO A 13 6.70 -36.07 12.73
C PRO A 13 8.04 -35.36 12.61
N GLY A 14 8.78 -35.29 13.71
CA GLY A 14 10.06 -34.60 13.67
C GLY A 14 9.97 -33.32 14.49
N ARG A 15 8.76 -32.76 14.55
CA ARG A 15 8.47 -31.55 15.30
C ARG A 15 6.96 -31.32 15.23
N ASN A 16 6.44 -30.44 16.08
CA ASN A 16 5.01 -30.17 16.10
C ASN A 16 4.50 -29.35 14.92
N PHE A 17 3.33 -29.74 14.42
CA PHE A 17 2.66 -29.06 13.31
C PHE A 17 1.15 -29.10 13.58
N VAL A 18 0.50 -27.94 13.45
CA VAL A 18 -0.95 -27.87 13.65
C VAL A 18 -1.58 -27.54 12.29
N THR A 19 -2.60 -28.30 11.92
CA THR A 19 -3.27 -28.11 10.64
C THR A 19 -4.78 -27.96 10.80
N LEU A 20 -5.37 -27.17 9.92
CA LEU A 20 -6.81 -26.97 9.93
C LEU A 20 -7.35 -27.51 8.61
N LYS A 21 -8.40 -28.31 8.70
CA LYS A 21 -9.03 -28.87 7.51
C LYS A 21 -10.45 -28.36 7.47
N ILE A 22 -10.78 -27.64 6.41
CA ILE A 22 -12.12 -27.10 6.27
C ILE A 22 -12.90 -27.97 5.27
N GLU A 23 -13.99 -28.56 5.75
CA GLU A 23 -14.81 -29.43 4.91
C GLU A 23 -16.10 -28.75 4.49
N THR A 24 -16.57 -29.10 3.29
CA THR A 24 -17.78 -28.50 2.75
C THR A 24 -18.87 -29.52 2.41
N ASP A 25 -20.09 -29.03 2.30
CA ASP A 25 -21.25 -29.85 1.96
C ASP A 25 -21.18 -30.36 0.53
N GLN A 26 -20.21 -29.86 -0.23
CA GLN A 26 -20.04 -30.25 -1.62
C GLN A 26 -19.03 -31.39 -1.72
N GLY A 27 -18.18 -31.53 -0.71
CA GLY A 27 -17.19 -32.58 -0.74
C GLY A 27 -15.77 -32.02 -0.75
N VAL A 28 -15.53 -31.03 -1.59
CA VAL A 28 -14.20 -30.42 -1.68
C VAL A 28 -13.81 -29.92 -0.28
N TYR A 29 -12.52 -29.99 0.03
CA TYR A 29 -12.03 -29.54 1.32
C TYR A 29 -10.71 -28.81 1.16
N GLY A 30 -10.28 -28.12 2.22
CA GLY A 30 -9.03 -27.38 2.18
C GLY A 30 -8.31 -27.44 3.51
N ILE A 31 -6.98 -27.32 3.48
CA ILE A 31 -6.23 -27.35 4.72
C ILE A 31 -5.29 -26.15 4.85
N GLY A 32 -5.05 -25.72 6.09
CA GLY A 32 -4.17 -24.59 6.32
C GLY A 32 -3.24 -24.85 7.49
N ASP A 33 -2.09 -24.19 7.49
CA ASP A 33 -1.11 -24.35 8.57
C ASP A 33 -1.46 -23.34 9.66
N ALA A 34 -1.32 -23.76 10.91
CA ALA A 34 -1.62 -22.91 12.05
C ALA A 34 -0.54 -23.06 13.12
N THR A 35 0.60 -23.60 12.71
CA THR A 35 1.72 -23.84 13.61
C THR A 35 2.42 -22.60 14.17
N LEU A 36 2.47 -22.49 15.49
CA LEU A 36 3.14 -21.40 16.18
C LEU A 36 4.16 -22.08 17.10
N ASN A 37 5.41 -22.14 16.65
CA ASN A 37 6.50 -22.79 17.37
C ASN A 37 6.66 -22.38 18.83
N GLY A 38 6.49 -23.34 19.73
CA GLY A 38 6.64 -23.07 21.15
C GLY A 38 5.36 -22.69 21.88
N ARG A 39 4.29 -22.44 21.13
CA ARG A 39 3.01 -22.05 21.72
C ARG A 39 1.88 -22.69 20.90
N GLU A 40 2.20 -23.79 20.24
CA GLU A 40 1.27 -24.51 19.37
C GLU A 40 -0.17 -24.73 19.85
N LEU A 41 -0.35 -25.17 21.09
CA LEU A 41 -1.69 -25.46 21.59
C LEU A 41 -2.58 -24.24 21.84
N SER A 42 -1.98 -23.06 21.89
CA SER A 42 -2.75 -21.84 22.09
C SER A 42 -3.60 -21.58 20.84
N VAL A 43 -3.04 -21.85 19.67
CA VAL A 43 -3.75 -21.65 18.41
C VAL A 43 -4.80 -22.74 18.24
N VAL A 44 -4.47 -23.95 18.69
CA VAL A 44 -5.40 -25.08 18.62
C VAL A 44 -6.69 -24.71 19.35
N ALA A 45 -6.55 -24.17 20.56
CA ALA A 45 -7.71 -23.77 21.36
C ALA A 45 -8.44 -22.62 20.70
N TYR A 46 -7.69 -21.65 20.19
CA TYR A 46 -8.26 -20.49 19.53
C TYR A 46 -9.18 -20.95 18.39
N LEU A 47 -8.70 -21.94 17.64
CA LEU A 47 -9.45 -22.48 16.51
C LEU A 47 -10.60 -23.41 16.89
N GLN A 48 -10.31 -24.43 17.69
CA GLN A 48 -11.31 -25.39 18.10
C GLN A 48 -12.41 -24.82 18.98
N GLU A 49 -12.02 -24.09 20.01
CA GLU A 49 -12.97 -23.53 20.95
C GLU A 49 -13.69 -22.27 20.51
N HIS A 50 -13.06 -21.45 19.66
CA HIS A 50 -13.69 -20.20 19.29
C HIS A 50 -14.03 -19.97 17.83
N VAL A 51 -13.03 -19.99 16.95
CA VAL A 51 -13.26 -19.73 15.53
C VAL A 51 -14.07 -20.81 14.81
N ALA A 52 -13.64 -22.07 14.94
CA ALA A 52 -14.31 -23.20 14.28
C ALA A 52 -15.84 -23.16 14.31
N PRO A 53 -16.44 -23.09 15.51
CA PRO A 53 -17.90 -23.06 15.64
C PRO A 53 -18.58 -21.95 14.83
N CYS A 54 -17.88 -20.85 14.60
CA CYS A 54 -18.46 -19.74 13.84
C CYS A 54 -18.43 -20.00 12.35
N LEU A 55 -17.42 -20.74 11.91
CA LEU A 55 -17.27 -21.04 10.49
C LEU A 55 -18.36 -21.95 9.95
N ILE A 56 -18.86 -22.85 10.80
CA ILE A 56 -19.89 -23.78 10.37
C ILE A 56 -21.09 -23.08 9.76
N GLY A 57 -21.44 -23.48 8.54
CA GLY A 57 -22.58 -22.89 7.88
C GLY A 57 -22.26 -21.72 6.96
N MET A 58 -21.06 -21.16 7.09
CA MET A 58 -20.69 -20.04 6.23
C MET A 58 -20.33 -20.55 4.84
N ASP A 59 -20.39 -19.65 3.87
CA ASP A 59 -20.06 -19.96 2.48
C ASP A 59 -18.54 -19.82 2.32
N PRO A 60 -17.81 -20.95 2.22
CA PRO A 60 -16.36 -21.00 2.06
C PRO A 60 -15.77 -20.20 0.89
N ARG A 61 -16.60 -19.86 -0.08
CA ARG A 61 -16.14 -19.10 -1.25
C ARG A 61 -15.89 -17.63 -0.93
N ARG A 62 -16.42 -17.17 0.20
CA ARG A 62 -16.27 -15.77 0.60
C ARG A 62 -15.02 -15.56 1.46
N ILE A 63 -13.86 -15.76 0.83
CA ILE A 63 -12.58 -15.64 1.51
C ILE A 63 -12.37 -14.29 2.21
N GLU A 64 -12.60 -13.20 1.49
CA GLU A 64 -12.44 -11.86 2.03
C GLU A 64 -13.37 -11.59 3.21
N ASP A 65 -14.64 -11.97 3.07
CA ASP A 65 -15.62 -11.75 4.13
C ASP A 65 -15.26 -12.50 5.41
N ILE A 66 -14.83 -13.75 5.25
CA ILE A 66 -14.47 -14.57 6.40
C ILE A 66 -13.18 -14.08 7.04
N TRP A 67 -12.27 -13.55 6.22
CA TRP A 67 -11.02 -13.03 6.75
C TRP A 67 -11.36 -11.83 7.64
N GLN A 68 -12.16 -10.92 7.11
CA GLN A 68 -12.57 -9.72 7.83
C GLN A 68 -13.36 -10.09 9.09
N TYR A 69 -14.19 -11.11 8.95
CA TYR A 69 -15.03 -11.59 10.04
C TYR A 69 -14.19 -12.07 11.22
N VAL A 70 -13.20 -12.90 10.92
CA VAL A 70 -12.34 -13.43 11.96
C VAL A 70 -11.38 -12.35 12.48
N TYR A 71 -10.93 -11.45 11.60
CA TYR A 71 -10.01 -10.41 12.03
C TYR A 71 -10.72 -9.36 12.88
N ARG A 72 -11.75 -8.73 12.32
CA ARG A 72 -12.51 -7.71 13.04
C ARG A 72 -13.36 -8.29 14.16
N GLY A 73 -14.01 -9.42 13.89
CA GLY A 73 -14.88 -10.05 14.87
C GLY A 73 -14.24 -10.41 16.20
N ALA A 74 -12.95 -10.72 16.17
CA ALA A 74 -12.24 -11.09 17.39
C ALA A 74 -12.25 -9.95 18.40
N TYR A 75 -12.48 -8.74 17.90
CA TYR A 75 -12.49 -7.52 18.72
C TYR A 75 -11.09 -7.17 19.21
N TRP A 76 -10.41 -8.12 19.85
CA TRP A 76 -9.05 -7.92 20.32
C TRP A 76 -8.24 -8.32 19.07
N ARG A 77 -7.76 -7.33 18.32
CA ARG A 77 -7.05 -7.57 17.06
C ARG A 77 -5.55 -7.82 17.04
N ARG A 78 -5.09 -8.43 15.94
CA ARG A 78 -3.68 -8.73 15.72
C ARG A 78 -3.13 -9.74 16.72
N GLY A 79 -1.83 -10.01 16.66
CA GLY A 79 -1.23 -10.95 17.59
C GLY A 79 -0.80 -12.26 16.95
N PRO A 80 0.24 -12.91 17.49
CA PRO A 80 0.80 -14.19 17.02
C PRO A 80 -0.24 -15.30 16.93
N VAL A 81 -0.98 -15.49 18.03
CA VAL A 81 -1.99 -16.53 18.10
C VAL A 81 -3.15 -16.24 17.17
N THR A 82 -3.68 -15.02 17.27
CA THR A 82 -4.81 -14.60 16.45
C THR A 82 -4.57 -14.74 14.95
N MET A 83 -3.47 -14.18 14.47
CA MET A 83 -3.16 -14.22 13.05
C MET A 83 -2.82 -15.62 12.53
N ARG A 84 -2.31 -16.49 13.39
CA ARG A 84 -2.00 -17.86 12.98
C ARG A 84 -3.32 -18.56 12.63
N ALA A 85 -4.33 -18.36 13.48
CA ALA A 85 -5.64 -18.98 13.28
C ALA A 85 -6.27 -18.45 12.00
N ILE A 86 -6.22 -17.14 11.84
CA ILE A 86 -6.78 -16.51 10.66
C ILE A 86 -6.07 -17.02 9.40
N ALA A 87 -4.76 -17.17 9.47
CA ALA A 87 -3.97 -17.64 8.34
C ALA A 87 -4.37 -19.07 7.95
N ALA A 88 -4.55 -19.93 8.95
CA ALA A 88 -4.92 -21.32 8.70
C ALA A 88 -6.24 -21.38 7.96
N VAL A 89 -7.19 -20.54 8.38
CA VAL A 89 -8.48 -20.47 7.75
C VAL A 89 -8.32 -19.98 6.32
N ASP A 90 -7.60 -18.86 6.17
CA ASP A 90 -7.37 -18.27 4.86
C ASP A 90 -6.71 -19.26 3.89
N MET A 91 -5.71 -19.99 4.37
CA MET A 91 -5.02 -20.95 3.53
C MET A 91 -5.97 -22.05 3.07
N ALA A 92 -6.79 -22.56 3.99
CA ALA A 92 -7.73 -23.61 3.67
C ALA A 92 -8.74 -23.13 2.64
N LEU A 93 -9.22 -21.89 2.79
CA LEU A 93 -10.18 -21.32 1.85
C LEU A 93 -9.64 -21.10 0.45
N TRP A 94 -8.39 -20.64 0.34
CA TRP A 94 -7.80 -20.43 -0.98
C TRP A 94 -7.51 -21.78 -1.62
N ASP A 95 -7.22 -22.78 -0.79
CA ASP A 95 -6.94 -24.12 -1.26
C ASP A 95 -8.24 -24.62 -1.91
N ILE A 96 -9.35 -24.46 -1.20
CA ILE A 96 -10.66 -24.86 -1.70
C ILE A 96 -11.00 -24.14 -3.00
N LYS A 97 -10.75 -22.84 -3.04
CA LYS A 97 -11.09 -22.07 -4.22
C LYS A 97 -10.29 -22.49 -5.45
N ALA A 98 -9.00 -22.79 -5.26
CA ALA A 98 -8.17 -23.20 -6.37
C ALA A 98 -8.64 -24.57 -6.90
N LYS A 99 -8.98 -25.46 -5.98
CA LYS A 99 -9.47 -26.79 -6.36
C LYS A 99 -10.74 -26.65 -7.20
N MET A 100 -11.69 -25.86 -6.69
CA MET A 100 -12.95 -25.63 -7.40
C MET A 100 -12.72 -25.02 -8.78
N ALA A 101 -11.70 -24.18 -8.90
CA ALA A 101 -11.40 -23.53 -10.16
C ALA A 101 -10.58 -24.46 -11.05
N GLY A 102 -10.12 -25.58 -10.48
CA GLY A 102 -9.32 -26.53 -11.23
C GLY A 102 -7.96 -25.99 -11.65
N MET A 103 -7.33 -25.19 -10.79
CA MET A 103 -6.02 -24.62 -11.12
C MET A 103 -5.10 -24.53 -9.93
N PRO A 104 -3.78 -24.56 -10.17
CA PRO A 104 -2.86 -24.45 -9.04
C PRO A 104 -3.07 -23.02 -8.52
N LEU A 105 -2.94 -22.85 -7.21
CA LEU A 105 -3.16 -21.54 -6.60
C LEU A 105 -2.53 -20.31 -7.27
N TYR A 106 -1.27 -20.40 -7.71
CA TYR A 106 -0.63 -19.25 -8.32
C TYR A 106 -1.40 -18.66 -9.50
N GLN A 107 -2.18 -19.49 -10.18
CA GLN A 107 -2.98 -19.02 -11.31
C GLN A 107 -4.09 -18.07 -10.84
N LEU A 108 -4.63 -18.32 -9.65
CA LEU A 108 -5.68 -17.45 -9.12
C LEU A 108 -5.12 -16.11 -8.66
N LEU A 109 -3.88 -16.12 -8.17
CA LEU A 109 -3.26 -14.91 -7.69
C LEU A 109 -2.88 -13.97 -8.83
N GLY A 110 -2.78 -14.52 -10.04
CA GLY A 110 -2.43 -13.69 -11.19
C GLY A 110 -1.50 -14.39 -12.17
N GLY A 111 -1.29 -15.69 -12.00
CA GLY A 111 -0.41 -16.41 -12.90
C GLY A 111 1.05 -16.33 -12.47
N ARG A 112 1.92 -17.04 -13.16
CA ARG A 112 3.33 -17.03 -12.80
C ARG A 112 4.10 -15.86 -13.39
N SER A 113 5.06 -15.37 -12.62
CA SER A 113 5.91 -14.26 -13.03
C SER A 113 7.32 -14.78 -13.25
N ARG A 114 7.55 -16.00 -12.78
CA ARG A 114 8.86 -16.63 -12.88
C ARG A 114 8.72 -18.14 -12.89
N ASP A 115 9.81 -18.86 -13.13
CA ASP A 115 9.77 -20.31 -13.14
C ASP A 115 10.19 -20.87 -11.78
N GLY A 116 11.48 -20.89 -11.52
CA GLY A 116 11.96 -21.40 -10.25
C GLY A 116 11.96 -20.32 -9.17
N ILE A 117 12.00 -20.77 -7.91
CA ILE A 117 12.01 -19.85 -6.79
C ILE A 117 13.38 -19.91 -6.12
N MET A 118 14.15 -18.83 -6.23
CA MET A 118 15.47 -18.81 -5.62
C MET A 118 15.34 -18.92 -4.10
N VAL A 119 16.20 -19.73 -3.49
CA VAL A 119 16.18 -19.92 -2.05
C VAL A 119 17.60 -19.76 -1.52
N TYR A 120 17.72 -19.78 -0.19
CA TYR A 120 19.03 -19.68 0.42
C TYR A 120 19.14 -20.79 1.45
N GLY A 121 20.35 -21.30 1.62
CA GLY A 121 20.58 -22.37 2.58
C GLY A 121 21.15 -21.90 3.89
N HIS A 122 21.24 -22.81 4.85
CA HIS A 122 21.75 -22.53 6.19
C HIS A 122 23.13 -23.11 6.46
N ALA A 123 24.18 -22.32 6.28
CA ALA A 123 25.53 -22.77 6.56
C ALA A 123 25.86 -22.36 7.99
N ASN A 124 25.97 -23.34 8.88
CA ASN A 124 26.28 -23.10 10.29
C ASN A 124 27.63 -23.69 10.66
N GLY A 125 28.27 -23.09 11.67
CA GLY A 125 29.56 -23.57 12.13
C GLY A 125 29.85 -23.09 13.53
N SER A 126 30.61 -23.86 14.29
CA SER A 126 30.95 -23.49 15.67
C SER A 126 31.94 -22.33 15.66
N ASP A 127 32.65 -22.18 14.54
CA ASP A 127 33.60 -21.10 14.37
C ASP A 127 33.68 -20.72 12.89
N ILE A 128 34.53 -19.76 12.56
CA ILE A 128 34.65 -19.31 11.18
C ILE A 128 35.10 -20.41 10.23
N ALA A 129 36.17 -21.12 10.59
CA ALA A 129 36.68 -22.20 9.74
C ALA A 129 35.55 -23.18 9.39
N GLU A 130 34.81 -23.61 10.40
CA GLU A 130 33.71 -24.53 10.18
C GLU A 130 32.56 -23.93 9.36
N THR A 131 32.27 -22.65 9.58
CA THR A 131 31.20 -21.99 8.85
C THR A 131 31.60 -21.79 7.38
N VAL A 132 32.86 -21.45 7.15
CA VAL A 132 33.38 -21.26 5.79
C VAL A 132 33.21 -22.56 5.00
N GLU A 133 33.56 -23.68 5.62
CA GLU A 133 33.42 -24.98 4.96
C GLU A 133 31.95 -25.26 4.66
N ALA A 134 31.07 -24.87 5.57
CA ALA A 134 29.65 -25.10 5.38
C ALA A 134 29.12 -24.30 4.18
N VAL A 135 29.60 -23.09 4.00
CA VAL A 135 29.15 -22.27 2.87
C VAL A 135 29.61 -22.92 1.57
N GLY A 136 30.82 -23.45 1.59
CA GLY A 136 31.33 -24.11 0.40
C GLY A 136 30.41 -25.26 0.03
N HIS A 137 29.91 -25.95 1.04
CA HIS A 137 29.02 -27.08 0.83
C HIS A 137 27.74 -26.63 0.11
N TYR A 138 27.16 -25.52 0.55
CA TYR A 138 25.94 -25.03 -0.09
C TYR A 138 26.23 -24.50 -1.48
N ILE A 139 27.44 -23.99 -1.69
CA ILE A 139 27.82 -23.51 -3.01
C ILE A 139 27.89 -24.72 -3.95
N ASP A 140 28.46 -25.82 -3.47
CA ASP A 140 28.57 -27.04 -4.28
C ASP A 140 27.20 -27.53 -4.72
N MET A 141 26.25 -27.46 -3.80
CA MET A 141 24.90 -27.94 -4.09
C MET A 141 24.09 -27.10 -5.07
N GLY A 142 24.65 -25.98 -5.54
CA GLY A 142 23.93 -25.15 -6.48
C GLY A 142 23.15 -23.98 -5.92
N TYR A 143 23.33 -23.70 -4.63
CA TYR A 143 22.65 -22.57 -4.00
C TYR A 143 23.25 -21.25 -4.48
N LYS A 144 22.41 -20.34 -4.95
CA LYS A 144 22.90 -19.05 -5.42
C LYS A 144 23.07 -18.12 -4.20
N ALA A 145 22.42 -18.49 -3.10
CA ALA A 145 22.46 -17.68 -1.88
C ALA A 145 22.60 -18.54 -0.63
N ILE A 146 23.45 -18.10 0.28
CA ILE A 146 23.69 -18.85 1.52
C ILE A 146 23.72 -17.94 2.74
N ARG A 147 23.05 -18.37 3.80
CA ARG A 147 23.08 -17.61 5.05
C ARG A 147 24.21 -18.23 5.87
N ALA A 148 25.11 -17.40 6.36
CA ALA A 148 26.24 -17.89 7.14
C ALA A 148 26.10 -17.43 8.59
N GLN A 149 26.02 -18.41 9.50
CA GLN A 149 25.90 -18.13 10.92
C GLN A 149 27.04 -18.87 11.62
N THR A 150 27.69 -18.21 12.55
CA THR A 150 28.80 -18.84 13.26
C THR A 150 28.72 -18.66 14.76
N GLY A 151 29.22 -19.65 15.49
CA GLY A 151 29.24 -19.54 16.93
C GLY A 151 30.35 -18.54 17.21
N VAL A 152 30.28 -17.84 18.35
CA VAL A 152 31.30 -16.87 18.68
C VAL A 152 32.12 -17.38 19.85
N PRO A 153 33.37 -17.79 19.60
CA PRO A 153 34.22 -18.30 20.68
C PRO A 153 34.33 -17.25 21.80
N GLY A 154 33.95 -17.65 23.01
CA GLY A 154 33.99 -16.72 24.12
C GLY A 154 32.60 -16.48 24.66
N ILE A 155 31.59 -16.77 23.83
CA ILE A 155 30.20 -16.59 24.22
C ILE A 155 29.74 -17.86 24.92
N SER A 174 10.46 -31.14 27.76
CA SER A 174 11.63 -30.26 27.77
C SER A 174 11.22 -28.83 28.12
N LEU A 175 12.21 -28.02 28.46
CA LEU A 175 11.99 -26.63 28.81
C LEU A 175 12.89 -25.78 27.91
N PRO A 176 12.66 -24.46 27.88
CA PRO A 176 13.50 -23.61 27.03
C PRO A 176 14.97 -23.69 27.39
N SER A 177 15.82 -23.90 26.38
CA SER A 177 17.26 -23.94 26.61
C SER A 177 17.67 -22.50 26.86
N VAL A 178 18.80 -22.32 27.54
CA VAL A 178 19.28 -20.97 27.81
C VAL A 178 20.62 -20.74 27.10
N THR A 179 20.65 -19.76 26.20
CA THR A 179 21.88 -19.45 25.48
C THR A 179 22.45 -18.12 25.96
N GLY A 180 23.78 -18.01 25.93
CA GLY A 180 24.43 -16.78 26.36
C GLY A 180 24.70 -15.86 25.19
N TRP A 181 25.02 -14.61 25.49
CA TRP A 181 25.31 -13.65 24.44
C TRP A 181 26.11 -12.46 24.95
N ASP A 182 26.99 -11.95 24.10
CA ASP A 182 27.81 -10.78 24.41
C ASP A 182 28.02 -10.07 23.08
N THR A 183 27.50 -8.86 22.98
CA THR A 183 27.58 -8.09 21.75
C THR A 183 28.98 -7.70 21.28
N ARG A 184 29.83 -7.25 22.18
CA ARG A 184 31.19 -6.85 21.80
C ARG A 184 31.95 -8.03 21.17
N LYS A 185 31.77 -9.24 21.70
CA LYS A 185 32.46 -10.39 21.13
C LYS A 185 31.96 -10.68 19.72
N ALA A 186 30.64 -10.55 19.54
CA ALA A 186 30.04 -10.78 18.23
C ALA A 186 30.50 -9.72 17.25
N LEU A 187 30.52 -8.48 17.70
CA LEU A 187 30.94 -7.37 16.86
C LEU A 187 32.36 -7.54 16.35
N ASN A 188 33.23 -8.15 17.16
CA ASN A 188 34.61 -8.35 16.76
C ASN A 188 34.79 -9.60 15.90
N TYR A 189 33.89 -10.56 16.03
CA TYR A 189 34.00 -11.82 15.29
C TYR A 189 33.25 -11.89 13.96
N VAL A 190 31.95 -11.62 13.98
CA VAL A 190 31.12 -11.70 12.78
C VAL A 190 31.70 -11.01 11.54
N PRO A 191 32.22 -9.79 11.66
CA PRO A 191 32.75 -9.23 10.43
C PRO A 191 33.92 -10.03 9.85
N LYS A 192 34.65 -10.74 10.69
CA LYS A 192 35.78 -11.55 10.24
C LYS A 192 35.29 -12.76 9.45
N LEU A 193 34.10 -13.25 9.80
CA LEU A 193 33.52 -14.39 9.11
C LEU A 193 33.32 -14.05 7.63
N PHE A 194 32.66 -12.92 7.38
CA PHE A 194 32.37 -12.50 6.03
C PHE A 194 33.58 -12.05 5.24
N GLU A 195 34.61 -11.58 5.94
CA GLU A 195 35.83 -11.19 5.25
C GLU A 195 36.47 -12.48 4.74
N GLU A 196 36.43 -13.52 5.56
CA GLU A 196 37.01 -14.80 5.19
C GLU A 196 36.20 -15.45 4.07
N LEU A 197 34.89 -15.27 4.11
CA LEU A 197 34.03 -15.84 3.07
C LEU A 197 34.33 -15.22 1.71
N ARG A 198 34.51 -13.91 1.67
CA ARG A 198 34.79 -13.23 0.39
C ARG A 198 36.18 -13.55 -0.12
N LYS A 199 37.16 -13.58 0.77
CA LYS A 199 38.53 -13.91 0.38
C LYS A 199 38.60 -15.31 -0.19
N THR A 200 37.79 -16.20 0.38
CA THR A 200 37.77 -17.60 -0.03
C THR A 200 36.92 -17.94 -1.24
N TYR A 201 35.73 -17.36 -1.32
CA TYR A 201 34.83 -17.67 -2.43
C TYR A 201 34.53 -16.55 -3.41
N GLY A 202 35.08 -15.37 -3.19
CA GLY A 202 34.81 -14.28 -4.10
C GLY A 202 33.42 -13.71 -3.88
N PHE A 203 33.02 -12.77 -4.73
CA PHE A 203 31.73 -12.10 -4.60
C PHE A 203 30.59 -12.60 -5.49
N ASP A 204 30.80 -13.72 -6.16
CA ASP A 204 29.77 -14.25 -7.05
C ASP A 204 28.56 -14.91 -6.38
N HIS A 205 28.54 -14.95 -5.05
CA HIS A 205 27.42 -15.55 -4.35
C HIS A 205 26.71 -14.59 -3.41
N HIS A 206 25.40 -14.79 -3.25
CA HIS A 206 24.62 -13.96 -2.33
C HIS A 206 24.92 -14.48 -0.92
N LEU A 207 25.39 -13.59 -0.04
CA LEU A 207 25.70 -13.94 1.35
C LEU A 207 24.76 -13.23 2.30
N LEU A 208 24.12 -13.99 3.18
CA LEU A 208 23.15 -13.44 4.12
C LEU A 208 23.56 -13.66 5.57
N HIS A 209 23.06 -12.81 6.46
CA HIS A 209 23.34 -12.96 7.88
C HIS A 209 22.11 -12.57 8.71
N ASP A 210 21.83 -13.37 9.73
CA ASP A 210 20.68 -13.14 10.59
C ASP A 210 21.19 -12.65 11.95
N GLY A 211 20.97 -11.36 12.24
CA GLY A 211 21.42 -10.79 13.49
C GLY A 211 20.59 -11.29 14.66
N HIS A 212 19.44 -11.89 14.33
CA HIS A 212 18.54 -12.47 15.31
C HIS A 212 18.20 -11.60 16.54
N HIS A 213 17.81 -10.35 16.28
CA HIS A 213 17.40 -9.42 17.34
C HIS A 213 18.41 -9.13 18.46
N ARG A 214 19.67 -9.49 18.29
CA ARG A 214 20.66 -9.30 19.36
C ARG A 214 21.25 -7.91 19.56
N TYR A 215 21.14 -7.04 18.57
CA TYR A 215 21.75 -5.72 18.63
C TYR A 215 20.83 -4.51 18.83
N THR A 216 21.40 -3.44 19.41
CA THR A 216 20.65 -2.19 19.60
C THR A 216 20.81 -1.53 18.23
N PRO A 217 20.03 -0.47 17.94
CA PRO A 217 20.17 0.17 16.64
C PRO A 217 21.59 0.64 16.32
N GLN A 218 22.24 1.26 17.29
CA GLN A 218 23.59 1.76 17.10
C GLN A 218 24.56 0.61 16.78
N GLU A 219 24.46 -0.48 17.53
CA GLU A 219 25.33 -1.62 17.30
C GLU A 219 25.04 -2.23 15.93
N ALA A 220 23.78 -2.25 15.54
CA ALA A 220 23.38 -2.79 14.25
C ALA A 220 23.97 -1.93 13.15
N ALA A 221 23.95 -0.61 13.36
CA ALA A 221 24.51 0.32 12.39
C ALA A 221 26.00 0.09 12.29
N ASN A 222 26.63 -0.18 13.43
CA ASN A 222 28.07 -0.44 13.50
C ASN A 222 28.36 -1.73 12.74
N LEU A 223 27.63 -2.79 13.05
CA LEU A 223 27.83 -4.07 12.36
C LEU A 223 27.58 -3.93 10.86
N GLY A 224 26.48 -3.31 10.48
CA GLY A 224 26.18 -3.13 9.07
C GLY A 224 27.27 -2.41 8.30
N LYS A 225 27.80 -1.34 8.90
CA LYS A 225 28.87 -0.59 8.25
C LYS A 225 30.14 -1.45 8.12
N MET A 226 30.42 -2.28 9.12
CA MET A 226 31.60 -3.14 9.06
C MET A 226 31.42 -4.26 8.03
N LEU A 227 30.17 -4.60 7.73
CA LEU A 227 29.91 -5.65 6.75
C LEU A 227 29.84 -5.13 5.31
N GLU A 228 29.76 -3.80 5.15
CA GLU A 228 29.65 -3.18 3.82
C GLU A 228 30.65 -3.64 2.75
N PRO A 229 31.93 -3.78 3.11
CA PRO A 229 32.88 -4.21 2.07
C PRO A 229 32.67 -5.66 1.60
N TYR A 230 31.83 -6.41 2.31
CA TYR A 230 31.59 -7.80 1.93
C TYR A 230 30.32 -7.98 1.11
N GLN A 231 29.67 -6.87 0.79
CA GLN A 231 28.47 -6.89 -0.05
C GLN A 231 27.46 -7.98 0.29
N LEU A 232 26.84 -7.92 1.45
CA LEU A 232 25.86 -8.94 1.81
C LEU A 232 24.52 -8.76 1.10
N PHE A 233 23.82 -9.86 0.93
CA PHE A 233 22.50 -9.86 0.29
C PHE A 233 21.56 -9.13 1.26
N TRP A 234 21.78 -9.38 2.55
CA TRP A 234 21.02 -8.71 3.60
C TRP A 234 21.52 -9.04 4.99
N LEU A 235 21.16 -8.18 5.94
CA LEU A 235 21.46 -8.35 7.36
C LEU A 235 20.03 -8.35 7.89
N GLU A 236 19.63 -9.46 8.50
CA GLU A 236 18.28 -9.66 8.98
C GLU A 236 18.02 -9.50 10.47
N ASP A 237 16.82 -8.99 10.78
CA ASP A 237 16.39 -8.79 12.17
C ASP A 237 17.54 -8.28 13.03
N CYS A 238 18.23 -7.24 12.57
CA CYS A 238 19.38 -6.72 13.30
C CYS A 238 19.08 -6.18 14.68
N THR A 239 17.87 -5.66 14.88
CA THR A 239 17.49 -5.10 16.16
C THR A 239 15.99 -5.26 16.35
N PRO A 240 15.51 -5.41 17.60
CA PRO A 240 14.08 -5.58 17.87
C PRO A 240 13.30 -4.48 17.14
N ALA A 241 12.18 -4.85 16.51
CA ALA A 241 11.40 -3.87 15.76
C ALA A 241 10.02 -3.45 16.27
N GLU A 242 9.72 -3.69 17.54
CA GLU A 242 8.41 -3.28 18.07
C GLU A 242 8.23 -1.80 17.75
N ASN A 243 9.31 -1.04 17.90
CA ASN A 243 9.33 0.38 17.60
C ASN A 243 9.96 0.44 16.22
N GLN A 244 9.14 0.60 15.19
CA GLN A 244 9.64 0.63 13.83
C GLN A 244 10.68 1.69 13.53
N GLU A 245 10.73 2.75 14.33
CA GLU A 245 11.70 3.81 14.11
C GLU A 245 13.10 3.32 14.46
N ALA A 246 13.20 2.17 15.11
CA ALA A 246 14.48 1.61 15.52
C ALA A 246 15.44 1.38 14.34
N PHE A 247 14.89 1.18 13.15
CA PHE A 247 15.72 0.96 11.97
C PHE A 247 16.24 2.24 11.33
N ARG A 248 15.72 3.38 11.74
CA ARG A 248 16.15 4.66 11.17
C ARG A 248 17.65 4.90 11.34
N LEU A 249 18.15 4.68 12.54
CA LEU A 249 19.56 4.89 12.81
C LEU A 249 20.40 3.96 11.95
N VAL A 250 19.97 2.70 11.84
CA VAL A 250 20.71 1.71 11.05
C VAL A 250 20.74 2.11 9.58
N ARG A 251 19.57 2.46 9.05
CA ARG A 251 19.45 2.85 7.65
C ARG A 251 20.28 4.10 7.31
N GLN A 252 20.36 5.03 8.26
CA GLN A 252 21.11 6.25 8.04
C GLN A 252 22.61 6.04 7.98
N HIS A 253 23.11 5.02 8.69
CA HIS A 253 24.54 4.78 8.73
C HIS A 253 25.15 3.66 7.88
N THR A 254 24.35 2.93 7.12
CA THR A 254 24.94 1.87 6.31
C THR A 254 24.14 1.54 5.06
N VAL A 255 24.81 1.04 4.03
CA VAL A 255 24.15 0.64 2.79
C VAL A 255 23.98 -0.87 2.75
N THR A 256 24.32 -1.56 3.82
CA THR A 256 24.14 -3.00 3.85
C THR A 256 22.62 -3.21 3.80
N PRO A 257 22.15 -4.13 2.92
CA PRO A 257 20.70 -4.38 2.82
C PRO A 257 20.13 -4.87 4.14
N LEU A 258 18.92 -4.44 4.46
CA LEU A 258 18.27 -4.83 5.71
C LEU A 258 17.00 -5.64 5.47
N ALA A 259 16.78 -6.66 6.29
CA ALA A 259 15.60 -7.50 6.18
C ALA A 259 15.00 -7.68 7.56
N VAL A 260 13.69 -7.88 7.62
CA VAL A 260 13.01 -8.07 8.89
C VAL A 260 11.57 -8.52 8.64
N GLY A 261 10.95 -9.12 9.66
CA GLY A 261 9.55 -9.51 9.53
C GLY A 261 9.06 -10.92 9.79
N GLU A 262 9.93 -11.88 10.07
CA GLU A 262 9.42 -13.23 10.29
C GLU A 262 8.45 -13.32 11.45
N ILE A 263 8.67 -12.52 12.50
CA ILE A 263 7.75 -12.57 13.65
C ILE A 263 6.60 -11.59 13.52
N PHE A 264 6.49 -10.89 12.39
CA PHE A 264 5.37 -9.95 12.21
C PHE A 264 4.10 -10.75 11.96
N ASN A 265 2.95 -10.19 12.33
CA ASN A 265 1.69 -10.89 12.10
C ASN A 265 0.66 -10.07 11.32
N THR A 266 0.91 -8.78 11.12
CA THR A 266 0.02 -7.92 10.32
C THR A 266 0.83 -6.84 9.61
N ILE A 267 0.22 -6.19 8.64
CA ILE A 267 0.89 -5.14 7.89
C ILE A 267 1.30 -3.96 8.79
N TRP A 268 0.57 -3.77 9.88
CA TRP A 268 0.84 -2.68 10.80
C TRP A 268 2.20 -2.79 11.49
N ASP A 269 2.76 -3.99 11.49
CA ASP A 269 4.06 -4.18 12.11
C ASP A 269 5.17 -3.72 11.17
N ALA A 270 4.81 -3.41 9.92
CA ALA A 270 5.83 -3.04 8.92
C ALA A 270 5.54 -1.83 8.05
N GLU A 271 4.36 -1.25 8.16
CA GLU A 271 3.98 -0.10 7.35
C GLU A 271 4.99 1.05 7.37
N ASP A 272 5.52 1.37 8.56
CA ASP A 272 6.47 2.46 8.67
C ASP A 272 7.86 2.08 8.18
N LEU A 273 8.26 0.84 8.42
CA LEU A 273 9.56 0.36 7.97
C LEU A 273 9.57 0.41 6.45
N ILE A 274 8.45 0.05 5.85
CA ILE A 274 8.36 0.05 4.40
C ILE A 274 8.22 1.44 3.80
N GLN A 275 7.27 2.22 4.30
CA GLN A 275 7.05 3.56 3.79
C GLN A 275 8.19 4.55 4.01
N ASN A 276 8.99 4.32 5.04
CA ASN A 276 10.11 5.22 5.30
C ASN A 276 11.38 4.64 4.69
N GLN A 277 11.21 3.62 3.85
CA GLN A 277 12.32 2.96 3.17
C GLN A 277 13.44 2.58 4.11
N LEU A 278 13.11 1.86 5.18
CA LEU A 278 14.11 1.46 6.15
C LEU A 278 14.55 0.01 5.95
N ILE A 279 13.88 -0.71 5.06
CA ILE A 279 14.23 -2.10 4.79
C ILE A 279 14.18 -2.43 3.30
N ASP A 280 14.88 -3.49 2.92
CA ASP A 280 14.92 -3.90 1.53
C ASP A 280 14.12 -5.16 1.27
N TYR A 281 13.93 -5.97 2.31
CA TYR A 281 13.17 -7.22 2.20
C TYR A 281 12.18 -7.41 3.36
N ILE A 282 10.95 -7.77 3.03
CA ILE A 282 9.93 -8.00 4.06
C ILE A 282 9.85 -9.53 4.22
N ARG A 283 10.07 -9.99 5.46
CA ARG A 283 10.10 -11.42 5.76
C ARG A 283 8.80 -12.08 6.23
N ALA A 284 7.73 -11.31 6.32
CA ALA A 284 6.45 -11.85 6.75
C ALA A 284 6.09 -13.09 5.92
N THR A 285 5.40 -14.04 6.54
CA THR A 285 5.01 -15.27 5.86
C THR A 285 3.49 -15.45 5.78
N VAL A 286 3.06 -16.44 5.00
CA VAL A 286 1.64 -16.70 4.84
C VAL A 286 1.02 -17.17 6.15
N VAL A 287 1.76 -17.96 6.93
CA VAL A 287 1.24 -18.45 8.20
C VAL A 287 1.36 -17.42 9.33
N GLY A 288 2.41 -16.61 9.29
CA GLY A 288 2.59 -15.63 10.33
C GLY A 288 1.73 -14.37 10.20
N ALA A 289 1.50 -13.93 8.96
CA ALA A 289 0.73 -12.71 8.72
C ALA A 289 -0.67 -12.86 8.10
N GLY A 290 -1.43 -13.85 8.54
CA GLY A 290 -2.79 -14.02 8.05
C GLY A 290 -3.11 -14.51 6.64
N GLY A 291 -2.34 -15.46 6.12
CA GLY A 291 -2.63 -16.02 4.80
C GLY A 291 -2.33 -15.20 3.56
N LEU A 292 -2.67 -15.75 2.39
CA LEU A 292 -2.47 -15.10 1.11
C LEU A 292 -3.14 -13.74 1.07
N THR A 293 -4.37 -13.70 1.58
CA THR A 293 -5.15 -12.47 1.60
C THR A 293 -4.39 -11.29 2.20
N HIS A 294 -3.83 -11.48 3.39
CA HIS A 294 -3.11 -10.39 4.02
C HIS A 294 -1.66 -10.21 3.54
N LEU A 295 -0.96 -11.31 3.28
CA LEU A 295 0.42 -11.20 2.82
C LEU A 295 0.47 -10.42 1.50
N ARG A 296 -0.54 -10.62 0.67
CA ARG A 296 -0.65 -9.93 -0.60
C ARG A 296 -0.65 -8.41 -0.39
N ARG A 297 -1.41 -7.97 0.62
CA ARG A 297 -1.47 -6.55 0.91
C ARG A 297 -0.09 -6.07 1.35
N ILE A 298 0.59 -6.88 2.16
CA ILE A 298 1.93 -6.51 2.61
C ILE A 298 2.88 -6.42 1.42
N ALA A 299 2.81 -7.38 0.51
CA ALA A 299 3.69 -7.38 -0.66
C ALA A 299 3.40 -6.16 -1.54
N ASP A 300 2.12 -5.82 -1.68
CA ASP A 300 1.72 -4.67 -2.49
C ASP A 300 2.34 -3.37 -1.95
N LEU A 301 2.16 -3.11 -0.65
CA LEU A 301 2.71 -1.89 -0.06
C LEU A 301 4.23 -1.85 -0.28
N ALA A 302 4.88 -2.98 -0.03
CA ALA A 302 6.33 -3.08 -0.19
C ALA A 302 6.74 -2.73 -1.61
N SER A 303 5.97 -3.23 -2.56
CA SER A 303 6.23 -3.01 -3.98
C SER A 303 6.36 -1.53 -4.33
N LEU A 304 5.53 -0.68 -3.73
CA LEU A 304 5.57 0.75 -4.01
C LEU A 304 6.93 1.37 -3.74
N TYR A 305 7.65 0.80 -2.77
CA TYR A 305 8.96 1.34 -2.41
C TYR A 305 10.10 0.43 -2.84
N GLN A 306 9.81 -0.46 -3.76
CA GLN A 306 10.79 -1.39 -4.29
C GLN A 306 11.38 -2.33 -3.24
N VAL A 307 10.61 -2.62 -2.19
CA VAL A 307 11.02 -3.55 -1.16
C VAL A 307 10.55 -4.90 -1.69
N ARG A 308 11.35 -5.94 -1.52
CA ARG A 308 11.00 -7.26 -2.04
C ARG A 308 10.65 -8.30 -0.98
N THR A 309 10.00 -9.37 -1.40
CA THR A 309 9.62 -10.42 -0.47
C THR A 309 10.83 -11.33 -0.21
N GLY A 310 10.94 -11.77 1.03
CA GLY A 310 12.01 -12.66 1.44
C GLY A 310 11.41 -13.51 2.53
N CYS A 311 10.30 -14.16 2.21
CA CYS A 311 9.58 -15.00 3.16
C CYS A 311 10.40 -15.95 4.03
N HIS A 312 10.11 -15.90 5.32
CA HIS A 312 10.71 -16.75 6.33
C HIS A 312 10.30 -18.17 5.96
N GLY A 313 11.15 -19.16 6.26
CA GLY A 313 10.81 -20.52 5.90
C GLY A 313 11.55 -21.60 6.69
N ALA A 314 11.63 -21.42 8.01
CA ALA A 314 12.30 -22.41 8.84
C ALA A 314 11.40 -23.65 8.88
N THR A 315 11.88 -24.73 9.48
CA THR A 315 11.08 -25.96 9.53
C THR A 315 9.83 -25.89 10.38
N ASP A 316 9.73 -24.89 11.28
CA ASP A 316 8.54 -24.79 12.12
C ASP A 316 7.32 -24.27 11.37
N LEU A 317 7.47 -24.17 10.04
CA LEU A 317 6.39 -23.78 9.13
C LEU A 317 6.17 -25.07 8.34
N SER A 318 4.98 -25.65 8.42
CA SER A 318 4.69 -26.91 7.74
C SER A 318 4.67 -26.85 6.22
N PRO A 319 4.76 -28.02 5.56
CA PRO A 319 4.76 -28.09 4.10
C PRO A 319 3.55 -27.36 3.51
N VAL A 320 2.46 -27.28 4.28
CA VAL A 320 1.26 -26.58 3.82
C VAL A 320 1.62 -25.11 3.61
N THR A 321 2.35 -24.53 4.57
CA THR A 321 2.77 -23.14 4.45
C THR A 321 3.72 -22.99 3.25
N MET A 322 4.67 -23.92 3.15
CA MET A 322 5.62 -23.86 2.05
C MET A 322 4.90 -23.96 0.72
N GLY A 323 3.89 -24.80 0.66
CA GLY A 323 3.12 -24.94 -0.57
C GLY A 323 2.53 -23.58 -0.90
N CYS A 324 1.78 -23.03 0.05
CA CYS A 324 1.17 -21.73 -0.16
C CYS A 324 2.21 -20.65 -0.45
N ALA A 325 3.35 -20.71 0.24
CA ALA A 325 4.39 -19.71 0.02
C ALA A 325 4.95 -19.75 -1.40
N LEU A 326 5.15 -20.96 -1.92
CA LEU A 326 5.69 -21.09 -3.27
C LEU A 326 4.68 -20.62 -4.30
N HIS A 327 3.40 -20.90 -4.09
CA HIS A 327 2.39 -20.41 -5.03
C HIS A 327 2.47 -18.89 -5.02
N PHE A 328 2.57 -18.33 -3.82
CA PHE A 328 2.69 -16.89 -3.66
C PHE A 328 3.95 -16.38 -4.37
N ASP A 329 5.08 -17.03 -4.09
CA ASP A 329 6.38 -16.65 -4.69
C ASP A 329 6.40 -16.74 -6.21
N THR A 330 5.64 -17.68 -6.75
CA THR A 330 5.60 -17.88 -8.19
C THR A 330 4.93 -16.71 -8.90
N TRP A 331 3.96 -16.09 -8.22
CA TRP A 331 3.23 -14.97 -8.80
C TRP A 331 3.74 -13.57 -8.43
N VAL A 332 4.00 -13.37 -7.14
CA VAL A 332 4.39 -12.04 -6.67
C VAL A 332 5.47 -11.37 -7.51
N PRO A 333 5.15 -10.17 -8.03
CA PRO A 333 6.04 -9.36 -8.87
C PRO A 333 7.36 -9.03 -8.18
N ASN A 334 7.27 -8.39 -7.02
CA ASN A 334 8.46 -7.99 -6.25
C ASN A 334 9.07 -9.10 -5.40
N PHE A 335 9.18 -10.29 -5.99
CA PHE A 335 9.76 -11.42 -5.29
C PHE A 335 11.25 -11.17 -5.06
N GLY A 336 11.73 -11.52 -3.88
CA GLY A 336 13.13 -11.34 -3.59
C GLY A 336 13.83 -12.67 -3.45
N ILE A 337 13.40 -13.47 -2.47
CA ILE A 337 14.00 -14.77 -2.22
C ILE A 337 13.11 -15.53 -1.25
N GLN A 338 13.32 -16.83 -1.14
CA GLN A 338 12.53 -17.66 -0.24
C GLN A 338 13.47 -18.48 0.63
N GLU A 339 13.25 -18.42 1.94
CA GLU A 339 14.06 -19.20 2.86
C GLU A 339 13.65 -20.66 2.71
N TYR A 340 14.62 -21.56 2.78
CA TYR A 340 14.32 -22.97 2.63
C TYR A 340 15.05 -23.91 3.57
N MET A 341 14.30 -24.56 4.44
CA MET A 341 14.85 -25.54 5.37
C MET A 341 14.10 -26.84 5.12
N ARG A 342 14.84 -27.90 4.84
CA ARG A 342 14.24 -29.20 4.55
C ARG A 342 13.55 -29.82 5.76
N HIS A 343 12.41 -30.45 5.51
CA HIS A 343 11.66 -31.13 6.57
C HIS A 343 12.17 -32.57 6.60
N THR A 344 11.78 -33.32 7.63
CA THR A 344 12.20 -34.71 7.73
C THR A 344 11.38 -35.53 6.75
N GLU A 345 11.78 -36.78 6.55
CA GLU A 345 11.06 -37.67 5.64
C GLU A 345 9.67 -37.95 6.18
N GLU A 346 9.57 -38.10 7.50
CA GLU A 346 8.30 -38.37 8.16
C GLU A 346 7.31 -37.24 7.89
N THR A 347 7.79 -36.01 8.07
CA THR A 347 6.96 -34.83 7.85
C THR A 347 6.47 -34.82 6.40
N ASP A 348 7.36 -35.12 5.47
CA ASP A 348 6.99 -35.14 4.05
C ASP A 348 5.96 -36.22 3.74
N ALA A 349 5.96 -37.29 4.53
CA ALA A 349 5.02 -38.37 4.33
C ALA A 349 3.63 -37.97 4.85
N VAL A 350 3.61 -37.28 5.99
CA VAL A 350 2.35 -36.82 6.59
C VAL A 350 1.72 -35.74 5.72
N PHE A 351 2.56 -34.93 5.07
CA PHE A 351 2.09 -33.85 4.22
C PHE A 351 2.50 -33.97 2.76
N PRO A 352 1.88 -34.88 2.01
CA PRO A 352 2.23 -35.06 0.59
C PRO A 352 2.03 -33.72 -0.12
N HIS A 353 3.01 -33.31 -0.92
CA HIS A 353 2.95 -32.02 -1.60
C HIS A 353 3.46 -32.01 -3.03
N ASP A 354 3.01 -31.01 -3.78
CA ASP A 354 3.41 -30.87 -5.17
C ASP A 354 4.40 -29.72 -5.39
N TYR A 355 5.57 -29.83 -4.78
CA TYR A 355 6.64 -28.85 -4.96
C TYR A 355 7.94 -29.60 -4.70
N TRP A 356 9.01 -29.20 -5.38
CA TRP A 356 10.28 -29.90 -5.21
C TRP A 356 11.48 -28.97 -5.34
N PHE A 357 12.62 -29.46 -4.86
CA PHE A 357 13.85 -28.69 -4.89
C PHE A 357 14.79 -29.18 -5.99
N GLU A 358 15.51 -28.25 -6.61
CA GLU A 358 16.45 -28.60 -7.65
C GLU A 358 17.50 -27.53 -7.86
N LYS A 359 18.75 -27.88 -7.60
CA LYS A 359 19.88 -26.98 -7.78
C LYS A 359 19.68 -25.55 -7.27
N GLY A 360 19.30 -25.43 -6.01
CA GLY A 360 19.12 -24.11 -5.41
C GLY A 360 17.84 -23.38 -5.73
N GLU A 361 16.83 -24.10 -6.23
CA GLU A 361 15.55 -23.48 -6.55
C GLU A 361 14.40 -24.36 -6.14
N LEU A 362 13.29 -23.75 -5.77
CA LEU A 362 12.10 -24.50 -5.41
C LEU A 362 11.16 -24.31 -6.57
N PHE A 363 10.28 -25.28 -6.77
CA PHE A 363 9.33 -25.24 -7.87
C PHE A 363 7.98 -25.72 -7.35
N VAL A 364 6.92 -25.03 -7.74
CA VAL A 364 5.60 -25.43 -7.28
C VAL A 364 4.95 -26.22 -8.43
N GLY A 365 4.14 -27.21 -8.08
CA GLY A 365 3.49 -28.04 -9.09
C GLY A 365 2.21 -27.45 -9.66
N GLU A 366 1.56 -28.21 -10.54
CA GLU A 366 0.33 -27.77 -11.19
C GLU A 366 -0.95 -28.36 -10.59
N THR A 367 -0.82 -29.05 -9.47
CA THR A 367 -1.96 -29.65 -8.80
C THR A 367 -2.92 -28.57 -8.31
N PRO A 368 -4.23 -28.69 -8.63
CA PRO A 368 -5.19 -27.69 -8.17
C PRO A 368 -5.10 -27.50 -6.66
N GLY A 369 -5.41 -26.29 -6.19
CA GLY A 369 -5.30 -26.00 -4.77
C GLY A 369 -3.86 -25.56 -4.53
N HIS A 370 -3.39 -25.58 -3.29
CA HIS A 370 -2.01 -25.19 -3.05
C HIS A 370 -1.07 -26.38 -3.24
N GLY A 371 -1.63 -27.52 -3.63
CA GLY A 371 -0.83 -28.70 -3.90
C GLY A 371 -0.40 -29.56 -2.73
N VAL A 372 -0.87 -29.23 -1.53
CA VAL A 372 -0.50 -30.00 -0.35
C VAL A 372 -1.76 -30.63 0.27
N ASP A 373 -1.57 -31.75 0.95
CA ASP A 373 -2.68 -32.42 1.59
C ASP A 373 -2.12 -33.00 2.87
N ILE A 374 -3.00 -33.56 3.69
CA ILE A 374 -2.56 -34.17 4.94
C ILE A 374 -3.09 -35.59 5.04
N ASP A 375 -2.20 -36.53 5.36
CA ASP A 375 -2.56 -37.93 5.51
C ASP A 375 -2.92 -38.09 6.99
N GLU A 376 -4.20 -37.96 7.30
CA GLU A 376 -4.67 -38.06 8.68
C GLU A 376 -4.31 -39.34 9.41
N GLU A 377 -4.38 -40.46 8.71
CA GLU A 377 -4.06 -41.75 9.33
C GLU A 377 -2.60 -41.79 9.77
N LEU A 378 -1.71 -41.36 8.90
CA LEU A 378 -0.29 -41.36 9.21
C LEU A 378 0.02 -40.31 10.28
N ALA A 379 -0.64 -39.16 10.17
CA ALA A 379 -0.43 -38.06 11.12
C ALA A 379 -0.73 -38.52 12.55
N ALA A 380 -1.78 -39.32 12.69
CA ALA A 380 -2.19 -39.83 14.00
C ALA A 380 -1.12 -40.69 14.66
N LYS A 381 -0.13 -41.12 13.89
CA LYS A 381 0.93 -41.96 14.44
C LYS A 381 2.07 -41.18 15.09
N TYR A 382 1.99 -39.86 15.06
CA TYR A 382 3.01 -39.00 15.65
C TYR A 382 2.35 -38.01 16.61
N PRO A 383 2.17 -38.41 17.87
CA PRO A 383 1.55 -37.58 18.90
C PRO A 383 2.33 -36.33 19.29
N TYR A 384 1.60 -35.29 19.69
CA TYR A 384 2.18 -34.04 20.11
C TYR A 384 3.25 -34.26 21.18
N LYS A 385 4.33 -33.48 21.08
CA LYS A 385 5.43 -33.57 22.04
C LYS A 385 5.94 -32.15 22.28
N PRO A 386 5.66 -31.59 23.46
CA PRO A 386 6.10 -30.23 23.81
C PRO A 386 7.58 -29.93 23.56
N ALA A 387 7.83 -28.76 22.98
CA ALA A 387 9.19 -28.31 22.68
C ALA A 387 9.17 -26.79 22.66
N TYR A 388 10.15 -26.18 23.32
CA TYR A 388 10.24 -24.73 23.41
C TYR A 388 11.42 -24.16 22.63
N LEU A 389 11.29 -22.89 22.24
CA LEU A 389 12.38 -22.20 21.55
C LEU A 389 13.30 -21.76 22.67
N PRO A 390 14.59 -21.52 22.35
CA PRO A 390 15.57 -21.09 23.35
C PRO A 390 15.33 -19.67 23.83
N VAL A 391 15.98 -19.31 24.93
CA VAL A 391 15.89 -17.95 25.46
C VAL A 391 17.36 -17.55 25.61
N ALA A 392 17.62 -16.26 25.62
CA ALA A 392 18.98 -15.78 25.74
C ALA A 392 19.15 -14.83 26.91
N ARG A 393 20.32 -14.90 27.53
CA ARG A 393 20.65 -14.05 28.65
C ARG A 393 22.06 -13.53 28.45
N LEU A 394 22.30 -12.28 28.87
CA LEU A 394 23.62 -11.67 28.75
C LEU A 394 24.50 -12.33 29.81
N GLU A 395 25.79 -12.03 29.81
CA GLU A 395 26.71 -12.63 30.77
C GLU A 395 26.38 -12.31 32.22
N ASP A 396 25.71 -11.18 32.47
CA ASP A 396 25.35 -10.82 33.84
C ASP A 396 24.01 -11.42 34.25
N GLY A 397 23.37 -12.16 33.34
CA GLY A 397 22.09 -12.77 33.65
C GLY A 397 20.88 -12.02 33.10
N THR A 398 21.11 -10.86 32.51
CA THR A 398 20.03 -10.05 31.96
C THR A 398 19.24 -10.79 30.87
N MET A 399 17.92 -10.80 31.00
CA MET A 399 17.06 -11.44 30.01
C MET A 399 17.27 -10.67 28.70
N TRP A 400 17.53 -11.39 27.62
CA TRP A 400 17.77 -10.75 26.33
C TRP A 400 16.89 -11.36 25.24
N ASN A 401 17.16 -10.99 23.99
CA ASN A 401 16.41 -11.48 22.85
C ASN A 401 17.13 -12.64 22.19
N TRP A 402 16.47 -13.78 22.09
CA TRP A 402 17.10 -14.92 21.45
C TRP A 402 16.97 -14.79 19.94
N MET B 1 13.62 -19.12 47.48
CA MET B 1 12.14 -19.12 47.26
C MET B 1 11.81 -19.53 45.83
N LYS B 2 10.83 -20.41 45.68
CA LYS B 2 10.46 -20.90 44.36
C LYS B 2 8.96 -21.03 44.12
N ILE B 3 8.60 -20.99 42.84
CA ILE B 3 7.21 -21.16 42.42
C ILE B 3 7.02 -22.68 42.41
N THR B 4 5.98 -23.17 43.07
CA THR B 4 5.74 -24.61 43.12
C THR B 4 4.59 -25.02 42.21
N ALA B 5 3.77 -24.06 41.82
CA ALA B 5 2.65 -24.33 40.94
C ALA B 5 2.07 -23.05 40.36
N ALA B 6 1.53 -23.18 39.16
CA ALA B 6 0.90 -22.05 38.46
C ALA B 6 -0.32 -22.70 37.79
N ARG B 7 -1.43 -22.66 38.49
CA ARG B 7 -2.67 -23.27 38.01
C ARG B 7 -3.65 -22.29 37.39
N VAL B 8 -4.40 -22.79 36.41
CA VAL B 8 -5.40 -21.97 35.73
C VAL B 8 -6.78 -22.42 36.20
N ILE B 9 -7.59 -21.45 36.62
CA ILE B 9 -8.94 -21.72 37.10
C ILE B 9 -9.96 -21.02 36.23
N ILE B 10 -10.96 -21.76 35.76
CA ILE B 10 -12.01 -21.22 34.92
C ILE B 10 -13.35 -21.28 35.67
N THR B 11 -14.11 -20.19 35.61
CA THR B 11 -15.40 -20.13 36.29
C THR B 11 -16.32 -19.18 35.53
N CYS B 12 -17.63 -19.41 35.63
CA CYS B 12 -18.59 -18.57 34.93
C CYS B 12 -19.75 -18.14 35.84
N PRO B 13 -19.48 -17.29 36.84
CA PRO B 13 -20.54 -16.84 37.75
C PRO B 13 -21.17 -15.57 37.21
N GLY B 14 -21.83 -15.69 36.06
CA GLY B 14 -22.46 -14.55 35.43
C GLY B 14 -21.88 -14.37 34.04
N ARG B 15 -20.60 -14.68 33.91
CA ARG B 15 -19.88 -14.60 32.64
C ARG B 15 -18.55 -15.32 32.86
N ASN B 16 -17.82 -15.61 31.79
CA ASN B 16 -16.55 -16.32 31.92
C ASN B 16 -15.38 -15.51 32.46
N PHE B 17 -14.61 -16.14 33.34
CA PHE B 17 -13.41 -15.53 33.92
C PHE B 17 -12.31 -16.58 34.03
N VAL B 18 -11.09 -16.19 33.65
CA VAL B 18 -9.94 -17.08 33.74
C VAL B 18 -8.98 -16.48 34.74
N THR B 19 -8.52 -17.31 35.68
CA THR B 19 -7.61 -16.84 36.70
C THR B 19 -6.38 -17.73 36.80
N LEU B 20 -5.24 -17.10 37.08
CA LEU B 20 -3.97 -17.80 37.27
C LEU B 20 -3.61 -17.69 38.75
N LYS B 21 -3.25 -18.80 39.36
CA LYS B 21 -2.85 -18.80 40.76
C LYS B 21 -1.46 -19.37 40.86
N ILE B 22 -0.53 -18.54 41.34
CA ILE B 22 0.86 -18.94 41.47
C ILE B 22 1.15 -19.28 42.93
N GLU B 23 1.58 -20.51 43.18
CA GLU B 23 1.88 -20.95 44.53
C GLU B 23 3.38 -21.05 44.73
N THR B 24 3.80 -20.92 45.98
CA THR B 24 5.21 -20.96 46.33
C THR B 24 5.49 -21.95 47.47
N ASP B 25 6.76 -22.18 47.76
CA ASP B 25 7.15 -23.07 48.84
C ASP B 25 7.27 -22.27 50.14
N GLN B 26 6.60 -21.12 50.20
CA GLN B 26 6.63 -20.26 51.38
C GLN B 26 5.23 -20.04 51.93
N GLY B 27 4.24 -20.68 51.34
CA GLY B 27 2.88 -20.51 51.82
C GLY B 27 2.11 -19.43 51.08
N VAL B 28 2.73 -18.27 50.89
CA VAL B 28 2.09 -17.18 50.17
C VAL B 28 1.84 -17.55 48.71
N TYR B 29 0.73 -17.07 48.16
CA TYR B 29 0.40 -17.32 46.76
C TYR B 29 -0.21 -16.03 46.18
N GLY B 30 -0.24 -15.94 44.85
CA GLY B 30 -0.81 -14.77 44.21
C GLY B 30 -1.70 -15.16 43.05
N ILE B 31 -2.64 -14.29 42.71
CA ILE B 31 -3.53 -14.58 41.59
C ILE B 31 -3.58 -13.41 40.61
N GLY B 32 -3.83 -13.73 39.35
CA GLY B 32 -3.91 -12.70 38.33
C GLY B 32 -5.00 -13.03 37.32
N ASP B 33 -5.57 -11.99 36.71
CA ASP B 33 -6.62 -12.16 35.73
C ASP B 33 -6.04 -12.48 34.34
N ALA B 34 -6.66 -13.40 33.62
CA ALA B 34 -6.21 -13.79 32.29
C ALA B 34 -7.37 -13.84 31.31
N THR B 35 -8.47 -13.20 31.69
CA THR B 35 -9.68 -13.20 30.89
C THR B 35 -9.60 -12.39 29.59
N LEU B 36 -9.92 -13.06 28.49
CA LEU B 36 -9.93 -12.44 27.16
C LEU B 36 -11.32 -12.76 26.63
N ASN B 37 -12.24 -11.80 26.75
CA ASN B 37 -13.63 -11.99 26.33
C ASN B 37 -13.83 -12.54 24.93
N GLY B 38 -14.55 -13.65 24.83
CA GLY B 38 -14.85 -14.26 23.55
C GLY B 38 -13.76 -15.17 22.99
N ARG B 39 -12.62 -15.22 23.66
CA ARG B 39 -11.49 -16.05 23.24
C ARG B 39 -10.77 -16.60 24.49
N GLU B 40 -11.53 -16.76 25.56
CA GLU B 40 -10.99 -17.23 26.84
C GLU B 40 -10.08 -18.45 26.82
N LEU B 41 -10.52 -19.53 26.18
CA LEU B 41 -9.76 -20.77 26.15
C LEU B 41 -8.40 -20.76 25.46
N SER B 42 -8.13 -19.76 24.62
CA SER B 42 -6.82 -19.74 23.97
C SER B 42 -5.79 -19.28 24.99
N VAL B 43 -6.19 -18.41 25.90
CA VAL B 43 -5.28 -17.93 26.94
C VAL B 43 -5.08 -19.04 27.96
N VAL B 44 -6.12 -19.84 28.18
CA VAL B 44 -6.02 -20.95 29.12
C VAL B 44 -4.95 -21.92 28.64
N ALA B 45 -4.98 -22.23 27.33
CA ALA B 45 -4.00 -23.13 26.75
C ALA B 45 -2.60 -22.51 26.76
N TYR B 46 -2.52 -21.24 26.34
CA TYR B 46 -1.24 -20.54 26.30
C TYR B 46 -0.54 -20.69 27.63
N LEU B 47 -1.28 -20.41 28.71
CA LEU B 47 -0.74 -20.49 30.06
C LEU B 47 -0.49 -21.92 30.53
N GLN B 48 -1.55 -22.71 30.49
CA GLN B 48 -1.54 -24.10 30.94
C GLN B 48 -0.52 -24.99 30.23
N GLU B 49 -0.51 -24.93 28.90
CA GLU B 49 0.36 -25.77 28.11
C GLU B 49 1.78 -25.28 27.85
N HIS B 50 2.01 -23.97 27.90
CA HIS B 50 3.34 -23.46 27.60
C HIS B 50 4.05 -22.63 28.66
N VAL B 51 3.40 -21.58 29.16
CA VAL B 51 4.03 -20.73 30.15
C VAL B 51 4.19 -21.31 31.55
N ALA B 52 3.11 -21.84 32.11
CA ALA B 52 3.14 -22.41 33.46
C ALA B 52 4.31 -23.35 33.71
N PRO B 53 4.52 -24.34 32.82
CA PRO B 53 5.62 -25.28 33.00
C PRO B 53 6.99 -24.62 33.20
N CYS B 54 7.20 -23.49 32.53
CA CYS B 54 8.47 -22.77 32.63
C CYS B 54 8.61 -22.01 33.94
N LEU B 55 7.49 -21.64 34.54
CA LEU B 55 7.52 -20.89 35.79
C LEU B 55 7.93 -21.73 36.99
N ILE B 56 7.66 -23.03 36.95
CA ILE B 56 8.00 -23.92 38.05
C ILE B 56 9.47 -23.83 38.42
N GLY B 57 9.74 -23.51 39.69
CA GLY B 57 11.12 -23.41 40.13
C GLY B 57 11.74 -22.03 40.07
N MET B 58 11.11 -21.08 39.38
CA MET B 58 11.66 -19.74 39.29
C MET B 58 11.40 -18.98 40.58
N ASP B 59 12.23 -17.96 40.83
CA ASP B 59 12.11 -17.12 42.02
C ASP B 59 10.99 -16.12 41.74
N PRO B 60 9.84 -16.27 42.44
CA PRO B 60 8.68 -15.39 42.27
C PRO B 60 8.94 -13.91 42.55
N ARG B 61 10.01 -13.63 43.27
CA ARG B 61 10.35 -12.25 43.63
C ARG B 61 10.90 -11.46 42.44
N ARG B 62 11.40 -12.17 41.42
CA ARG B 62 11.98 -11.53 40.25
C ARG B 62 10.90 -11.20 39.23
N ILE B 63 10.05 -10.25 39.59
CA ILE B 63 8.94 -9.85 38.74
C ILE B 63 9.38 -9.33 37.37
N GLU B 64 10.37 -8.46 37.34
CA GLU B 64 10.85 -7.89 36.09
C GLU B 64 11.46 -8.97 35.20
N ASP B 65 12.33 -9.79 35.79
CA ASP B 65 13.00 -10.86 35.03
C ASP B 65 11.99 -11.80 34.40
N ILE B 66 10.99 -12.21 35.18
CA ILE B 66 9.98 -13.12 34.68
C ILE B 66 9.13 -12.48 33.57
N TRP B 67 8.82 -11.20 33.73
CA TRP B 67 8.04 -10.49 32.72
C TRP B 67 8.82 -10.54 31.40
N GLN B 68 10.09 -10.13 31.46
CA GLN B 68 10.97 -10.14 30.29
C GLN B 68 11.10 -11.56 29.73
N TYR B 69 11.20 -12.54 30.60
CA TYR B 69 11.32 -13.93 30.19
C TYR B 69 10.12 -14.37 29.35
N VAL B 70 8.92 -14.14 29.87
CA VAL B 70 7.70 -14.52 29.15
C VAL B 70 7.47 -13.65 27.92
N TYR B 71 7.80 -12.37 28.04
CA TYR B 71 7.62 -11.46 26.91
C TYR B 71 8.59 -11.77 25.76
N ARG B 72 9.89 -11.72 26.03
CA ARG B 72 10.90 -11.99 25.01
C ARG B 72 11.02 -13.47 24.67
N GLY B 73 10.97 -14.33 25.69
CA GLY B 73 11.08 -15.77 25.49
C GLY B 73 10.07 -16.39 24.55
N ALA B 74 8.91 -15.75 24.40
CA ALA B 74 7.86 -16.24 23.53
C ALA B 74 8.30 -16.21 22.07
N TYR B 75 9.25 -15.32 21.78
CA TYR B 75 9.78 -15.11 20.44
C TYR B 75 8.77 -14.35 19.58
N TRP B 76 7.55 -14.86 19.50
CA TRP B 76 6.49 -14.20 18.76
C TRP B 76 5.91 -13.23 19.81
N ARG B 77 6.25 -11.95 19.68
CA ARG B 77 5.84 -10.93 20.66
C ARG B 77 4.52 -10.19 20.48
N ARG B 78 4.01 -9.66 21.58
CA ARG B 78 2.77 -8.87 21.61
C ARG B 78 1.55 -9.73 21.30
N GLY B 79 0.39 -9.09 21.20
CA GLY B 79 -0.83 -9.84 20.91
C GLY B 79 -1.77 -9.95 22.09
N PRO B 80 -3.08 -9.98 21.86
CA PRO B 80 -4.05 -10.09 22.95
C PRO B 80 -3.96 -11.35 23.80
N VAL B 81 -3.68 -12.50 23.17
CA VAL B 81 -3.57 -13.74 23.93
C VAL B 81 -2.27 -13.75 24.72
N THR B 82 -1.18 -13.42 24.04
CA THR B 82 0.14 -13.37 24.64
C THR B 82 0.20 -12.44 25.85
N MET B 83 -0.27 -11.20 25.67
CA MET B 83 -0.23 -10.23 26.76
C MET B 83 -1.18 -10.55 27.90
N ARG B 84 -2.28 -11.23 27.62
CA ARG B 84 -3.23 -11.59 28.68
C ARG B 84 -2.55 -12.59 29.62
N ALA B 85 -1.79 -13.52 29.04
CA ALA B 85 -1.08 -14.52 29.84
C ALA B 85 0.00 -13.86 30.69
N ILE B 86 0.73 -12.92 30.08
CA ILE B 86 1.80 -12.20 30.76
C ILE B 86 1.22 -11.35 31.90
N ALA B 87 0.11 -10.69 31.61
CA ALA B 87 -0.55 -9.83 32.60
C ALA B 87 -0.98 -10.65 33.81
N ALA B 88 -1.50 -11.84 33.57
CA ALA B 88 -1.93 -12.71 34.66
C ALA B 88 -0.75 -13.05 35.55
N VAL B 89 0.37 -13.43 34.93
CA VAL B 89 1.58 -13.75 35.67
C VAL B 89 2.03 -12.54 36.49
N ASP B 90 2.10 -11.39 35.83
CA ASP B 90 2.53 -10.16 36.50
C ASP B 90 1.65 -9.80 37.69
N MET B 91 0.33 -9.89 37.53
CA MET B 91 -0.60 -9.57 38.61
C MET B 91 -0.36 -10.48 39.82
N ALA B 92 -0.22 -11.77 39.55
CA ALA B 92 0.01 -12.74 40.61
C ALA B 92 1.32 -12.48 41.36
N LEU B 93 2.37 -12.10 40.63
CA LEU B 93 3.66 -11.84 41.26
C LEU B 93 3.65 -10.55 42.07
N TRP B 94 2.96 -9.52 41.58
CA TRP B 94 2.90 -8.28 42.35
C TRP B 94 2.06 -8.53 43.59
N ASP B 95 1.05 -9.38 43.45
CA ASP B 95 0.17 -9.75 44.55
C ASP B 95 1.03 -10.42 45.62
N ILE B 96 1.88 -11.36 45.20
CA ILE B 96 2.78 -12.05 46.11
C ILE B 96 3.76 -11.08 46.75
N LYS B 97 4.31 -10.18 45.94
CA LYS B 97 5.27 -9.20 46.43
C LYS B 97 4.67 -8.29 47.50
N ALA B 98 3.45 -7.81 47.25
CA ALA B 98 2.78 -6.94 48.21
C ALA B 98 2.42 -7.68 49.50
N LYS B 99 2.08 -8.96 49.38
CA LYS B 99 1.75 -9.74 50.58
C LYS B 99 3.00 -9.92 51.41
N MET B 100 4.10 -10.29 50.77
CA MET B 100 5.36 -10.49 51.46
C MET B 100 5.83 -9.19 52.12
N ALA B 101 5.50 -8.06 51.52
CA ALA B 101 5.88 -6.76 52.08
C ALA B 101 4.88 -6.38 53.18
N GLY B 102 3.77 -7.10 53.24
CA GLY B 102 2.75 -6.81 54.23
C GLY B 102 2.06 -5.48 53.99
N MET B 103 1.94 -5.08 52.72
CA MET B 103 1.32 -3.81 52.38
C MET B 103 0.35 -3.97 51.22
N PRO B 104 -0.63 -3.04 51.12
CA PRO B 104 -1.56 -3.15 50.00
C PRO B 104 -0.69 -2.76 48.80
N LEU B 105 -0.99 -3.30 47.63
CA LEU B 105 -0.19 -3.04 46.44
C LEU B 105 0.18 -1.59 46.12
N TYR B 106 -0.77 -0.65 46.23
CA TYR B 106 -0.48 0.74 45.90
C TYR B 106 0.70 1.33 46.68
N GLN B 107 0.95 0.80 47.86
CA GLN B 107 2.06 1.29 48.68
C GLN B 107 3.39 0.99 47.99
N LEU B 108 3.47 -0.17 47.34
CA LEU B 108 4.69 -0.58 46.64
C LEU B 108 4.94 0.23 45.37
N LEU B 109 3.86 0.64 44.71
CA LEU B 109 3.97 1.41 43.48
C LEU B 109 4.47 2.82 43.77
N GLY B 110 4.35 3.24 45.03
CA GLY B 110 4.80 4.57 45.39
C GLY B 110 3.88 5.33 46.34
N GLY B 111 2.86 4.66 46.87
CA GLY B 111 1.95 5.32 47.80
C GLY B 111 0.76 5.97 47.12
N ARG B 112 -0.25 6.33 47.89
CA ARG B 112 -1.44 6.96 47.28
C ARG B 112 -1.25 8.42 46.94
N SER B 113 -1.79 8.81 45.79
CA SER B 113 -1.74 10.19 45.31
C SER B 113 -3.11 10.83 45.51
N ARG B 114 -4.10 10.01 45.87
CA ARG B 114 -5.47 10.49 46.05
C ARG B 114 -6.28 9.56 46.95
N ASP B 115 -7.45 10.01 47.36
CA ASP B 115 -8.30 9.19 48.21
C ASP B 115 -9.20 8.31 47.37
N GLY B 116 -10.21 8.91 46.76
CA GLY B 116 -11.14 8.15 45.94
C GLY B 116 -10.80 8.15 44.46
N ILE B 117 -11.33 7.16 43.76
CA ILE B 117 -11.10 7.01 42.33
C ILE B 117 -12.39 7.33 41.59
N MET B 118 -12.39 8.44 40.85
CA MET B 118 -13.58 8.80 40.10
C MET B 118 -13.87 7.78 39.00
N VAL B 119 -15.13 7.39 38.90
CA VAL B 119 -15.54 6.44 37.89
C VAL B 119 -16.66 7.09 37.07
N TYR B 120 -17.08 6.41 36.02
CA TYR B 120 -18.18 6.88 35.21
C TYR B 120 -19.09 5.67 35.02
N GLY B 121 -20.39 5.92 34.93
CA GLY B 121 -21.33 4.85 34.75
C GLY B 121 -21.79 4.72 33.32
N HIS B 122 -22.63 3.72 33.07
CA HIS B 122 -23.14 3.48 31.73
C HIS B 122 -24.63 3.75 31.58
N ALA B 123 -24.96 4.91 31.03
CA ALA B 123 -26.34 5.28 30.77
C ALA B 123 -26.60 4.90 29.32
N ASN B 124 -27.51 3.94 29.11
CA ASN B 124 -27.85 3.48 27.77
C ASN B 124 -29.34 3.69 27.51
N GLY B 125 -29.74 3.69 26.24
CA GLY B 125 -31.14 3.87 25.89
C GLY B 125 -31.39 3.54 24.42
N SER B 126 -32.60 3.10 24.09
CA SER B 126 -32.93 2.76 22.71
C SER B 126 -33.13 4.00 21.86
N ASP B 127 -33.31 5.15 22.51
CA ASP B 127 -33.47 6.41 21.81
C ASP B 127 -33.05 7.56 22.73
N ILE B 128 -32.98 8.78 22.19
CA ILE B 128 -32.55 9.92 22.99
C ILE B 128 -33.33 10.12 24.29
N ALA B 129 -34.66 10.07 24.23
CA ALA B 129 -35.46 10.27 25.44
C ALA B 129 -35.11 9.26 26.52
N GLU B 130 -35.04 7.99 26.16
CA GLU B 130 -34.72 6.94 27.11
C GLU B 130 -33.31 7.14 27.68
N THR B 131 -32.38 7.54 26.82
CA THR B 131 -30.99 7.75 27.25
C THR B 131 -30.88 8.96 28.17
N VAL B 132 -31.65 10.00 27.90
CA VAL B 132 -31.63 11.20 28.75
C VAL B 132 -32.09 10.80 30.14
N GLU B 133 -33.08 9.90 30.21
CA GLU B 133 -33.61 9.45 31.48
C GLU B 133 -32.55 8.66 32.27
N ALA B 134 -31.84 7.78 31.58
CA ALA B 134 -30.80 6.98 32.20
C ALA B 134 -29.68 7.85 32.78
N VAL B 135 -29.34 8.95 32.10
CA VAL B 135 -28.29 9.83 32.59
C VAL B 135 -28.76 10.47 33.90
N GLY B 136 -30.02 10.86 33.95
CA GLY B 136 -30.57 11.46 35.15
C GLY B 136 -30.49 10.49 36.32
N HIS B 137 -30.75 9.21 36.04
CA HIS B 137 -30.68 8.18 37.06
C HIS B 137 -29.26 8.10 37.64
N TYR B 138 -28.27 7.99 36.75
CA TYR B 138 -26.89 7.93 37.20
C TYR B 138 -26.50 9.17 37.99
N ILE B 139 -27.05 10.32 37.60
CA ILE B 139 -26.77 11.56 38.32
C ILE B 139 -27.38 11.45 39.72
N ASP B 140 -28.55 10.80 39.81
CA ASP B 140 -29.22 10.63 41.10
C ASP B 140 -28.40 9.72 42.03
N MET B 141 -27.69 8.77 41.45
CA MET B 141 -26.86 7.86 42.24
C MET B 141 -25.56 8.48 42.68
N GLY B 142 -25.36 9.76 42.34
CA GLY B 142 -24.15 10.45 42.73
C GLY B 142 -22.95 10.32 41.80
N TYR B 143 -23.18 9.95 40.54
CA TYR B 143 -22.07 9.85 39.59
C TYR B 143 -21.67 11.24 39.12
N LYS B 144 -20.36 11.48 39.05
CA LYS B 144 -19.85 12.77 38.60
C LYS B 144 -19.62 12.70 37.10
N ALA B 145 -19.56 11.48 36.57
CA ALA B 145 -19.30 11.27 35.14
C ALA B 145 -20.17 10.16 34.59
N ILE B 146 -20.80 10.43 33.45
CA ILE B 146 -21.67 9.45 32.83
C ILE B 146 -21.43 9.29 31.35
N ARG B 147 -21.28 8.05 30.90
CA ARG B 147 -21.13 7.77 29.49
C ARG B 147 -22.55 7.59 28.97
N ALA B 148 -22.89 8.27 27.88
CA ALA B 148 -24.23 8.15 27.33
C ALA B 148 -24.21 7.55 25.93
N GLN B 149 -24.86 6.40 25.79
CA GLN B 149 -24.94 5.70 24.52
C GLN B 149 -26.42 5.55 24.17
N THR B 150 -26.76 5.75 22.91
CA THR B 150 -28.15 5.63 22.48
C THR B 150 -28.24 4.79 21.22
N GLY B 151 -29.34 4.05 21.09
CA GLY B 151 -29.54 3.27 19.89
C GLY B 151 -29.99 4.27 18.84
N VAL B 152 -29.70 4.00 17.57
CA VAL B 152 -30.11 4.90 16.50
C VAL B 152 -31.34 4.30 15.83
N PRO B 153 -32.46 5.03 15.84
CA PRO B 153 -33.75 4.63 15.25
C PRO B 153 -33.70 3.98 13.88
N GLY B 154 -33.02 4.61 12.93
CA GLY B 154 -32.93 4.07 11.58
C GLY B 154 -32.01 2.87 11.44
N ILE B 155 -31.36 2.48 12.54
CA ILE B 155 -30.45 1.34 12.53
C ILE B 155 -31.02 0.20 13.36
N ALA B 173 -26.17 -15.18 21.91
CA ALA B 173 -24.87 -15.17 22.57
C ALA B 173 -24.08 -16.44 22.30
N SER B 174 -24.80 -17.55 22.11
CA SER B 174 -24.17 -18.85 21.83
C SER B 174 -23.16 -18.69 20.70
N LEU B 175 -23.52 -17.84 19.73
CA LEU B 175 -22.65 -17.53 18.61
C LEU B 175 -22.71 -16.02 18.45
N PRO B 176 -21.77 -15.45 17.69
CA PRO B 176 -21.75 -13.99 17.50
C PRO B 176 -23.05 -13.39 16.93
N SER B 177 -23.69 -12.53 17.72
CA SER B 177 -24.91 -11.87 17.26
C SER B 177 -24.43 -10.83 16.24
N VAL B 178 -25.27 -10.54 15.26
CA VAL B 178 -24.92 -9.56 14.23
C VAL B 178 -25.72 -8.28 14.45
N THR B 179 -25.04 -7.14 14.50
CA THR B 179 -25.71 -5.86 14.67
C THR B 179 -25.51 -5.04 13.42
N GLY B 180 -26.48 -4.19 13.10
CA GLY B 180 -26.39 -3.36 11.92
C GLY B 180 -25.79 -2.01 12.23
N TRP B 181 -25.31 -1.32 11.20
CA TRP B 181 -24.73 -0.02 11.39
C TRP B 181 -24.79 0.85 10.14
N ASP B 182 -25.02 2.14 10.38
CA ASP B 182 -25.09 3.14 9.32
C ASP B 182 -24.51 4.41 9.90
N THR B 183 -23.38 4.84 9.35
CA THR B 183 -22.71 6.03 9.85
C THR B 183 -23.48 7.33 9.67
N ARG B 184 -24.06 7.54 8.49
CA ARG B 184 -24.80 8.77 8.24
C ARG B 184 -25.94 8.95 9.25
N LYS B 185 -26.68 7.87 9.53
CA LYS B 185 -27.78 7.96 10.49
C LYS B 185 -27.23 8.28 11.88
N ALA B 186 -26.10 7.67 12.22
CA ALA B 186 -25.47 7.91 13.52
C ALA B 186 -25.04 9.37 13.62
N LEU B 187 -24.40 9.88 12.58
CA LEU B 187 -23.93 11.27 12.55
C LEU B 187 -25.06 12.28 12.73
N ASN B 188 -26.24 11.97 12.20
CA ASN B 188 -27.37 12.88 12.32
C ASN B 188 -28.02 12.81 13.69
N TYR B 189 -27.98 11.63 14.31
CA TYR B 189 -28.62 11.40 15.59
C TYR B 189 -27.79 11.66 16.86
N VAL B 190 -26.56 11.15 16.91
CA VAL B 190 -25.73 11.30 18.10
C VAL B 190 -25.54 12.73 18.64
N PRO B 191 -25.23 13.70 17.78
CA PRO B 191 -25.06 15.05 18.32
C PRO B 191 -26.30 15.53 19.06
N LYS B 192 -27.49 15.12 18.59
CA LYS B 192 -28.73 15.53 19.23
C LYS B 192 -28.88 14.93 20.62
N LEU B 193 -28.26 13.78 20.85
CA LEU B 193 -28.33 13.16 22.17
C LEU B 193 -27.70 14.10 23.18
N PHE B 194 -26.48 14.52 22.87
CA PHE B 194 -25.73 15.39 23.76
C PHE B 194 -26.28 16.80 23.88
N GLU B 195 -26.92 17.28 22.82
CA GLU B 195 -27.52 18.61 22.87
C GLU B 195 -28.67 18.54 23.88
N GLU B 196 -29.43 17.45 23.83
CA GLU B 196 -30.55 17.27 24.75
C GLU B 196 -30.05 17.10 26.18
N LEU B 197 -28.95 16.38 26.35
CA LEU B 197 -28.37 16.16 27.68
C LEU B 197 -27.94 17.44 28.38
N ARG B 198 -27.25 18.32 27.67
CA ARG B 198 -26.78 19.57 28.25
C ARG B 198 -27.95 20.51 28.55
N LYS B 199 -28.93 20.51 27.66
CA LYS B 199 -30.11 21.35 27.81
C LYS B 199 -30.91 20.91 29.03
N THR B 200 -30.88 19.61 29.30
CA THR B 200 -31.61 19.05 30.43
C THR B 200 -30.86 19.08 31.75
N TYR B 201 -29.58 18.73 31.74
CA TYR B 201 -28.80 18.68 32.96
C TYR B 201 -27.73 19.76 33.11
N GLY B 202 -27.53 20.56 32.06
CA GLY B 202 -26.51 21.60 32.15
C GLY B 202 -25.12 21.04 31.96
N PHE B 203 -24.11 21.87 32.19
CA PHE B 203 -22.73 21.47 32.00
C PHE B 203 -21.94 21.09 33.23
N ASP B 204 -22.61 20.91 34.36
CA ASP B 204 -21.91 20.55 35.59
C ASP B 204 -21.84 19.04 35.81
N HIS B 205 -21.51 18.32 34.73
CA HIS B 205 -21.37 16.86 34.77
C HIS B 205 -20.46 16.43 33.64
N HIS B 206 -19.63 15.43 33.89
CA HIS B 206 -18.74 14.93 32.86
C HIS B 206 -19.58 13.98 32.02
N LEU B 207 -19.61 14.20 30.72
CA LEU B 207 -20.36 13.33 29.82
C LEU B 207 -19.40 12.67 28.85
N LEU B 208 -19.50 11.36 28.70
CA LEU B 208 -18.60 10.61 27.82
C LEU B 208 -19.36 9.84 26.73
N HIS B 209 -18.72 9.66 25.58
CA HIS B 209 -19.31 8.89 24.50
C HIS B 209 -18.29 7.93 23.90
N ASP B 210 -18.76 6.71 23.61
CA ASP B 210 -17.90 5.67 23.04
C ASP B 210 -18.26 5.49 21.57
N GLY B 211 -17.34 5.88 20.68
CA GLY B 211 -17.59 5.75 19.25
C GLY B 211 -17.52 4.29 18.83
N HIS B 212 -16.88 3.49 19.69
CA HIS B 212 -16.76 2.05 19.48
C HIS B 212 -16.30 1.62 18.08
N HIS B 213 -15.24 2.25 17.58
CA HIS B 213 -14.63 1.93 16.29
C HIS B 213 -15.48 2.03 15.02
N ARG B 214 -16.65 2.65 15.11
CA ARG B 214 -17.55 2.71 13.95
C ARG B 214 -17.24 3.73 12.84
N TYR B 215 -16.46 4.76 13.14
CA TYR B 215 -16.18 5.83 12.18
C TYR B 215 -14.81 5.84 11.49
N THR B 216 -14.76 6.46 10.31
CA THR B 216 -13.50 6.61 9.59
C THR B 216 -12.90 7.87 10.24
N PRO B 217 -11.62 8.20 9.97
CA PRO B 217 -11.05 9.40 10.59
C PRO B 217 -11.79 10.70 10.28
N GLN B 218 -12.22 10.87 9.04
CA GLN B 218 -12.95 12.07 8.64
C GLN B 218 -14.29 12.16 9.35
N GLU B 219 -14.99 11.03 9.47
CA GLU B 219 -16.29 11.02 10.12
C GLU B 219 -16.14 11.28 11.61
N ALA B 220 -15.07 10.77 12.22
CA ALA B 220 -14.83 10.99 13.63
C ALA B 220 -14.51 12.49 13.85
N ALA B 221 -13.79 13.08 12.90
CA ALA B 221 -13.46 14.51 13.00
C ALA B 221 -14.76 15.30 12.95
N ASN B 222 -15.63 14.89 12.03
CA ASN B 222 -16.93 15.49 11.81
C ASN B 222 -17.77 15.38 13.09
N LEU B 223 -17.87 14.16 13.62
CA LEU B 223 -18.63 13.93 14.84
C LEU B 223 -18.05 14.75 15.99
N GLY B 224 -16.74 14.65 16.20
CA GLY B 224 -16.09 15.41 17.27
C GLY B 224 -16.40 16.90 17.22
N LYS B 225 -16.34 17.46 16.02
CA LYS B 225 -16.60 18.87 15.80
C LYS B 225 -18.05 19.22 16.18
N MET B 226 -18.99 18.39 15.76
CA MET B 226 -20.39 18.62 16.06
C MET B 226 -20.65 18.49 17.57
N LEU B 227 -19.83 17.72 18.26
CA LEU B 227 -19.99 17.53 19.69
C LEU B 227 -19.32 18.61 20.54
N GLU B 228 -18.46 19.42 19.92
CA GLU B 228 -17.75 20.47 20.65
C GLU B 228 -18.59 21.39 21.54
N PRO B 229 -19.78 21.80 21.09
CA PRO B 229 -20.63 22.68 21.91
C PRO B 229 -21.10 22.03 23.20
N TYR B 230 -21.01 20.71 23.29
CA TYR B 230 -21.50 20.01 24.47
C TYR B 230 -20.44 19.61 25.49
N GLN B 231 -19.20 20.07 25.26
CA GLN B 231 -18.11 19.81 26.19
C GLN B 231 -18.01 18.40 26.75
N LEU B 232 -17.70 17.42 25.90
CA LEU B 232 -17.58 16.05 26.37
C LEU B 232 -16.29 15.81 27.15
N PHE B 233 -16.34 14.91 28.12
CA PHE B 233 -15.16 14.55 28.90
C PHE B 233 -14.23 13.84 27.88
N TRP B 234 -14.84 13.11 26.95
CA TRP B 234 -14.09 12.45 25.89
C TRP B 234 -14.95 11.75 24.86
N LEU B 235 -14.34 11.50 23.71
CA LEU B 235 -14.93 10.77 22.60
C LEU B 235 -13.93 9.62 22.51
N GLU B 236 -14.42 8.41 22.79
CA GLU B 236 -13.60 7.21 22.83
C GLU B 236 -13.62 6.32 21.59
N ASP B 237 -12.46 5.72 21.31
CA ASP B 237 -12.29 4.81 20.17
C ASP B 237 -13.10 5.25 18.95
N CYS B 238 -13.00 6.54 18.59
CA CYS B 238 -13.77 7.04 17.46
C CYS B 238 -13.49 6.32 16.13
N THR B 239 -12.24 5.90 15.93
CA THR B 239 -11.87 5.22 14.70
C THR B 239 -10.81 4.14 14.96
N PRO B 240 -10.80 3.05 14.17
CA PRO B 240 -9.81 1.98 14.36
C PRO B 240 -8.41 2.58 14.43
N ALA B 241 -7.59 2.10 15.35
CA ALA B 241 -6.25 2.65 15.54
C ALA B 241 -5.03 1.77 15.24
N GLU B 242 -5.18 0.70 14.46
CA GLU B 242 -4.04 -0.14 14.12
C GLU B 242 -2.98 0.78 13.50
N ASN B 243 -3.46 1.75 12.73
CA ASN B 243 -2.59 2.73 12.11
C ASN B 243 -2.74 3.95 13.03
N GLN B 244 -1.77 4.15 13.90
CA GLN B 244 -1.83 5.26 14.85
C GLN B 244 -1.95 6.65 14.22
N GLU B 245 -1.67 6.74 12.92
CA GLU B 245 -1.77 8.01 12.20
C GLU B 245 -3.23 8.38 11.93
N ALA B 246 -4.13 7.42 12.09
CA ALA B 246 -5.56 7.62 11.83
C ALA B 246 -6.20 8.71 12.70
N PHE B 247 -5.61 8.98 13.86
CA PHE B 247 -6.15 10.01 14.76
C PHE B 247 -5.67 11.41 14.40
N ARG B 248 -4.67 11.49 13.53
CA ARG B 248 -4.12 12.78 13.15
C ARG B 248 -5.20 13.69 12.56
N LEU B 249 -5.99 13.17 11.63
CA LEU B 249 -7.04 13.96 11.01
C LEU B 249 -8.09 14.40 12.04
N VAL B 250 -8.41 13.52 12.97
CA VAL B 250 -9.40 13.83 14.00
C VAL B 250 -8.91 14.96 14.89
N ARG B 251 -7.71 14.76 15.44
CA ARG B 251 -7.09 15.71 16.33
C ARG B 251 -6.92 17.10 15.72
N GLN B 252 -6.59 17.16 14.44
CA GLN B 252 -6.39 18.45 13.79
C GLN B 252 -7.70 19.21 13.56
N HIS B 253 -8.83 18.52 13.56
CA HIS B 253 -10.10 19.20 13.30
C HIS B 253 -11.07 19.46 14.45
N THR B 254 -10.79 18.94 15.65
CA THR B 254 -11.69 19.19 16.76
C THR B 254 -10.93 19.30 18.09
N VAL B 255 -11.53 19.98 19.05
CA VAL B 255 -10.93 20.11 20.37
C VAL B 255 -11.63 19.16 21.34
N THR B 256 -12.59 18.38 20.84
CA THR B 256 -13.27 17.42 21.69
C THR B 256 -12.17 16.44 22.13
N PRO B 257 -12.10 16.14 23.44
CA PRO B 257 -11.07 15.22 23.97
C PRO B 257 -11.16 13.81 23.40
N LEU B 258 -10.02 13.21 23.11
CA LEU B 258 -9.98 11.87 22.55
C LEU B 258 -9.41 10.81 23.52
N ALA B 259 -10.04 9.64 23.52
CA ALA B 259 -9.62 8.53 24.36
C ALA B 259 -9.57 7.26 23.49
N VAL B 260 -8.62 6.37 23.77
CA VAL B 260 -8.49 5.14 23.00
C VAL B 260 -7.62 4.14 23.75
N GLY B 261 -7.68 2.87 23.37
CA GLY B 261 -6.81 1.88 24.00
C GLY B 261 -7.28 0.66 24.75
N GLU B 262 -8.58 0.47 24.99
CA GLU B 262 -9.00 -0.70 25.73
C GLU B 262 -8.54 -2.00 25.07
N ILE B 263 -8.43 -2.01 23.75
CA ILE B 263 -7.98 -3.21 23.05
C ILE B 263 -6.47 -3.27 22.79
N PHE B 264 -5.72 -2.33 23.36
CA PHE B 264 -4.26 -2.34 23.18
C PHE B 264 -3.66 -3.39 24.13
N ASN B 265 -2.49 -3.92 23.78
CA ASN B 265 -1.84 -4.90 24.65
C ASN B 265 -0.38 -4.58 24.98
N THR B 266 0.22 -3.61 24.30
CA THR B 266 1.58 -3.18 24.61
C THR B 266 1.70 -1.69 24.37
N ILE B 267 2.77 -1.11 24.89
CA ILE B 267 3.02 0.32 24.74
C ILE B 267 3.21 0.69 23.27
N TRP B 268 3.59 -0.27 22.44
CA TRP B 268 3.80 -0.01 21.01
C TRP B 268 2.51 0.25 20.22
N ASP B 269 1.36 0.01 20.85
CA ASP B 269 0.09 0.26 20.20
C ASP B 269 -0.32 1.72 20.37
N ALA B 270 0.33 2.42 21.30
CA ALA B 270 -0.02 3.81 21.61
C ALA B 270 1.12 4.82 21.59
N GLU B 271 2.33 4.32 21.34
CA GLU B 271 3.53 5.14 21.31
C GLU B 271 3.35 6.44 20.53
N ASP B 272 2.96 6.34 19.26
CA ASP B 272 2.79 7.52 18.41
C ASP B 272 1.57 8.36 18.80
N LEU B 273 0.49 7.71 19.21
CA LEU B 273 -0.71 8.44 19.61
C LEU B 273 -0.34 9.39 20.74
N ILE B 274 0.42 8.87 21.70
CA ILE B 274 0.83 9.67 22.85
C ILE B 274 1.84 10.77 22.53
N GLN B 275 2.97 10.37 21.93
CA GLN B 275 4.03 11.32 21.61
C GLN B 275 3.64 12.39 20.60
N ASN B 276 2.66 12.12 19.75
CA ASN B 276 2.24 13.12 18.78
C ASN B 276 1.02 13.88 19.32
N GLN B 277 0.71 13.63 20.60
CA GLN B 277 -0.41 14.28 21.28
C GLN B 277 -1.72 14.21 20.50
N LEU B 278 -2.11 12.99 20.13
CA LEU B 278 -3.35 12.79 19.39
C LEU B 278 -4.47 12.36 20.31
N ILE B 279 -4.13 11.99 21.56
CA ILE B 279 -5.14 11.56 22.52
C ILE B 279 -4.97 12.25 23.87
N ASP B 280 -6.04 12.24 24.66
CA ASP B 280 -6.01 12.85 25.97
C ASP B 280 -6.05 11.81 27.11
N TYR B 281 -6.55 10.62 26.80
CA TYR B 281 -6.64 9.55 27.78
C TYR B 281 -6.23 8.23 27.13
N ILE B 282 -5.44 7.45 27.85
CA ILE B 282 -5.02 6.15 27.37
C ILE B 282 -5.87 5.16 28.16
N ARG B 283 -6.58 4.30 27.45
CA ARG B 283 -7.49 3.31 28.05
C ARG B 283 -6.94 1.91 28.33
N ALA B 284 -5.66 1.68 28.03
CA ALA B 284 -5.05 0.38 28.26
C ALA B 284 -5.27 -0.07 29.70
N THR B 285 -5.45 -1.37 29.92
CA THR B 285 -5.69 -1.92 31.26
C THR B 285 -4.60 -2.85 31.75
N VAL B 286 -4.65 -3.19 33.03
CA VAL B 286 -3.67 -4.08 33.63
C VAL B 286 -3.74 -5.49 33.01
N VAL B 287 -4.93 -5.93 32.63
CA VAL B 287 -5.05 -7.26 32.04
C VAL B 287 -4.79 -7.24 30.53
N GLY B 288 -5.11 -6.13 29.88
CA GLY B 288 -4.91 -6.06 28.45
C GLY B 288 -3.49 -5.72 28.02
N ALA B 289 -2.81 -4.90 28.81
CA ALA B 289 -1.46 -4.46 28.46
C ALA B 289 -0.28 -5.01 29.27
N GLY B 290 -0.35 -6.28 29.67
CA GLY B 290 0.76 -6.88 30.38
C GLY B 290 0.99 -6.64 31.87
N GLY B 291 -0.07 -6.34 32.63
CA GLY B 291 0.10 -6.15 34.06
C GLY B 291 0.57 -4.80 34.54
N LEU B 292 0.87 -4.72 35.83
CA LEU B 292 1.35 -3.49 36.46
C LEU B 292 2.69 -3.09 35.87
N THR B 293 3.57 -4.07 35.70
CA THR B 293 4.89 -3.82 35.17
C THR B 293 4.86 -3.00 33.88
N HIS B 294 4.09 -3.47 32.91
CA HIS B 294 4.01 -2.78 31.64
C HIS B 294 3.07 -1.56 31.61
N LEU B 295 1.92 -1.64 32.28
CA LEU B 295 0.97 -0.52 32.29
C LEU B 295 1.62 0.73 32.86
N ARG B 296 2.52 0.51 33.82
CA ARG B 296 3.25 1.59 34.47
C ARG B 296 4.08 2.35 33.42
N ARG B 297 4.68 1.59 32.51
CA ARG B 297 5.50 2.19 31.46
C ARG B 297 4.63 3.02 30.53
N ILE B 298 3.42 2.53 30.25
CA ILE B 298 2.49 3.25 29.40
C ILE B 298 2.02 4.53 30.08
N ALA B 299 1.81 4.47 31.39
CA ALA B 299 1.35 5.64 32.13
C ALA B 299 2.45 6.69 32.18
N ASP B 300 3.70 6.24 32.36
CA ASP B 300 4.84 7.16 32.42
C ASP B 300 5.00 7.93 31.11
N LEU B 301 4.92 7.24 29.98
CA LEU B 301 5.05 7.89 28.69
C LEU B 301 3.92 8.90 28.51
N ALA B 302 2.70 8.51 28.86
CA ALA B 302 1.55 9.40 28.74
C ALA B 302 1.73 10.69 29.54
N SER B 303 2.22 10.58 30.77
CA SER B 303 2.39 11.75 31.63
C SER B 303 3.33 12.81 31.05
N LEU B 304 4.31 12.39 30.27
CA LEU B 304 5.25 13.33 29.67
C LEU B 304 4.53 14.29 28.74
N TYR B 305 3.39 13.88 28.23
CA TYR B 305 2.59 14.69 27.32
C TYR B 305 1.27 15.09 27.94
N GLN B 306 1.18 14.94 29.25
CA GLN B 306 -0.02 15.27 30.01
C GLN B 306 -1.24 14.42 29.63
N VAL B 307 -0.98 13.26 29.05
CA VAL B 307 -2.03 12.32 28.68
C VAL B 307 -2.35 11.59 29.99
N ARG B 308 -3.64 11.44 30.29
CA ARG B 308 -4.05 10.78 31.53
C ARG B 308 -4.62 9.37 31.34
N THR B 309 -4.66 8.62 32.43
CA THR B 309 -5.17 7.25 32.39
C THR B 309 -6.68 7.25 32.49
N GLY B 310 -7.30 6.33 31.77
CA GLY B 310 -8.75 6.18 31.78
C GLY B 310 -9.03 4.72 31.53
N CYS B 311 -8.40 3.89 32.36
CA CYS B 311 -8.51 2.45 32.24
C CYS B 311 -9.90 1.91 31.96
N HIS B 312 -9.96 1.04 30.96
CA HIS B 312 -11.16 0.32 30.55
C HIS B 312 -11.55 -0.49 31.78
N GLY B 313 -12.84 -0.78 31.95
CA GLY B 313 -13.25 -1.53 33.12
C GLY B 313 -14.62 -2.16 33.00
N ALA B 314 -14.91 -2.76 31.86
CA ALA B 314 -16.19 -3.40 31.65
C ALA B 314 -16.25 -4.68 32.47
N THR B 315 -17.37 -5.39 32.42
CA THR B 315 -17.54 -6.62 33.20
C THR B 315 -16.67 -7.82 32.78
N ASP B 316 -16.17 -7.81 31.54
CA ASP B 316 -15.33 -8.92 31.09
C ASP B 316 -13.93 -8.91 31.70
N LEU B 317 -13.69 -7.95 32.61
CA LEU B 317 -12.43 -7.86 33.35
C LEU B 317 -12.85 -8.25 34.77
N SER B 318 -12.26 -9.33 35.30
CA SER B 318 -12.62 -9.80 36.64
C SER B 318 -12.23 -8.87 37.77
N PRO B 319 -12.75 -9.12 38.98
CA PRO B 319 -12.43 -8.28 40.14
C PRO B 319 -10.93 -8.28 40.45
N VAL B 320 -10.23 -9.30 39.98
CA VAL B 320 -8.78 -9.36 40.21
C VAL B 320 -8.15 -8.19 39.44
N THR B 321 -8.64 -7.98 38.22
CA THR B 321 -8.14 -6.89 37.40
C THR B 321 -8.54 -5.56 38.03
N MET B 322 -9.80 -5.45 38.47
CA MET B 322 -10.26 -4.20 39.07
C MET B 322 -9.46 -3.87 40.32
N GLY B 323 -9.16 -4.88 41.13
CA GLY B 323 -8.38 -4.65 42.34
C GLY B 323 -7.02 -4.09 41.96
N CYS B 324 -6.36 -4.73 41.00
CA CYS B 324 -5.07 -4.27 40.55
C CYS B 324 -5.17 -2.87 39.93
N ALA B 325 -6.25 -2.63 39.19
CA ALA B 325 -6.47 -1.34 38.55
C ALA B 325 -6.66 -0.21 39.57
N LEU B 326 -7.37 -0.52 40.65
CA LEU B 326 -7.63 0.48 41.68
C LEU B 326 -6.37 0.82 42.48
N HIS B 327 -5.49 -0.16 42.66
CA HIS B 327 -4.24 0.10 43.37
C HIS B 327 -3.41 1.01 42.47
N PHE B 328 -3.41 0.69 41.18
CA PHE B 328 -2.68 1.48 40.19
C PHE B 328 -3.26 2.90 40.12
N ASP B 329 -4.59 3.01 40.06
CA ASP B 329 -5.27 4.31 39.99
C ASP B 329 -4.99 5.15 41.23
N THR B 330 -4.88 4.48 42.38
CA THR B 330 -4.64 5.17 43.65
C THR B 330 -3.27 5.83 43.69
N TRP B 331 -2.29 5.21 43.04
CA TRP B 331 -0.93 5.74 42.99
C TRP B 331 -0.62 6.64 41.78
N VAL B 332 -0.90 6.16 40.57
CA VAL B 332 -0.55 6.92 39.37
C VAL B 332 -0.87 8.41 39.46
N PRO B 333 0.14 9.26 39.25
CA PRO B 333 -0.07 10.70 39.32
C PRO B 333 -0.97 11.26 38.23
N ASN B 334 -0.76 10.82 36.98
CA ASN B 334 -1.57 11.32 35.86
C ASN B 334 -2.88 10.55 35.65
N PHE B 335 -3.55 10.25 36.75
CA PHE B 335 -4.83 9.55 36.72
C PHE B 335 -5.92 10.45 36.10
N GLY B 336 -6.78 9.85 35.30
CA GLY B 336 -7.85 10.61 34.68
C GLY B 336 -9.20 10.15 35.18
N ILE B 337 -9.53 8.89 34.94
CA ILE B 337 -10.81 8.34 35.37
C ILE B 337 -10.73 6.82 35.25
N GLN B 338 -11.67 6.13 35.88
CA GLN B 338 -11.70 4.67 35.83
C GLN B 338 -13.09 4.21 35.44
N GLU B 339 -13.17 3.36 34.43
CA GLU B 339 -14.46 2.83 34.01
C GLU B 339 -14.94 1.83 35.07
N TYR B 340 -16.23 1.87 35.39
CA TYR B 340 -16.78 0.96 36.37
C TYR B 340 -18.11 0.33 35.98
N MET B 341 -18.08 -0.97 35.72
CA MET B 341 -19.29 -1.73 35.40
C MET B 341 -19.40 -2.75 36.52
N ARG B 342 -20.57 -2.82 37.14
CA ARG B 342 -20.78 -3.74 38.26
C ARG B 342 -20.82 -5.22 37.89
N HIS B 343 -20.18 -6.04 38.72
CA HIS B 343 -20.16 -7.50 38.51
C HIS B 343 -21.39 -8.05 39.24
N THR B 344 -21.77 -9.28 38.93
CA THR B 344 -22.92 -9.90 39.58
C THR B 344 -22.53 -10.31 41.00
N GLU B 345 -23.52 -10.58 41.84
CA GLU B 345 -23.26 -11.00 43.22
C GLU B 345 -22.42 -12.26 43.23
N GLU B 346 -22.77 -13.19 42.35
CA GLU B 346 -22.04 -14.46 42.26
C GLU B 346 -20.56 -14.18 42.01
N THR B 347 -20.28 -13.30 41.07
CA THR B 347 -18.90 -12.96 40.74
C THR B 347 -18.20 -12.37 41.97
N ASP B 348 -18.88 -11.46 42.66
CA ASP B 348 -18.31 -10.85 43.87
C ASP B 348 -18.03 -11.89 44.95
N ALA B 349 -18.86 -12.93 45.00
CA ALA B 349 -18.69 -13.99 45.99
C ALA B 349 -17.52 -14.90 45.59
N VAL B 350 -17.39 -15.17 44.30
CA VAL B 350 -16.30 -16.02 43.84
C VAL B 350 -14.95 -15.33 43.96
N PHE B 351 -14.93 -14.01 43.77
CA PHE B 351 -13.71 -13.23 43.86
C PHE B 351 -13.74 -12.23 45.02
N PRO B 352 -13.52 -12.70 46.27
CA PRO B 352 -13.52 -11.82 47.44
C PRO B 352 -12.50 -10.70 47.19
N HIS B 353 -12.92 -9.45 47.36
CA HIS B 353 -12.03 -8.33 47.10
C HIS B 353 -12.16 -7.18 48.09
N ASP B 354 -11.08 -6.41 48.25
CA ASP B 354 -11.11 -5.29 49.17
C ASP B 354 -11.14 -3.95 48.45
N TYR B 355 -12.32 -3.62 47.92
CA TYR B 355 -12.56 -2.34 47.25
C TYR B 355 -14.08 -2.16 47.20
N TRP B 356 -14.54 -0.92 47.27
CA TRP B 356 -15.97 -0.66 47.28
C TRP B 356 -16.29 0.65 46.60
N PHE B 357 -17.56 0.81 46.22
CA PHE B 357 -18.05 2.01 45.53
C PHE B 357 -18.86 2.90 46.48
N GLU B 358 -18.74 4.21 46.30
CA GLU B 358 -19.49 5.14 47.13
C GLU B 358 -19.55 6.53 46.52
N LYS B 359 -20.78 6.96 46.22
CA LYS B 359 -21.04 8.28 45.66
C LYS B 359 -20.13 8.65 44.49
N GLY B 360 -20.15 7.84 43.44
CA GLY B 360 -19.35 8.12 42.26
C GLY B 360 -17.87 7.84 42.32
N GLU B 361 -17.41 7.15 43.36
CA GLU B 361 -15.99 6.84 43.48
C GLU B 361 -15.73 5.42 43.96
N LEU B 362 -14.58 4.89 43.56
CA LEU B 362 -14.17 3.54 43.98
C LEU B 362 -13.04 3.75 44.98
N PHE B 363 -12.93 2.85 45.94
CA PHE B 363 -11.90 2.93 46.98
C PHE B 363 -11.26 1.56 47.14
N VAL B 364 -9.94 1.51 47.19
CA VAL B 364 -9.26 0.23 47.36
C VAL B 364 -8.92 0.09 48.84
N GLY B 365 -8.96 -1.16 49.34
CA GLY B 365 -8.68 -1.41 50.75
C GLY B 365 -7.22 -1.55 51.14
N GLU B 366 -6.99 -1.76 52.44
CA GLU B 366 -5.64 -1.90 52.98
C GLU B 366 -5.11 -3.32 53.05
N THR B 367 -5.89 -4.27 52.54
CA THR B 367 -5.48 -5.68 52.55
C THR B 367 -4.19 -5.90 51.76
N PRO B 368 -3.17 -6.52 52.38
CA PRO B 368 -1.89 -6.80 51.71
C PRO B 368 -2.13 -7.54 50.38
N GLY B 369 -1.31 -7.23 49.37
CA GLY B 369 -1.47 -7.83 48.06
C GLY B 369 -2.40 -6.91 47.29
N HIS B 370 -3.00 -7.38 46.19
CA HIS B 370 -3.92 -6.50 45.49
C HIS B 370 -5.30 -6.52 46.15
N GLY B 371 -5.42 -7.27 47.25
CA GLY B 371 -6.67 -7.34 47.99
C GLY B 371 -7.74 -8.24 47.43
N VAL B 372 -7.43 -8.97 46.37
CA VAL B 372 -8.42 -9.85 45.78
C VAL B 372 -7.97 -11.30 45.94
N ASP B 373 -8.93 -12.21 45.99
CA ASP B 373 -8.63 -13.62 46.11
C ASP B 373 -9.71 -14.38 45.36
N ILE B 374 -9.58 -15.69 45.26
CA ILE B 374 -10.59 -16.49 44.58
C ILE B 374 -11.00 -17.69 45.42
N ASP B 375 -12.31 -17.89 45.53
CA ASP B 375 -12.82 -19.02 46.28
C ASP B 375 -12.91 -20.16 45.28
N GLU B 376 -11.88 -21.01 45.28
CA GLU B 376 -11.82 -22.13 44.34
C GLU B 376 -12.97 -23.12 44.43
N GLU B 377 -13.40 -23.43 45.64
CA GLU B 377 -14.51 -24.35 45.83
C GLU B 377 -15.79 -23.78 45.23
N LEU B 378 -16.04 -22.50 45.47
CA LEU B 378 -17.24 -21.85 44.94
C LEU B 378 -17.13 -21.67 43.42
N ALA B 379 -15.93 -21.36 42.94
CA ALA B 379 -15.71 -21.18 41.52
C ALA B 379 -16.05 -22.46 40.74
N ALA B 380 -15.75 -23.61 41.31
CA ALA B 380 -16.02 -24.88 40.64
C ALA B 380 -17.50 -25.15 40.44
N LYS B 381 -18.36 -24.36 41.08
CA LYS B 381 -19.81 -24.54 40.93
C LYS B 381 -20.40 -23.80 39.75
N TYR B 382 -19.56 -23.04 39.03
CA TYR B 382 -20.02 -22.27 37.88
C TYR B 382 -19.19 -22.66 36.66
N PRO B 383 -19.63 -23.69 35.92
CA PRO B 383 -18.96 -24.22 34.72
C PRO B 383 -18.82 -23.21 33.60
N TYR B 384 -17.69 -23.28 32.90
CA TYR B 384 -17.43 -22.42 31.77
C TYR B 384 -18.60 -22.54 30.80
N LYS B 385 -18.93 -21.45 30.12
CA LYS B 385 -20.02 -21.45 29.15
C LYS B 385 -19.69 -20.52 27.97
N PRO B 386 -19.41 -21.11 26.80
CA PRO B 386 -19.06 -20.30 25.62
C PRO B 386 -19.96 -19.10 25.39
N ALA B 387 -19.33 -17.95 25.12
CA ALA B 387 -20.05 -16.71 24.85
C ALA B 387 -19.16 -15.83 23.98
N TYR B 388 -19.74 -15.30 22.91
CA TYR B 388 -19.02 -14.46 21.96
C TYR B 388 -19.47 -13.00 22.00
N LEU B 389 -18.60 -12.12 21.51
CA LEU B 389 -18.93 -10.70 21.42
C LEU B 389 -19.65 -10.57 20.07
N PRO B 390 -20.45 -9.50 19.90
CA PRO B 390 -21.18 -9.32 18.64
C PRO B 390 -20.24 -8.91 17.51
N VAL B 391 -20.76 -8.93 16.29
CA VAL B 391 -20.01 -8.49 15.13
C VAL B 391 -20.97 -7.51 14.50
N ALA B 392 -20.48 -6.65 13.63
CA ALA B 392 -21.33 -5.68 12.99
C ALA B 392 -21.12 -5.69 11.49
N ARG B 393 -22.20 -5.46 10.77
CA ARG B 393 -22.16 -5.42 9.31
C ARG B 393 -22.91 -4.18 8.84
N LEU B 394 -22.40 -3.56 7.78
CA LEU B 394 -23.04 -2.39 7.23
C LEU B 394 -24.33 -2.88 6.58
N GLU B 395 -25.19 -1.95 6.19
CA GLU B 395 -26.46 -2.31 5.58
C GLU B 395 -26.33 -3.20 4.33
N ASP B 396 -25.23 -3.07 3.60
CA ASP B 396 -25.05 -3.89 2.39
C ASP B 396 -24.41 -5.25 2.68
N GLY B 397 -24.15 -5.54 3.95
CA GLY B 397 -23.55 -6.81 4.32
C GLY B 397 -22.06 -6.74 4.63
N THR B 398 -21.46 -5.58 4.38
CA THR B 398 -20.03 -5.40 4.63
C THR B 398 -19.62 -5.61 6.09
N MET B 399 -18.65 -6.51 6.30
CA MET B 399 -18.14 -6.78 7.63
C MET B 399 -17.56 -5.45 8.16
N TRP B 400 -17.98 -5.02 9.34
CA TRP B 400 -17.51 -3.77 9.90
C TRP B 400 -16.93 -3.96 11.31
N ASN B 401 -16.65 -2.85 11.98
CA ASN B 401 -16.07 -2.91 13.33
C ASN B 401 -17.16 -2.79 14.38
N TRP B 402 -17.32 -3.81 15.21
CA TRP B 402 -18.34 -3.73 16.24
C TRP B 402 -17.82 -2.86 17.38
N MET C 1 -3.82 36.29 -38.05
CA MET C 1 -3.52 35.11 -38.92
C MET C 1 -4.09 33.84 -38.32
N LYS C 2 -4.20 32.79 -39.13
CA LYS C 2 -4.78 31.54 -38.64
C LYS C 2 -4.02 30.30 -39.12
N ILE C 3 -4.20 29.20 -38.38
CA ILE C 3 -3.59 27.93 -38.75
C ILE C 3 -4.50 27.36 -39.83
N THR C 4 -3.91 27.03 -40.97
CA THR C 4 -4.70 26.49 -42.07
C THR C 4 -4.57 24.98 -42.19
N ALA C 5 -3.52 24.43 -41.58
CA ALA C 5 -3.30 23.00 -41.63
C ALA C 5 -2.29 22.52 -40.60
N ALA C 6 -2.46 21.26 -40.17
CA ALA C 6 -1.58 20.64 -39.19
C ALA C 6 -1.40 19.20 -39.67
N ARG C 7 -0.39 18.98 -40.50
CA ARG C 7 -0.13 17.66 -41.05
C ARG C 7 0.90 16.85 -40.28
N VAL C 8 0.75 15.54 -40.36
CA VAL C 8 1.65 14.60 -39.71
C VAL C 8 2.41 13.83 -40.78
N ILE C 9 3.73 13.94 -40.77
CA ILE C 9 4.56 13.25 -41.75
C ILE C 9 5.34 12.11 -41.08
N ILE C 10 5.27 10.93 -41.68
CA ILE C 10 5.94 9.75 -41.15
C ILE C 10 7.04 9.29 -42.11
N THR C 11 8.23 9.02 -41.58
CA THR C 11 9.35 8.56 -42.39
C THR C 11 10.28 7.68 -41.56
N CYS C 12 11.06 6.84 -42.24
CA CYS C 12 11.99 5.94 -41.57
C CYS C 12 13.33 5.89 -42.29
N PRO C 13 14.10 6.99 -42.27
CA PRO C 13 15.41 7.07 -42.93
C PRO C 13 16.51 6.59 -41.98
N GLY C 14 16.36 5.38 -41.47
CA GLY C 14 17.33 4.84 -40.54
C GLY C 14 16.58 4.33 -39.32
N ARG C 15 15.43 4.96 -39.06
CA ARG C 15 14.55 4.60 -37.95
C ARG C 15 13.31 5.47 -38.09
N ASN C 16 12.24 5.12 -37.38
CA ASN C 16 11.01 5.88 -37.44
C ASN C 16 11.06 7.28 -36.82
N PHE C 17 10.45 8.23 -37.52
CA PHE C 17 10.38 9.63 -37.06
C PHE C 17 9.02 10.21 -37.45
N VAL C 18 8.35 10.84 -36.48
CA VAL C 18 7.06 11.45 -36.76
C VAL C 18 7.21 12.96 -36.63
N THR C 19 6.68 13.69 -37.60
CA THR C 19 6.80 15.14 -37.61
C THR C 19 5.49 15.86 -37.88
N LEU C 20 5.30 16.99 -37.20
CA LEU C 20 4.11 17.81 -37.36
C LEU C 20 4.50 19.08 -38.08
N LYS C 21 3.68 19.49 -39.05
CA LYS C 21 3.95 20.70 -39.78
C LYS C 21 2.73 21.60 -39.70
N ILE C 22 2.90 22.77 -39.10
CA ILE C 22 1.82 23.72 -38.96
C ILE C 22 1.94 24.78 -40.06
N GLU C 23 0.94 24.82 -40.94
CA GLU C 23 0.93 25.79 -42.03
C GLU C 23 -0.07 26.90 -41.71
N THR C 24 0.23 28.10 -42.17
CA THR C 24 -0.65 29.24 -41.91
C THR C 24 -1.10 29.92 -43.19
N ASP C 25 -1.94 30.93 -43.03
CA ASP C 25 -2.46 31.71 -44.14
C ASP C 25 -1.55 32.91 -44.35
N GLN C 26 -0.33 32.82 -43.84
CA GLN C 26 0.64 33.89 -43.96
C GLN C 26 1.90 33.34 -44.62
N GLY C 27 1.77 32.17 -45.23
CA GLY C 27 2.89 31.55 -45.90
C GLY C 27 3.79 30.76 -44.96
N VAL C 28 4.33 31.44 -43.96
CA VAL C 28 5.23 30.80 -42.99
C VAL C 28 4.63 29.53 -42.39
N TYR C 29 5.50 28.58 -42.05
CA TYR C 29 5.07 27.33 -41.45
C TYR C 29 6.09 26.88 -40.40
N GLY C 30 5.68 25.95 -39.55
CA GLY C 30 6.58 25.46 -38.51
C GLY C 30 6.49 23.95 -38.38
N ILE C 31 7.56 23.32 -37.91
CA ILE C 31 7.55 21.88 -37.74
C ILE C 31 8.05 21.46 -36.36
N GLY C 32 7.47 20.38 -35.84
CA GLY C 32 7.86 19.88 -34.54
C GLY C 32 7.98 18.36 -34.58
N ASP C 33 8.78 17.82 -33.66
CA ASP C 33 8.97 16.37 -33.57
C ASP C 33 7.94 15.77 -32.63
N ALA C 34 7.43 14.60 -32.98
CA ALA C 34 6.43 13.91 -32.16
C ALA C 34 6.78 12.42 -32.03
N THR C 35 8.04 12.10 -32.32
CA THR C 35 8.53 10.74 -32.26
C THR C 35 8.52 10.13 -30.86
N LEU C 36 7.85 9.00 -30.70
CA LEU C 36 7.78 8.28 -29.43
C LEU C 36 8.27 6.86 -29.73
N ASN C 37 9.57 6.66 -29.59
CA ASN C 37 10.18 5.38 -29.91
C ASN C 37 9.42 4.14 -29.41
N GLY C 38 9.07 3.27 -30.35
CA GLY C 38 8.36 2.04 -30.01
C GLY C 38 6.85 2.11 -29.95
N ARG C 39 6.30 3.31 -29.98
CA ARG C 39 4.86 3.51 -29.91
C ARG C 39 4.49 4.69 -30.82
N GLU C 40 5.27 4.88 -31.87
CA GLU C 40 5.10 5.99 -32.82
C GLU C 40 3.69 6.28 -33.34
N LEU C 41 2.97 5.25 -33.75
CA LEU C 41 1.63 5.45 -34.32
C LEU C 41 0.52 5.93 -33.39
N SER C 42 0.68 5.75 -32.08
CA SER C 42 -0.35 6.21 -31.16
C SER C 42 -0.36 7.74 -31.14
N VAL C 43 0.82 8.33 -31.33
CA VAL C 43 0.96 9.78 -31.34
C VAL C 43 0.46 10.35 -32.67
N VAL C 44 0.60 9.57 -33.74
CA VAL C 44 0.15 10.00 -35.05
C VAL C 44 -1.36 10.18 -34.97
N ALA C 45 -2.04 9.17 -34.43
CA ALA C 45 -3.49 9.22 -34.28
C ALA C 45 -3.92 10.32 -33.30
N TYR C 46 -3.19 10.47 -32.20
CA TYR C 46 -3.53 11.49 -31.22
C TYR C 46 -3.59 12.86 -31.92
N LEU C 47 -2.62 13.12 -32.79
CA LEU C 47 -2.55 14.37 -33.52
C LEU C 47 -3.53 14.46 -34.69
N GLN C 48 -3.40 13.54 -35.65
CA GLN C 48 -4.27 13.54 -36.83
C GLN C 48 -5.75 13.47 -36.53
N GLU C 49 -6.12 12.54 -35.67
CA GLU C 49 -7.52 12.32 -35.32
C GLU C 49 -8.15 13.25 -34.30
N HIS C 50 -7.34 13.81 -33.41
CA HIS C 50 -7.89 14.65 -32.36
C HIS C 50 -7.38 16.08 -32.25
N VAL C 51 -6.08 16.24 -32.06
CA VAL C 51 -5.50 17.56 -31.90
C VAL C 51 -5.55 18.46 -33.15
N ALA C 52 -5.09 17.94 -34.27
CA ALA C 52 -5.05 18.71 -35.52
C ALA C 52 -6.36 19.44 -35.84
N PRO C 53 -7.48 18.72 -35.93
CA PRO C 53 -8.77 19.35 -36.23
C PRO C 53 -9.06 20.59 -35.38
N CYS C 54 -8.69 20.53 -34.10
CA CYS C 54 -8.93 21.65 -33.20
C CYS C 54 -8.04 22.86 -33.46
N LEU C 55 -6.82 22.63 -33.92
CA LEU C 55 -5.89 23.72 -34.18
C LEU C 55 -6.30 24.57 -35.38
N ILE C 56 -6.96 23.95 -36.34
CA ILE C 56 -7.37 24.65 -37.55
C ILE C 56 -8.18 25.90 -37.24
N GLY C 57 -7.73 27.04 -37.74
CA GLY C 57 -8.44 28.28 -37.51
C GLY C 57 -7.90 29.10 -36.35
N MET C 58 -7.09 28.49 -35.50
CA MET C 58 -6.52 29.22 -34.36
C MET C 58 -5.36 30.13 -34.76
N ASP C 59 -5.12 31.13 -33.93
CA ASP C 59 -4.03 32.08 -34.14
C ASP C 59 -2.75 31.42 -33.64
N PRO C 60 -1.85 31.05 -34.57
CA PRO C 60 -0.57 30.40 -34.26
C PRO C 60 0.38 31.21 -33.38
N ARG C 61 0.13 32.50 -33.27
CA ARG C 61 0.97 33.37 -32.45
C ARG C 61 0.76 33.17 -30.95
N ARG C 62 -0.41 32.63 -30.58
CA ARG C 62 -0.74 32.41 -29.17
C ARG C 62 -0.21 31.07 -28.67
N ILE C 63 1.11 30.98 -28.56
CA ILE C 63 1.77 29.76 -28.12
C ILE C 63 1.32 29.28 -26.74
N GLU C 64 1.27 30.18 -25.78
CA GLU C 64 0.88 29.80 -24.43
C GLU C 64 -0.56 29.29 -24.40
N ASP C 65 -1.48 30.09 -24.93
CA ASP C 65 -2.89 29.71 -24.94
C ASP C 65 -3.13 28.34 -25.58
N ILE C 66 -2.45 28.09 -26.71
CA ILE C 66 -2.62 26.82 -27.40
C ILE C 66 -2.05 25.67 -26.57
N TRP C 67 -0.92 25.91 -25.92
CA TRP C 67 -0.32 24.88 -25.07
C TRP C 67 -1.32 24.49 -23.97
N GLN C 68 -1.88 25.50 -23.30
CA GLN C 68 -2.85 25.28 -22.23
C GLN C 68 -4.12 24.61 -22.76
N TYR C 69 -4.53 25.02 -23.95
CA TYR C 69 -5.74 24.47 -24.57
C TYR C 69 -5.57 22.97 -24.80
N VAL C 70 -4.42 22.59 -25.35
CA VAL C 70 -4.13 21.19 -25.62
C VAL C 70 -3.85 20.40 -24.35
N TYR C 71 -3.15 21.03 -23.40
CA TYR C 71 -2.82 20.36 -22.13
C TYR C 71 -4.03 20.14 -21.24
N ARG C 72 -4.75 21.22 -20.92
CA ARG C 72 -5.92 21.14 -20.07
C ARG C 72 -7.11 20.57 -20.83
N GLY C 73 -7.28 21.00 -22.07
CA GLY C 73 -8.38 20.56 -22.90
C GLY C 73 -8.58 19.07 -23.08
N ALA C 74 -7.50 18.29 -22.98
CA ALA C 74 -7.58 16.84 -23.15
C ALA C 74 -8.32 16.15 -22.00
N TYR C 75 -8.43 16.84 -20.87
CA TYR C 75 -9.09 16.34 -19.67
C TYR C 75 -8.22 15.30 -18.98
N TRP C 76 -7.80 14.28 -19.73
CA TRP C 76 -6.92 13.23 -19.22
C TRP C 76 -5.52 13.79 -19.46
N ARG C 77 -4.92 14.36 -18.41
CA ARG C 77 -3.63 15.01 -18.52
C ARG C 77 -2.35 14.18 -18.39
N ARG C 78 -1.26 14.77 -18.89
CA ARG C 78 0.06 14.16 -18.84
C ARG C 78 0.14 12.88 -19.68
N GLY C 79 1.27 12.19 -19.59
CA GLY C 79 1.45 10.96 -20.34
C GLY C 79 2.40 11.07 -21.51
N PRO C 80 3.10 9.98 -21.86
CA PRO C 80 4.05 10.02 -22.98
C PRO C 80 3.43 10.38 -24.32
N VAL C 81 2.30 9.76 -24.65
CA VAL C 81 1.64 10.03 -25.94
C VAL C 81 1.12 11.46 -25.98
N THR C 82 0.42 11.86 -24.92
CA THR C 82 -0.16 13.19 -24.81
C THR C 82 0.87 14.30 -24.91
N MET C 83 1.94 14.19 -24.13
CA MET C 83 2.96 15.24 -24.13
C MET C 83 3.81 15.29 -25.39
N ARG C 84 3.94 14.17 -26.11
CA ARG C 84 4.72 14.16 -27.34
C ARG C 84 3.94 14.97 -28.38
N ALA C 85 2.61 14.81 -28.35
CA ALA C 85 1.75 15.53 -29.27
C ALA C 85 1.81 17.02 -28.96
N ILE C 86 1.75 17.35 -27.66
CA ILE C 86 1.81 18.75 -27.24
C ILE C 86 3.17 19.36 -27.62
N ALA C 87 4.24 18.61 -27.40
CA ALA C 87 5.57 19.08 -27.72
C ALA C 87 5.70 19.41 -29.20
N ALA C 88 5.17 18.53 -30.05
CA ALA C 88 5.22 18.71 -31.50
C ALA C 88 4.59 20.05 -31.88
N VAL C 89 3.44 20.33 -31.29
CA VAL C 89 2.72 21.57 -31.54
C VAL C 89 3.56 22.75 -31.07
N ASP C 90 4.03 22.68 -29.83
CA ASP C 90 4.82 23.75 -29.25
C ASP C 90 6.06 24.06 -30.09
N MET C 91 6.76 23.02 -30.54
CA MET C 91 7.96 23.23 -31.34
C MET C 91 7.63 23.92 -32.66
N ALA C 92 6.55 23.48 -33.30
CA ALA C 92 6.13 24.08 -34.56
C ALA C 92 5.80 25.56 -34.34
N LEU C 93 5.02 25.84 -33.30
CA LEU C 93 4.63 27.23 -33.01
C LEU C 93 5.80 28.16 -32.71
N TRP C 94 6.78 27.67 -31.97
CA TRP C 94 7.96 28.50 -31.66
C TRP C 94 8.76 28.71 -32.94
N ASP C 95 8.76 27.72 -33.81
CA ASP C 95 9.49 27.78 -35.07
C ASP C 95 8.88 28.92 -35.91
N ILE C 96 7.55 28.96 -35.96
CA ILE C 96 6.83 29.99 -36.69
C ILE C 96 7.14 31.38 -36.11
N LYS C 97 7.04 31.49 -34.79
CA LYS C 97 7.28 32.77 -34.13
C LYS C 97 8.71 33.26 -34.32
N ALA C 98 9.68 32.35 -34.31
CA ALA C 98 11.07 32.76 -34.50
C ALA C 98 11.24 33.26 -35.94
N LYS C 99 10.64 32.55 -36.88
CA LYS C 99 10.70 32.93 -38.28
C LYS C 99 10.07 34.31 -38.47
N MET C 100 8.86 34.48 -37.97
CA MET C 100 8.17 35.76 -38.08
C MET C 100 8.98 36.87 -37.43
N ALA C 101 9.79 36.51 -36.45
CA ALA C 101 10.63 37.48 -35.76
C ALA C 101 11.91 37.72 -36.55
N GLY C 102 12.23 36.80 -37.44
CA GLY C 102 13.43 36.93 -38.26
C GLY C 102 14.71 36.66 -37.48
N MET C 103 14.62 35.80 -36.48
CA MET C 103 15.79 35.46 -35.69
C MET C 103 15.81 34.00 -35.27
N PRO C 104 17.00 33.48 -34.92
CA PRO C 104 17.08 32.07 -34.51
C PRO C 104 16.37 31.93 -33.16
N LEU C 105 15.71 30.80 -32.95
CA LEU C 105 14.96 30.58 -31.72
C LEU C 105 15.64 30.98 -30.41
N TYR C 106 16.92 30.66 -30.23
CA TYR C 106 17.57 31.01 -28.97
C TYR C 106 17.46 32.49 -28.63
N GLN C 107 17.30 33.32 -29.65
CA GLN C 107 17.16 34.76 -29.43
C GLN C 107 15.85 35.10 -28.73
N LEU C 108 14.78 34.39 -29.09
CA LEU C 108 13.48 34.64 -28.46
C LEU C 108 13.44 34.15 -27.03
N LEU C 109 14.21 33.10 -26.73
CA LEU C 109 14.24 32.55 -25.38
C LEU C 109 14.92 33.46 -24.38
N GLY C 110 15.76 34.37 -24.87
CA GLY C 110 16.45 35.29 -23.98
C GLY C 110 17.88 35.58 -24.42
N GLY C 111 18.30 35.01 -25.53
CA GLY C 111 19.64 35.25 -26.01
C GLY C 111 20.65 34.16 -25.70
N ARG C 112 21.84 34.34 -26.25
CA ARG C 112 22.94 33.40 -26.09
C ARG C 112 23.60 33.53 -24.72
N SER C 113 23.82 32.39 -24.06
CA SER C 113 24.47 32.38 -22.75
C SER C 113 25.84 31.75 -22.86
N ARG C 114 26.07 31.05 -23.97
CA ARG C 114 27.35 30.37 -24.17
C ARG C 114 27.69 30.18 -25.64
N ASP C 115 28.95 29.85 -25.91
CA ASP C 115 29.43 29.63 -27.28
C ASP C 115 28.92 28.28 -27.81
N GLY C 116 29.58 27.21 -27.36
CA GLY C 116 29.19 25.89 -27.81
C GLY C 116 28.48 25.08 -26.73
N ILE C 117 27.87 23.98 -27.16
CA ILE C 117 27.13 23.08 -26.28
C ILE C 117 27.92 21.80 -26.05
N MET C 118 28.48 21.64 -24.85
CA MET C 118 29.23 20.44 -24.55
C MET C 118 28.32 19.22 -24.61
N VAL C 119 28.79 18.17 -25.26
CA VAL C 119 28.03 16.94 -25.39
C VAL C 119 28.84 15.79 -24.81
N TYR C 120 28.29 14.59 -24.86
CA TYR C 120 29.03 13.43 -24.40
C TYR C 120 28.81 12.29 -25.38
N GLY C 121 29.81 11.44 -25.55
CA GLY C 121 29.71 10.33 -26.47
C GLY C 121 29.32 9.03 -25.80
N HIS C 122 29.07 8.01 -26.63
CA HIS C 122 28.66 6.70 -26.14
C HIS C 122 29.68 5.62 -26.43
N ALA C 123 30.49 5.29 -25.43
CA ALA C 123 31.48 4.23 -25.59
C ALA C 123 30.88 2.93 -25.05
N ASN C 124 30.77 1.92 -25.91
CA ASN C 124 30.21 0.63 -25.51
C ASN C 124 31.24 -0.49 -25.67
N GLY C 125 31.05 -1.57 -24.92
CA GLY C 125 31.98 -2.70 -25.01
C GLY C 125 31.34 -3.93 -24.43
N SER C 126 31.72 -5.11 -24.93
CA SER C 126 31.15 -6.36 -24.41
C SER C 126 31.76 -6.64 -23.05
N ASP C 127 32.91 -6.03 -22.78
CA ASP C 127 33.58 -6.19 -21.49
C ASP C 127 34.42 -4.95 -21.18
N ILE C 128 34.99 -4.91 -19.99
CA ILE C 128 35.80 -3.77 -19.58
C ILE C 128 36.90 -3.42 -20.58
N ALA C 129 37.74 -4.39 -20.94
CA ALA C 129 38.82 -4.14 -21.90
C ALA C 129 38.30 -3.43 -23.15
N GLU C 130 37.27 -4.00 -23.75
CA GLU C 130 36.67 -3.45 -24.96
C GLU C 130 36.06 -2.07 -24.70
N THR C 131 35.42 -1.90 -23.54
CA THR C 131 34.80 -0.62 -23.19
C THR C 131 35.87 0.45 -22.96
N VAL C 132 37.00 0.05 -22.37
CA VAL C 132 38.09 0.97 -22.10
C VAL C 132 38.67 1.48 -23.43
N GLU C 133 38.78 0.58 -24.41
CA GLU C 133 39.30 0.95 -25.72
C GLU C 133 38.35 1.94 -26.37
N ALA C 134 37.05 1.68 -26.25
CA ALA C 134 36.03 2.54 -26.83
C ALA C 134 36.06 3.95 -26.22
N VAL C 135 36.27 4.03 -24.91
CA VAL C 135 36.35 5.34 -24.28
C VAL C 135 37.54 6.07 -24.88
N GLY C 136 38.61 5.33 -25.13
CA GLY C 136 39.81 5.92 -25.71
C GLY C 136 39.50 6.49 -27.08
N HIS C 137 38.72 5.75 -27.87
CA HIS C 137 38.36 6.21 -29.20
C HIS C 137 37.62 7.54 -29.14
N TYR C 138 36.67 7.65 -28.22
CA TYR C 138 35.89 8.89 -28.08
C TYR C 138 36.75 10.05 -27.61
N ILE C 139 37.72 9.77 -26.76
CA ILE C 139 38.61 10.83 -26.29
C ILE C 139 39.41 11.30 -27.51
N ASP C 140 39.78 10.36 -28.37
CA ASP C 140 40.53 10.71 -29.58
C ASP C 140 39.67 11.41 -30.60
N MET C 141 38.34 11.29 -30.47
CA MET C 141 37.44 11.94 -31.40
C MET C 141 37.10 13.36 -30.94
N GLY C 142 37.77 13.79 -29.87
CA GLY C 142 37.55 15.14 -29.36
C GLY C 142 36.50 15.33 -28.26
N TYR C 143 35.90 14.25 -27.76
CA TYR C 143 34.89 14.39 -26.71
C TYR C 143 35.47 14.68 -25.33
N LYS C 144 34.90 15.66 -24.65
CA LYS C 144 35.34 16.03 -23.31
C LYS C 144 34.61 15.16 -22.27
N ALA C 145 33.48 14.61 -22.67
CA ALA C 145 32.68 13.76 -21.79
C ALA C 145 32.32 12.47 -22.49
N ILE C 146 32.41 11.35 -21.78
CA ILE C 146 32.09 10.08 -22.38
C ILE C 146 31.27 9.19 -21.45
N ARG C 147 30.19 8.62 -21.99
CA ARG C 147 29.38 7.70 -21.21
C ARG C 147 29.94 6.32 -21.50
N ALA C 148 30.24 5.55 -20.45
CA ALA C 148 30.81 4.22 -20.62
C ALA C 148 29.85 3.12 -20.17
N GLN C 149 29.46 2.26 -21.10
CA GLN C 149 28.57 1.15 -20.80
C GLN C 149 29.29 -0.13 -21.18
N THR C 150 29.26 -1.12 -20.30
CA THR C 150 29.91 -2.38 -20.60
C THR C 150 28.96 -3.57 -20.46
N GLY C 151 29.21 -4.61 -21.24
CA GLY C 151 28.40 -5.80 -21.13
C GLY C 151 28.92 -6.49 -19.89
N VAL C 152 28.09 -7.29 -19.23
CA VAL C 152 28.55 -7.99 -18.04
C VAL C 152 28.65 -9.48 -18.29
N PRO C 153 29.88 -10.01 -18.27
CA PRO C 153 30.09 -11.44 -18.50
C PRO C 153 29.40 -12.24 -17.38
N GLY C 154 28.55 -13.17 -17.78
CA GLY C 154 27.84 -13.95 -16.79
C GLY C 154 26.36 -13.66 -16.91
N ILE C 155 26.04 -12.46 -17.38
CA ILE C 155 24.65 -12.05 -17.57
C ILE C 155 24.19 -12.53 -18.94
N SER C 174 9.83 -7.30 -36.81
CA SER C 174 10.54 -6.99 -35.57
C SER C 174 9.64 -7.05 -34.35
N LEU C 175 10.19 -7.59 -33.27
CA LEU C 175 9.48 -7.69 -32.01
C LEU C 175 10.49 -7.32 -30.93
N PRO C 176 10.04 -7.01 -29.73
CA PRO C 176 10.99 -6.64 -28.68
C PRO C 176 11.97 -7.75 -28.32
N SER C 177 13.26 -7.41 -28.30
CA SER C 177 14.29 -8.37 -27.96
C SER C 177 14.32 -8.51 -26.45
N VAL C 178 14.65 -9.70 -25.98
CA VAL C 178 14.71 -9.95 -24.54
C VAL C 178 16.15 -9.97 -24.05
N THR C 179 16.49 -9.04 -23.16
CA THR C 179 17.84 -8.98 -22.61
C THR C 179 17.80 -9.50 -21.18
N GLY C 180 18.86 -10.19 -20.77
CA GLY C 180 18.91 -10.72 -19.42
C GLY C 180 19.53 -9.76 -18.44
N TRP C 181 19.28 -9.97 -17.16
CA TRP C 181 19.84 -9.10 -16.14
C TRP C 181 20.06 -9.76 -14.79
N ASP C 182 21.15 -9.37 -14.13
CA ASP C 182 21.49 -9.87 -12.80
C ASP C 182 22.23 -8.75 -12.08
N THR C 183 21.61 -8.21 -11.05
CA THR C 183 22.17 -7.09 -10.29
C THR C 183 23.49 -7.35 -9.57
N ARG C 184 23.59 -8.46 -8.84
CA ARG C 184 24.84 -8.75 -8.13
C ARG C 184 26.01 -8.78 -9.09
N LYS C 185 25.85 -9.43 -10.23
CA LYS C 185 26.93 -9.49 -11.21
C LYS C 185 27.33 -8.11 -11.69
N ALA C 186 26.35 -7.25 -11.94
CA ALA C 186 26.65 -5.89 -12.39
C ALA C 186 27.31 -5.08 -11.28
N LEU C 187 26.85 -5.27 -10.05
CA LEU C 187 27.42 -4.55 -8.92
C LEU C 187 28.88 -4.91 -8.74
N ASN C 188 29.24 -6.15 -9.05
CA ASN C 188 30.62 -6.58 -8.91
C ASN C 188 31.48 -6.14 -10.10
N TYR C 189 30.85 -5.96 -11.25
CA TYR C 189 31.57 -5.59 -12.47
C TYR C 189 31.71 -4.09 -12.79
N VAL C 190 30.60 -3.37 -12.80
CA VAL C 190 30.62 -1.93 -13.13
C VAL C 190 31.69 -1.10 -12.43
N PRO C 191 31.85 -1.25 -11.09
CA PRO C 191 32.86 -0.45 -10.42
C PRO C 191 34.26 -0.72 -10.97
N LYS C 192 34.52 -1.96 -11.38
CA LYS C 192 35.82 -2.31 -11.94
C LYS C 192 36.03 -1.60 -13.28
N LEU C 193 34.96 -1.37 -14.01
CA LEU C 193 35.07 -0.67 -15.29
C LEU C 193 35.65 0.73 -15.10
N PHE C 194 35.05 1.50 -14.19
CA PHE C 194 35.50 2.86 -13.94
C PHE C 194 36.83 2.98 -13.23
N GLU C 195 37.21 1.93 -12.51
CA GLU C 195 38.51 1.94 -11.85
C GLU C 195 39.55 1.84 -12.97
N GLU C 196 39.33 0.92 -13.90
CA GLU C 196 40.25 0.75 -15.01
C GLU C 196 40.29 1.99 -15.89
N LEU C 197 39.14 2.60 -16.11
CA LEU C 197 39.09 3.81 -16.93
C LEU C 197 39.94 4.91 -16.31
N ARG C 198 39.87 5.06 -15.00
CA ARG C 198 40.65 6.10 -14.34
C ARG C 198 42.13 5.73 -14.30
N LYS C 199 42.42 4.44 -14.13
CA LYS C 199 43.81 3.99 -14.12
C LYS C 199 44.44 4.29 -15.48
N THR C 200 43.64 4.11 -16.52
CA THR C 200 44.12 4.30 -17.88
C THR C 200 44.15 5.72 -18.41
N TYR C 201 43.08 6.49 -18.18
CA TYR C 201 43.03 7.85 -18.72
C TYR C 201 43.13 8.99 -17.72
N GLY C 202 43.19 8.70 -16.43
CA GLY C 202 43.30 9.76 -15.46
C GLY C 202 41.97 10.44 -15.19
N PHE C 203 42.01 11.58 -14.52
CA PHE C 203 40.80 12.30 -14.14
C PHE C 203 40.43 13.56 -14.93
N ASP C 204 41.06 13.78 -16.07
CA ASP C 204 40.77 14.96 -16.88
C ASP C 204 39.43 14.94 -17.61
N HIS C 205 38.98 13.76 -18.01
CA HIS C 205 37.72 13.64 -18.76
C HIS C 205 36.49 13.31 -17.91
N HIS C 206 35.34 13.80 -18.35
CA HIS C 206 34.07 13.56 -17.67
C HIS C 206 33.58 12.16 -18.02
N LEU C 207 33.38 11.32 -17.01
CA LEU C 207 32.90 9.97 -17.25
C LEU C 207 31.47 9.84 -16.72
N LEU C 208 30.60 9.25 -17.55
CA LEU C 208 29.20 9.08 -17.19
C LEU C 208 28.77 7.62 -17.29
N HIS C 209 27.78 7.25 -16.50
CA HIS C 209 27.26 5.90 -16.54
C HIS C 209 25.75 5.94 -16.45
N ASP C 210 25.11 5.08 -17.23
CA ASP C 210 23.67 5.00 -17.26
C ASP C 210 23.22 3.69 -16.59
N GLY C 211 22.61 3.80 -15.41
CA GLY C 211 22.15 2.63 -14.70
C GLY C 211 20.94 2.01 -15.39
N HIS C 212 20.29 2.81 -16.22
CA HIS C 212 19.16 2.36 -17.00
C HIS C 212 18.06 1.62 -16.22
N HIS C 213 17.62 2.22 -15.11
CA HIS C 213 16.52 1.70 -14.29
C HIS C 213 16.69 0.29 -13.72
N ARG C 214 17.89 -0.27 -13.82
CA ARG C 214 18.14 -1.64 -13.35
C ARG C 214 18.24 -1.91 -11.84
N TYR C 215 18.45 -0.87 -11.03
CA TYR C 215 18.65 -1.04 -9.58
C TYR C 215 17.56 -0.54 -8.64
N THR C 216 17.54 -1.12 -7.43
CA THR C 216 16.61 -0.68 -6.39
C THR C 216 17.33 0.48 -5.73
N PRO C 217 16.64 1.27 -4.89
CA PRO C 217 17.31 2.40 -4.23
C PRO C 217 18.56 2.00 -3.44
N GLN C 218 18.47 0.92 -2.66
CA GLN C 218 19.60 0.47 -1.87
C GLN C 218 20.76 0.05 -2.76
N GLU C 219 20.45 -0.67 -3.83
CA GLU C 219 21.48 -1.12 -4.76
C GLU C 219 22.13 0.08 -5.43
N ALA C 220 21.33 1.10 -5.74
CA ALA C 220 21.83 2.31 -6.38
C ALA C 220 22.78 3.07 -5.45
N ALA C 221 22.42 3.12 -4.17
CA ALA C 221 23.21 3.79 -3.15
C ALA C 221 24.55 3.07 -3.04
N ASN C 222 24.48 1.74 -3.05
CA ASN C 222 25.65 0.88 -2.97
C ASN C 222 26.53 1.16 -4.18
N LEU C 223 25.93 1.14 -5.36
CA LEU C 223 26.68 1.39 -6.59
C LEU C 223 27.30 2.79 -6.59
N GLY C 224 26.49 3.80 -6.29
CA GLY C 224 26.98 5.16 -6.26
C GLY C 224 28.18 5.30 -5.36
N LYS C 225 28.09 4.70 -4.17
CA LYS C 225 29.18 4.75 -3.21
C LYS C 225 30.44 4.08 -3.77
N MET C 226 30.28 2.93 -4.44
CA MET C 226 31.42 2.24 -5.02
C MET C 226 32.04 3.02 -6.17
N LEU C 227 31.28 3.93 -6.77
CA LEU C 227 31.79 4.71 -7.89
C LEU C 227 32.42 6.03 -7.45
N GLU C 228 32.18 6.41 -6.19
CA GLU C 228 32.71 7.66 -5.66
C GLU C 228 34.19 7.93 -5.90
N PRO C 229 35.05 6.90 -5.77
CA PRO C 229 36.49 7.12 -5.98
C PRO C 229 36.83 7.51 -7.41
N TYR C 230 35.92 7.24 -8.33
CA TYR C 230 36.20 7.54 -9.73
C TYR C 230 35.60 8.82 -10.28
N GLN C 231 35.04 9.63 -9.40
CA GLN C 231 34.49 10.93 -9.75
C GLN C 231 33.69 10.95 -11.06
N LEU C 232 32.54 10.30 -11.08
CA LEU C 232 31.73 10.31 -12.29
C LEU C 232 31.04 11.66 -12.46
N PHE C 233 30.73 12.01 -13.71
CA PHE C 233 30.03 13.25 -14.02
C PHE C 233 28.61 13.05 -13.47
N TRP C 234 28.10 11.83 -13.64
CA TRP C 234 26.79 11.47 -13.12
C TRP C 234 26.50 9.98 -13.26
N LEU C 235 25.56 9.52 -12.43
CA LEU C 235 25.07 8.15 -12.45
C LEU C 235 23.62 8.41 -12.86
N GLU C 236 23.24 7.90 -14.02
CA GLU C 236 21.93 8.14 -14.60
C GLU C 236 20.87 7.07 -14.37
N ASP C 237 19.62 7.52 -14.22
CA ASP C 237 18.48 6.64 -14.02
C ASP C 237 18.85 5.40 -13.20
N CYS C 238 19.47 5.61 -12.05
CA CYS C 238 19.90 4.48 -11.22
C CYS C 238 18.76 3.56 -10.81
N THR C 239 17.63 4.14 -10.43
CA THR C 239 16.47 3.36 -10.03
C THR C 239 15.20 3.99 -10.57
N PRO C 240 14.15 3.19 -10.83
CA PRO C 240 12.87 3.70 -11.35
C PRO C 240 12.39 4.85 -10.46
N ALA C 241 11.92 5.95 -11.07
CA ALA C 241 11.49 7.10 -10.28
C ALA C 241 9.99 7.46 -10.26
N GLU C 242 9.10 6.50 -10.47
CA GLU C 242 7.67 6.82 -10.43
C GLU C 242 7.42 7.37 -9.03
N ASN C 243 8.07 6.75 -8.05
CA ASN C 243 7.97 7.21 -6.68
C ASN C 243 9.23 8.06 -6.55
N GLN C 244 9.07 9.38 -6.59
CA GLN C 244 10.21 10.28 -6.50
C GLN C 244 11.00 10.17 -5.20
N GLU C 245 10.38 9.65 -4.16
CA GLU C 245 11.06 9.48 -2.87
C GLU C 245 12.13 8.41 -2.99
N ALA C 246 12.04 7.59 -4.04
CA ALA C 246 13.00 6.51 -4.27
C ALA C 246 14.44 7.00 -4.32
N PHE C 247 14.65 8.23 -4.75
CA PHE C 247 16.02 8.75 -4.82
C PHE C 247 16.57 9.24 -3.48
N ARG C 248 15.73 9.26 -2.45
CA ARG C 248 16.18 9.72 -1.14
C ARG C 248 17.25 8.85 -0.49
N LEU C 249 17.09 7.53 -0.56
CA LEU C 249 18.11 6.64 0.02
C LEU C 249 19.44 6.79 -0.71
N VAL C 250 19.37 6.89 -2.03
CA VAL C 250 20.58 7.02 -2.82
C VAL C 250 21.31 8.30 -2.43
N ARG C 251 20.62 9.43 -2.55
CA ARG C 251 21.19 10.73 -2.23
C ARG C 251 21.76 10.76 -0.82
N GLN C 252 21.16 10.00 0.08
CA GLN C 252 21.60 9.95 1.47
C GLN C 252 22.92 9.20 1.67
N HIS C 253 23.20 8.21 0.82
CA HIS C 253 24.41 7.43 0.99
C HIS C 253 25.60 7.64 0.05
N THR C 254 25.47 8.52 -0.93
CA THR C 254 26.59 8.76 -1.85
C THR C 254 26.66 10.19 -2.37
N VAL C 255 27.87 10.63 -2.71
CA VAL C 255 28.06 11.98 -3.26
C VAL C 255 28.22 11.91 -4.79
N THR C 256 28.06 10.72 -5.35
CA THR C 256 28.15 10.58 -6.81
C THR C 256 26.98 11.38 -7.39
N PRO C 257 27.23 12.20 -8.42
CA PRO C 257 26.15 12.99 -9.03
C PRO C 257 25.06 12.11 -9.63
N LEU C 258 23.80 12.49 -9.44
CA LEU C 258 22.68 11.72 -9.97
C LEU C 258 21.93 12.49 -11.04
N ALA C 259 21.49 11.77 -12.07
CA ALA C 259 20.74 12.35 -13.17
C ALA C 259 19.55 11.46 -13.49
N VAL C 260 18.46 12.05 -13.98
CA VAL C 260 17.27 11.27 -14.31
C VAL C 260 16.30 12.13 -15.12
N GLY C 261 15.31 11.50 -15.75
CA GLY C 261 14.32 12.28 -16.47
C GLY C 261 14.03 12.10 -17.95
N GLU C 262 14.89 11.40 -18.70
CA GLU C 262 14.63 11.24 -20.11
C GLU C 262 13.24 10.70 -20.41
N ILE C 263 12.68 9.88 -19.52
CA ILE C 263 11.34 9.37 -19.77
C ILE C 263 10.23 10.24 -19.16
N PHE C 264 10.60 11.32 -18.49
CA PHE C 264 9.60 12.21 -17.89
C PHE C 264 8.86 12.99 -18.99
N ASN C 265 7.57 13.27 -18.75
CA ASN C 265 6.81 14.03 -19.73
C ASN C 265 6.24 15.34 -19.19
N THR C 266 6.35 15.55 -17.88
CA THR C 266 5.89 16.81 -17.27
C THR C 266 6.74 17.16 -16.05
N ILE C 267 6.60 18.41 -15.61
CA ILE C 267 7.36 18.89 -14.47
C ILE C 267 6.98 18.14 -13.20
N TRP C 268 5.76 17.58 -13.19
CA TRP C 268 5.26 16.85 -12.02
C TRP C 268 5.98 15.53 -11.78
N ASP C 269 6.81 15.12 -12.74
CA ASP C 269 7.56 13.89 -12.59
C ASP C 269 8.89 14.17 -11.89
N ALA C 270 9.23 15.44 -11.75
CA ALA C 270 10.51 15.81 -11.13
C ALA C 270 10.47 16.90 -10.07
N GLU C 271 9.29 17.45 -9.80
CA GLU C 271 9.16 18.52 -8.81
C GLU C 271 9.81 18.17 -7.48
N ASP C 272 9.52 16.98 -6.96
CA ASP C 272 10.07 16.55 -5.69
C ASP C 272 11.54 16.20 -5.76
N LEU C 273 11.94 15.58 -6.87
CA LEU C 273 13.35 15.22 -7.04
C LEU C 273 14.19 16.48 -7.01
N ILE C 274 13.68 17.56 -7.60
CA ILE C 274 14.40 18.83 -7.64
C ILE C 274 14.32 19.58 -6.32
N GLN C 275 13.11 19.87 -5.86
CA GLN C 275 12.92 20.61 -4.62
C GLN C 275 13.52 19.97 -3.38
N ASN C 276 13.69 18.65 -3.39
CA ASN C 276 14.29 17.97 -2.26
C ASN C 276 15.78 17.79 -2.50
N GLN C 277 16.25 18.34 -3.62
CA GLN C 277 17.67 18.25 -4.01
C GLN C 277 18.16 16.81 -4.06
N LEU C 278 17.39 15.96 -4.74
CA LEU C 278 17.76 14.57 -4.86
C LEU C 278 18.57 14.31 -6.13
N ILE C 279 18.59 15.27 -7.05
CA ILE C 279 19.32 15.09 -8.31
C ILE C 279 20.15 16.31 -8.69
N ASP C 280 21.16 16.08 -9.52
CA ASP C 280 22.04 17.14 -9.98
C ASP C 280 21.77 17.58 -11.42
N TYR C 281 21.20 16.67 -12.21
CA TYR C 281 20.88 16.97 -13.60
C TYR C 281 19.49 16.43 -13.95
N ILE C 282 18.70 17.24 -14.64
CA ILE C 282 17.38 16.83 -15.07
C ILE C 282 17.52 16.53 -16.56
N ARG C 283 17.10 15.34 -16.96
CA ARG C 283 17.25 14.89 -18.34
C ARG C 283 16.08 15.06 -19.28
N ALA C 284 15.01 15.71 -18.81
CA ALA C 284 13.83 15.92 -19.64
C ALA C 284 14.21 16.60 -20.95
N THR C 285 13.51 16.25 -22.03
CA THR C 285 13.79 16.86 -23.32
C THR C 285 12.64 17.68 -23.86
N VAL C 286 12.90 18.40 -24.94
CA VAL C 286 11.90 19.25 -25.56
C VAL C 286 10.74 18.43 -26.14
N VAL C 287 11.05 17.23 -26.63
CA VAL C 287 10.02 16.38 -27.22
C VAL C 287 9.30 15.54 -26.16
N GLY C 288 10.01 15.13 -25.12
CA GLY C 288 9.38 14.32 -24.09
C GLY C 288 8.57 15.09 -23.07
N ALA C 289 9.00 16.31 -22.75
CA ALA C 289 8.32 17.13 -21.74
C ALA C 289 7.46 18.32 -22.19
N GLY C 290 6.78 18.19 -23.33
CA GLY C 290 5.90 19.25 -23.78
C GLY C 290 6.40 20.51 -24.46
N GLY C 291 7.52 20.43 -25.18
CA GLY C 291 8.03 21.60 -25.88
C GLY C 291 8.87 22.57 -25.08
N LEU C 292 9.26 23.67 -25.72
CA LEU C 292 10.08 24.69 -25.07
C LEU C 292 9.31 25.36 -23.94
N THR C 293 8.02 25.59 -24.18
CA THR C 293 7.15 26.23 -23.19
C THR C 293 7.23 25.57 -21.82
N HIS C 294 7.12 24.25 -21.80
CA HIS C 294 7.17 23.51 -20.55
C HIS C 294 8.58 23.18 -20.06
N LEU C 295 9.48 22.79 -20.97
CA LEU C 295 10.84 22.45 -20.57
C LEU C 295 11.46 23.64 -19.87
N ARG C 296 11.05 24.82 -20.30
CA ARG C 296 11.55 26.07 -19.71
C ARG C 296 11.17 26.16 -18.24
N ARG C 297 9.94 25.77 -17.94
CA ARG C 297 9.45 25.83 -16.57
C ARG C 297 10.24 24.83 -15.73
N ILE C 298 10.54 23.69 -16.33
CA ILE C 298 11.30 22.64 -15.62
C ILE C 298 12.73 23.10 -15.32
N ALA C 299 13.38 23.73 -16.30
CA ALA C 299 14.75 24.20 -16.11
C ALA C 299 14.79 25.30 -15.06
N ASP C 300 13.74 26.13 -15.05
CA ASP C 300 13.65 27.22 -14.10
C ASP C 300 13.55 26.67 -12.67
N LEU C 301 12.67 25.71 -12.46
CA LEU C 301 12.54 25.12 -11.13
C LEU C 301 13.87 24.51 -10.72
N ALA C 302 14.46 23.73 -11.62
CA ALA C 302 15.74 23.09 -11.36
C ALA C 302 16.80 24.12 -11.00
N SER C 303 16.69 25.28 -11.64
CA SER C 303 17.62 26.39 -11.42
C SER C 303 17.67 26.88 -9.99
N LEU C 304 16.51 26.91 -9.32
CA LEU C 304 16.45 27.38 -7.95
C LEU C 304 17.27 26.53 -6.98
N TYR C 305 17.49 25.28 -7.36
CA TYR C 305 18.26 24.36 -6.52
C TYR C 305 19.59 23.98 -7.15
N GLN C 306 20.05 24.79 -8.10
CA GLN C 306 21.30 24.59 -8.78
C GLN C 306 21.37 23.26 -9.54
N VAL C 307 20.21 22.74 -9.92
CA VAL C 307 20.15 21.52 -10.71
C VAL C 307 20.36 21.98 -12.15
N ARG C 308 21.16 21.25 -12.90
CA ARG C 308 21.44 21.62 -14.28
C ARG C 308 20.77 20.73 -15.30
N THR C 309 20.67 21.22 -16.53
CA THR C 309 20.05 20.46 -17.60
C THR C 309 21.06 19.49 -18.20
N GLY C 310 20.57 18.30 -18.54
CA GLY C 310 21.41 17.29 -19.15
C GLY C 310 20.52 16.55 -20.11
N CYS C 311 19.89 17.31 -20.99
CA CYS C 311 18.96 16.79 -21.99
C CYS C 311 19.32 15.49 -22.68
N HIS C 312 18.43 14.52 -22.54
CA HIS C 312 18.55 13.23 -23.18
C HIS C 312 18.69 13.57 -24.68
N GLY C 313 19.29 12.68 -25.46
CA GLY C 313 19.45 12.96 -26.87
C GLY C 313 19.90 11.78 -27.70
N ALA C 314 19.16 10.67 -27.60
CA ALA C 314 19.48 9.47 -28.37
C ALA C 314 18.91 9.69 -29.78
N THR C 315 19.27 8.82 -30.71
CA THR C 315 18.80 8.97 -32.08
C THR C 315 17.28 8.89 -32.28
N ASP C 316 16.56 8.35 -31.29
CA ASP C 316 15.10 8.26 -31.43
C ASP C 316 14.43 9.63 -31.28
N LEU C 317 15.26 10.66 -31.17
CA LEU C 317 14.81 12.05 -31.09
C LEU C 317 15.31 12.66 -32.40
N SER C 318 14.38 13.01 -33.29
CA SER C 318 14.74 13.58 -34.59
C SER C 318 15.54 14.89 -34.55
N PRO C 319 16.15 15.26 -35.70
CA PRO C 319 16.95 16.48 -35.84
C PRO C 319 16.17 17.73 -35.45
N VAL C 320 14.85 17.65 -35.53
CA VAL C 320 14.02 18.79 -35.17
C VAL C 320 14.18 19.02 -33.66
N THR C 321 14.11 17.94 -32.89
CA THR C 321 14.28 18.03 -31.45
C THR C 321 15.68 18.54 -31.12
N MET C 322 16.68 18.01 -31.80
CA MET C 322 18.06 18.42 -31.56
C MET C 322 18.22 19.90 -31.84
N GLY C 323 17.57 20.37 -32.90
CA GLY C 323 17.64 21.79 -33.25
C GLY C 323 17.04 22.63 -32.14
N CYS C 324 15.82 22.27 -31.72
CA CYS C 324 15.16 23.00 -30.66
C CYS C 324 15.97 22.86 -29.37
N ALA C 325 16.45 21.66 -29.12
CA ALA C 325 17.23 21.40 -27.92
C ALA C 325 18.48 22.26 -27.86
N LEU C 326 19.15 22.45 -29.00
CA LEU C 326 20.36 23.25 -29.03
C LEU C 326 20.07 24.73 -28.83
N HIS C 327 18.95 25.21 -29.38
CA HIS C 327 18.60 26.61 -29.17
C HIS C 327 18.32 26.76 -27.67
N PHE C 328 17.69 25.74 -27.09
CA PHE C 328 17.36 25.75 -25.66
C PHE C 328 18.66 25.78 -24.86
N ASP C 329 19.57 24.86 -25.20
CA ASP C 329 20.87 24.75 -24.51
C ASP C 329 21.72 26.00 -24.66
N THR C 330 21.57 26.71 -25.76
CA THR C 330 22.35 27.91 -26.00
C THR C 330 21.92 29.06 -25.09
N TRP C 331 20.66 29.04 -24.69
CA TRP C 331 20.11 30.08 -23.83
C TRP C 331 20.10 29.77 -22.34
N VAL C 332 19.54 28.61 -21.99
CA VAL C 332 19.39 28.22 -20.58
C VAL C 332 20.66 28.46 -19.77
N PRO C 333 20.55 29.30 -18.71
CA PRO C 333 21.71 29.59 -17.87
C PRO C 333 22.24 28.39 -17.11
N ASN C 334 21.35 27.59 -16.54
CA ASN C 334 21.79 26.41 -15.78
C ASN C 334 22.00 25.17 -16.66
N PHE C 335 22.68 25.38 -17.78
CA PHE C 335 22.99 24.28 -18.70
C PHE C 335 24.02 23.35 -18.07
N GLY C 336 23.89 22.06 -18.32
CA GLY C 336 24.84 21.09 -17.79
C GLY C 336 25.61 20.39 -18.89
N ILE C 337 24.88 19.62 -19.70
CA ILE C 337 25.49 18.88 -20.81
C ILE C 337 24.37 18.45 -21.75
N GLN C 338 24.72 18.04 -22.96
CA GLN C 338 23.74 17.60 -23.93
C GLN C 338 24.14 16.25 -24.53
N GLU C 339 23.27 15.26 -24.42
CA GLU C 339 23.56 13.95 -24.97
C GLU C 339 23.56 14.07 -26.50
N TYR C 340 24.50 13.38 -27.15
CA TYR C 340 24.59 13.44 -28.60
C TYR C 340 24.91 12.13 -29.29
N MET C 341 23.96 11.66 -30.09
CA MET C 341 24.14 10.44 -30.86
C MET C 341 23.86 10.84 -32.31
N ARG C 342 24.84 10.64 -33.19
CA ARG C 342 24.69 11.01 -34.59
C ARG C 342 23.58 10.25 -35.32
N HIS C 343 22.86 10.97 -36.19
CA HIS C 343 21.79 10.38 -36.99
C HIS C 343 22.43 9.87 -38.28
N THR C 344 21.71 9.03 -39.02
CA THR C 344 22.23 8.50 -40.28
C THR C 344 22.23 9.59 -41.34
N GLU C 345 23.00 9.39 -42.40
CA GLU C 345 23.09 10.35 -43.49
C GLU C 345 21.70 10.55 -44.11
N GLU C 346 20.97 9.46 -44.27
CA GLU C 346 19.63 9.53 -44.83
C GLU C 346 18.77 10.44 -43.96
N THR C 347 18.87 10.26 -42.65
CA THR C 347 18.11 11.08 -41.71
C THR C 347 18.48 12.55 -41.86
N ASP C 348 19.78 12.85 -41.86
CA ASP C 348 20.22 14.23 -42.01
C ASP C 348 19.74 14.82 -43.32
N ALA C 349 19.54 13.95 -44.31
CA ALA C 349 19.08 14.40 -45.64
C ALA C 349 17.61 14.79 -45.58
N VAL C 350 16.81 13.97 -44.89
CA VAL C 350 15.39 14.26 -44.77
C VAL C 350 15.15 15.47 -43.88
N PHE C 351 16.03 15.69 -42.91
CA PHE C 351 15.87 16.82 -41.99
C PHE C 351 17.00 17.85 -42.05
N PRO C 352 17.02 18.70 -43.08
CA PRO C 352 18.06 19.73 -43.20
C PRO C 352 18.05 20.55 -41.92
N HIS C 353 19.22 20.77 -41.34
CA HIS C 353 19.30 21.51 -40.09
C HIS C 353 20.50 22.45 -39.98
N ASP C 354 20.34 23.50 -39.20
CA ASP C 354 21.42 24.46 -39.01
C ASP C 354 22.14 24.33 -37.67
N TYR C 355 22.90 23.26 -37.52
CA TYR C 355 23.70 23.02 -36.33
C TYR C 355 24.82 22.06 -36.71
N TRP C 356 25.98 22.18 -36.05
CA TRP C 356 27.13 21.33 -36.37
C TRP C 356 27.95 20.94 -35.14
N PHE C 357 28.81 19.93 -35.32
CA PHE C 357 29.65 19.43 -34.25
C PHE C 357 31.09 19.90 -34.40
N GLU C 358 31.76 20.16 -33.28
CA GLU C 358 33.15 20.61 -33.31
C GLU C 358 33.85 20.46 -31.96
N LYS C 359 34.92 19.69 -31.96
CA LYS C 359 35.73 19.44 -30.77
C LYS C 359 34.89 19.17 -29.52
N GLY C 360 34.11 18.10 -29.56
CA GLY C 360 33.28 17.74 -28.43
C GLY C 360 32.16 18.70 -28.10
N GLU C 361 31.81 19.56 -29.06
CA GLU C 361 30.73 20.52 -28.85
C GLU C 361 29.77 20.57 -30.03
N LEU C 362 28.53 20.99 -29.76
CA LEU C 362 27.52 21.14 -30.79
C LEU C 362 27.23 22.63 -30.82
N PHE C 363 26.93 23.15 -32.01
CA PHE C 363 26.64 24.58 -32.18
C PHE C 363 25.37 24.75 -33.00
N VAL C 364 24.59 25.78 -32.69
CA VAL C 364 23.35 26.02 -33.42
C VAL C 364 23.53 27.26 -34.30
N GLY C 365 22.98 27.21 -35.52
CA GLY C 365 23.10 28.30 -36.46
C GLY C 365 22.16 29.48 -36.26
N GLU C 366 22.31 30.50 -37.11
CA GLU C 366 21.50 31.72 -37.04
C GLU C 366 20.21 31.70 -37.87
N THR C 367 19.94 30.58 -38.54
CA THR C 367 18.73 30.46 -39.34
C THR C 367 17.50 30.75 -38.49
N PRO C 368 16.61 31.65 -38.95
CA PRO C 368 15.41 31.96 -38.19
C PRO C 368 14.58 30.72 -37.92
N GLY C 369 13.89 30.68 -36.78
CA GLY C 369 13.12 29.51 -36.41
C GLY C 369 14.08 28.63 -35.64
N HIS C 370 13.81 27.33 -35.55
CA HIS C 370 14.74 26.46 -34.84
C HIS C 370 15.80 25.93 -35.81
N GLY C 371 15.82 26.50 -37.01
CA GLY C 371 16.80 26.12 -38.02
C GLY C 371 16.66 24.75 -38.67
N VAL C 372 15.54 24.08 -38.45
CA VAL C 372 15.37 22.75 -39.05
C VAL C 372 14.14 22.73 -39.94
N ASP C 373 14.20 21.88 -40.96
CA ASP C 373 13.08 21.76 -41.88
C ASP C 373 13.00 20.31 -42.31
N ILE C 374 11.96 19.95 -43.05
CA ILE C 374 11.81 18.58 -43.51
C ILE C 374 11.59 18.49 -45.02
N ASP C 375 12.29 17.56 -45.67
CA ASP C 375 12.14 17.36 -47.11
C ASP C 375 11.06 16.31 -47.29
N GLU C 376 9.82 16.76 -47.47
CA GLU C 376 8.70 15.85 -47.61
C GLU C 376 8.82 14.86 -48.77
N GLU C 377 9.28 15.35 -49.92
CA GLU C 377 9.42 14.48 -51.08
C GLU C 377 10.41 13.37 -50.76
N LEU C 378 11.51 13.71 -50.11
CA LEU C 378 12.51 12.72 -49.76
C LEU C 378 12.04 11.80 -48.63
N ALA C 379 11.30 12.36 -47.68
CA ALA C 379 10.80 11.57 -46.55
C ALA C 379 9.85 10.47 -47.03
N ALA C 380 9.11 10.76 -48.09
CA ALA C 380 8.17 9.80 -48.66
C ALA C 380 8.87 8.55 -49.19
N LYS C 381 10.18 8.65 -49.42
CA LYS C 381 10.95 7.52 -49.93
C LYS C 381 11.32 6.52 -48.84
N TYR C 382 11.09 6.89 -47.58
CA TYR C 382 11.42 6.00 -46.46
C TYR C 382 10.17 5.69 -45.63
N PRO C 383 9.38 4.68 -46.06
CA PRO C 383 8.15 4.25 -45.40
C PRO C 383 8.32 3.68 -43.99
N TYR C 384 7.32 3.93 -43.15
CA TYR C 384 7.32 3.46 -41.77
C TYR C 384 7.68 1.99 -41.68
N LYS C 385 8.52 1.66 -40.70
CA LYS C 385 8.97 0.30 -40.47
C LYS C 385 8.95 0.04 -38.95
N PRO C 386 7.93 -0.67 -38.46
CA PRO C 386 7.77 -0.99 -37.03
C PRO C 386 9.01 -1.56 -36.33
N ALA C 387 9.43 -0.89 -35.26
CA ALA C 387 10.58 -1.31 -34.48
C ALA C 387 10.28 -1.14 -32.99
N TYR C 388 10.54 -2.19 -32.22
CA TYR C 388 10.28 -2.21 -30.78
C TYR C 388 11.53 -2.02 -29.94
N LEU C 389 11.35 -1.44 -28.76
CA LEU C 389 12.44 -1.22 -27.84
C LEU C 389 12.54 -2.56 -27.09
N PRO C 390 13.74 -2.91 -26.59
CA PRO C 390 13.92 -4.18 -25.87
C PRO C 390 13.21 -4.24 -24.52
N VAL C 391 13.13 -5.45 -23.97
CA VAL C 391 12.53 -5.65 -22.66
C VAL C 391 13.55 -6.44 -21.87
N ALA C 392 13.51 -6.35 -20.55
CA ALA C 392 14.47 -7.07 -19.72
C ALA C 392 13.77 -8.05 -18.79
N ARG C 393 14.45 -9.15 -18.50
CA ARG C 393 13.93 -10.17 -17.59
C ARG C 393 15.08 -10.67 -16.73
N LEU C 394 14.78 -10.95 -15.46
CA LEU C 394 15.79 -11.45 -14.55
C LEU C 394 16.04 -12.91 -14.92
N GLU C 395 17.10 -13.49 -14.37
CA GLU C 395 17.45 -14.87 -14.67
C GLU C 395 16.35 -15.91 -14.43
N ASP C 396 15.41 -15.60 -13.54
CA ASP C 396 14.33 -16.55 -13.26
C ASP C 396 13.12 -16.30 -14.14
N GLY C 397 13.23 -15.32 -15.03
CA GLY C 397 12.13 -14.99 -15.93
C GLY C 397 11.34 -13.75 -15.53
N THR C 398 11.61 -13.22 -14.35
CA THR C 398 10.89 -12.04 -13.87
C THR C 398 11.01 -10.85 -14.80
N MET C 399 9.86 -10.26 -15.13
CA MET C 399 9.82 -9.09 -16.00
C MET C 399 10.51 -7.96 -15.21
N TRP C 400 11.49 -7.31 -15.84
CA TRP C 400 12.23 -6.25 -15.15
C TRP C 400 12.23 -4.96 -15.97
N ASN C 401 13.09 -4.03 -15.61
CA ASN C 401 13.18 -2.75 -16.31
C ASN C 401 14.36 -2.76 -17.28
N TRP C 402 14.09 -2.54 -18.56
CA TRP C 402 15.18 -2.51 -19.53
C TRP C 402 15.88 -1.15 -19.43
N MET D 1 -1.33 -23.11 -23.51
CA MET D 1 -2.25 -22.35 -24.42
C MET D 1 -1.65 -21.00 -24.75
N LYS D 2 -2.09 -20.41 -25.86
CA LYS D 2 -1.55 -19.13 -26.27
C LYS D 2 -2.61 -18.19 -26.82
N ILE D 3 -2.25 -16.92 -26.94
CA ILE D 3 -3.14 -15.90 -27.48
C ILE D 3 -3.03 -16.00 -29.01
N THR D 4 -4.16 -16.22 -29.68
CA THR D 4 -4.14 -16.33 -31.14
C THR D 4 -4.47 -15.01 -31.83
N ALA D 5 -5.07 -14.08 -31.09
CA ALA D 5 -5.42 -12.79 -31.66
C ALA D 5 -5.83 -11.78 -30.58
N ALA D 6 -5.62 -10.50 -30.90
CA ALA D 6 -5.96 -9.41 -30.00
C ALA D 6 -6.53 -8.33 -30.92
N ARG D 7 -7.84 -8.36 -31.12
CA ARG D 7 -8.48 -7.42 -32.03
C ARG D 7 -9.15 -6.24 -31.36
N VAL D 8 -9.10 -5.09 -32.04
CA VAL D 8 -9.69 -3.87 -31.54
C VAL D 8 -10.99 -3.60 -32.30
N ILE D 9 -12.08 -3.42 -31.56
CA ILE D 9 -13.37 -3.14 -32.14
C ILE D 9 -13.86 -1.76 -31.74
N ILE D 10 -14.21 -0.95 -32.73
CA ILE D 10 -14.71 0.39 -32.47
C ILE D 10 -16.21 0.40 -32.79
N THR D 11 -16.97 1.17 -32.03
CA THR D 11 -18.42 1.27 -32.24
C THR D 11 -18.97 2.53 -31.58
N CYS D 12 -20.05 3.08 -32.14
CA CYS D 12 -20.64 4.29 -31.59
C CYS D 12 -22.16 4.22 -31.46
N PRO D 13 -22.67 3.30 -30.63
CA PRO D 13 -24.13 3.17 -30.45
C PRO D 13 -24.61 4.15 -29.37
N GLY D 14 -24.35 5.42 -29.58
CA GLY D 14 -24.74 6.44 -28.62
C GLY D 14 -23.54 7.33 -28.36
N ARG D 15 -22.37 6.70 -28.32
CA ARG D 15 -21.10 7.40 -28.12
C ARG D 15 -20.00 6.40 -28.45
N ASN D 16 -18.79 6.91 -28.70
CA ASN D 16 -17.67 6.05 -29.04
C ASN D 16 -17.20 5.10 -27.94
N PHE D 17 -17.02 3.85 -28.32
CA PHE D 17 -16.53 2.82 -27.40
C PHE D 17 -15.50 1.98 -28.14
N VAL D 18 -14.36 1.75 -27.49
CA VAL D 18 -13.31 0.93 -28.07
C VAL D 18 -13.19 -0.29 -27.19
N THR D 19 -13.18 -1.46 -27.82
CA THR D 19 -13.10 -2.71 -27.08
C THR D 19 -12.00 -3.62 -27.60
N LEU D 20 -11.33 -4.31 -26.68
CA LEU D 20 -10.27 -5.24 -27.05
C LEU D 20 -10.77 -6.66 -26.83
N LYS D 21 -10.58 -7.51 -27.82
CA LYS D 21 -11.00 -8.89 -27.71
C LYS D 21 -9.80 -9.78 -27.90
N ILE D 22 -9.43 -10.51 -26.86
CA ILE D 22 -8.29 -11.41 -26.91
C ILE D 22 -8.79 -12.83 -27.14
N GLU D 23 -8.34 -13.43 -28.22
CA GLU D 23 -8.74 -14.79 -28.57
C GLU D 23 -7.61 -15.77 -28.31
N THR D 24 -7.97 -17.00 -27.97
CA THR D 24 -6.98 -18.02 -27.67
C THR D 24 -7.17 -19.27 -28.53
N ASP D 25 -6.19 -20.16 -28.46
CA ASP D 25 -6.23 -21.40 -29.22
C ASP D 25 -6.98 -22.43 -28.38
N GLN D 26 -7.70 -21.94 -27.38
CA GLN D 26 -8.47 -22.78 -26.47
C GLN D 26 -9.96 -22.53 -26.67
N GLY D 27 -10.29 -21.69 -27.64
CA GLY D 27 -11.69 -21.38 -27.90
C GLY D 27 -12.18 -20.21 -27.08
N VAL D 28 -11.86 -20.22 -25.79
CA VAL D 28 -12.26 -19.16 -24.88
C VAL D 28 -11.66 -17.80 -25.27
N TYR D 29 -12.39 -16.73 -25.00
CA TYR D 29 -11.92 -15.39 -25.32
C TYR D 29 -12.34 -14.40 -24.23
N GLY D 30 -11.65 -13.25 -24.18
CA GLY D 30 -12.00 -12.23 -23.20
C GLY D 30 -12.02 -10.85 -23.82
N ILE D 31 -12.76 -9.93 -23.22
CA ILE D 31 -12.83 -8.56 -23.74
C ILE D 31 -12.56 -7.52 -22.68
N GLY D 32 -11.95 -6.40 -23.10
CA GLY D 32 -11.64 -5.32 -22.18
C GLY D 32 -11.95 -3.96 -22.78
N ASP D 33 -12.30 -3.01 -21.94
CA ASP D 33 -12.63 -1.67 -22.40
C ASP D 33 -11.33 -0.88 -22.58
N ALA D 34 -11.32 0.01 -23.57
CA ALA D 34 -10.15 0.82 -23.86
C ALA D 34 -10.55 2.23 -24.29
N THR D 35 -11.76 2.63 -23.92
CA THR D 35 -12.28 3.93 -24.29
C THR D 35 -11.62 5.11 -23.55
N LEU D 36 -11.18 6.10 -24.31
CA LEU D 36 -10.57 7.31 -23.75
C LEU D 36 -11.34 8.46 -24.38
N ASN D 37 -12.35 8.94 -23.65
CA ASN D 37 -13.20 10.01 -24.15
C ASN D 37 -12.46 11.18 -24.79
N GLY D 38 -12.81 11.47 -26.04
CA GLY D 38 -12.21 12.57 -26.77
C GLY D 38 -10.86 12.32 -27.41
N ARG D 39 -10.30 11.13 -27.20
CA ARG D 39 -9.00 10.78 -27.76
C ARG D 39 -8.97 9.28 -28.01
N GLU D 40 -10.14 8.72 -28.33
CA GLU D 40 -10.31 7.29 -28.55
C GLU D 40 -9.35 6.59 -29.50
N LEU D 41 -9.13 7.18 -30.68
CA LEU D 41 -8.26 6.56 -31.68
C LEU D 41 -6.78 6.38 -31.29
N SER D 42 -6.26 7.25 -30.43
CA SER D 42 -4.86 7.10 -30.03
C SER D 42 -4.66 5.77 -29.32
N VAL D 43 -5.65 5.36 -28.52
CA VAL D 43 -5.56 4.09 -27.80
C VAL D 43 -5.68 2.94 -28.81
N VAL D 44 -6.47 3.15 -29.85
CA VAL D 44 -6.67 2.15 -30.89
C VAL D 44 -5.35 1.83 -31.58
N ALA D 45 -4.60 2.87 -31.93
CA ALA D 45 -3.31 2.71 -32.60
C ALA D 45 -2.28 2.10 -31.64
N TYR D 46 -2.30 2.57 -30.39
CA TYR D 46 -1.38 2.07 -29.37
C TYR D 46 -1.54 0.55 -29.29
N LEU D 47 -2.79 0.09 -29.19
CA LEU D 47 -3.08 -1.33 -29.10
C LEU D 47 -2.88 -2.10 -30.41
N GLN D 48 -3.58 -1.64 -31.44
CA GLN D 48 -3.55 -2.28 -32.74
C GLN D 48 -2.17 -2.28 -33.41
N GLU D 49 -1.46 -1.16 -33.33
CA GLU D 49 -0.15 -1.04 -33.97
C GLU D 49 1.06 -1.50 -33.16
N HIS D 50 0.95 -1.51 -31.84
CA HIS D 50 2.10 -1.88 -31.03
C HIS D 50 1.91 -3.02 -30.03
N VAL D 51 0.96 -2.87 -29.11
CA VAL D 51 0.73 -3.91 -28.10
C VAL D 51 0.23 -5.23 -28.67
N ALA D 52 -0.83 -5.19 -29.45
CA ALA D 52 -1.41 -6.40 -30.04
C ALA D 52 -0.38 -7.38 -30.61
N PRO D 53 0.48 -6.91 -31.53
CA PRO D 53 1.50 -7.78 -32.14
C PRO D 53 2.39 -8.52 -31.14
N CYS D 54 2.63 -7.90 -29.98
CA CYS D 54 3.47 -8.51 -28.97
C CYS D 54 2.75 -9.57 -28.16
N LEU D 55 1.44 -9.47 -28.07
CA LEU D 55 0.65 -10.43 -27.31
C LEU D 55 0.49 -11.79 -27.98
N ILE D 56 0.58 -11.83 -29.30
CA ILE D 56 0.43 -13.08 -30.03
C ILE D 56 1.46 -14.12 -29.62
N GLY D 57 0.99 -15.29 -29.23
CA GLY D 57 1.89 -16.35 -28.82
C GLY D 57 2.11 -16.46 -27.33
N MET D 58 1.70 -15.43 -26.58
CA MET D 58 1.87 -15.44 -25.13
C MET D 58 0.80 -16.26 -24.41
N ASP D 59 1.14 -16.75 -23.22
CA ASP D 59 0.23 -17.52 -22.39
C ASP D 59 -0.70 -16.53 -21.67
N PRO D 60 -1.97 -16.45 -22.09
CA PRO D 60 -2.97 -15.55 -21.50
C PRO D 60 -3.22 -15.76 -20.01
N ARG D 61 -2.75 -16.87 -19.48
CA ARG D 61 -2.93 -17.16 -18.06
C ARG D 61 -1.98 -16.35 -17.19
N ARG D 62 -0.93 -15.82 -17.81
CA ARG D 62 0.07 -15.03 -17.07
C ARG D 62 -0.30 -13.56 -17.05
N ILE D 63 -1.41 -13.26 -16.37
CA ILE D 63 -1.93 -11.90 -16.26
C ILE D 63 -0.91 -10.92 -15.69
N GLU D 64 -0.36 -11.24 -14.52
CA GLU D 64 0.63 -10.39 -13.88
C GLU D 64 1.83 -10.13 -14.78
N ASP D 65 2.38 -11.20 -15.35
CA ASP D 65 3.54 -11.08 -16.23
C ASP D 65 3.27 -10.20 -17.44
N ILE D 66 2.12 -10.41 -18.07
CA ILE D 66 1.75 -9.62 -19.23
C ILE D 66 1.57 -8.15 -18.84
N TRP D 67 1.01 -7.92 -17.65
CA TRP D 67 0.80 -6.56 -17.16
C TRP D 67 2.14 -5.84 -17.04
N GLN D 68 3.10 -6.51 -16.41
CA GLN D 68 4.43 -5.95 -16.21
C GLN D 68 5.12 -5.76 -17.57
N TYR D 69 4.93 -6.73 -18.46
CA TYR D 69 5.52 -6.67 -19.78
C TYR D 69 5.06 -5.41 -20.52
N VAL D 70 3.75 -5.17 -20.51
CA VAL D 70 3.19 -4.01 -21.18
C VAL D 70 3.45 -2.69 -20.46
N TYR D 71 3.47 -2.74 -19.13
CA TYR D 71 3.72 -1.53 -18.35
C TYR D 71 5.19 -1.11 -18.41
N ARG D 72 6.09 -2.06 -18.11
CA ARG D 72 7.52 -1.78 -18.13
C ARG D 72 8.10 -1.72 -19.55
N GLY D 73 7.72 -2.70 -20.37
CA GLY D 73 8.23 -2.78 -21.73
C GLY D 73 8.05 -1.55 -22.59
N ALA D 74 7.00 -0.78 -22.33
CA ALA D 74 6.72 0.44 -23.10
C ALA D 74 7.84 1.46 -22.96
N TYR D 75 8.63 1.30 -21.90
CA TYR D 75 9.75 2.20 -21.59
C TYR D 75 9.25 3.56 -21.12
N TRP D 76 8.39 4.19 -21.92
CA TRP D 76 7.80 5.47 -21.58
C TRP D 76 6.57 5.08 -20.78
N ARG D 77 6.71 5.13 -19.45
CA ARG D 77 5.67 4.70 -18.53
C ARG D 77 4.53 5.64 -18.14
N ARG D 78 3.43 5.04 -17.70
CA ARG D 78 2.24 5.77 -17.25
C ARG D 78 1.60 6.58 -18.37
N GLY D 79 0.54 7.31 -18.04
CA GLY D 79 -0.14 8.12 -19.03
C GLY D 79 -1.54 7.62 -19.33
N PRO D 80 -2.46 8.50 -19.73
CA PRO D 80 -3.84 8.11 -20.04
C PRO D 80 -3.98 7.13 -21.20
N VAL D 81 -3.25 7.38 -22.28
CA VAL D 81 -3.31 6.51 -23.44
C VAL D 81 -2.75 5.14 -23.12
N THR D 82 -1.54 5.13 -22.55
CA THR D 82 -0.85 3.91 -22.17
C THR D 82 -1.62 3.02 -21.19
N MET D 83 -2.15 3.62 -20.12
CA MET D 83 -2.87 2.84 -19.12
C MET D 83 -4.21 2.30 -19.61
N ARG D 84 -4.84 2.98 -20.55
CA ARG D 84 -6.12 2.52 -21.09
C ARG D 84 -5.84 1.22 -21.86
N ALA D 85 -4.73 1.20 -22.58
CA ALA D 85 -4.34 0.03 -23.37
C ALA D 85 -4.04 -1.14 -22.46
N ILE D 86 -3.34 -0.87 -21.36
CA ILE D 86 -2.99 -1.90 -20.40
C ILE D 86 -4.24 -2.42 -19.70
N ALA D 87 -5.13 -1.49 -19.37
CA ALA D 87 -6.38 -1.84 -18.69
C ALA D 87 -7.18 -2.80 -19.57
N ALA D 88 -7.30 -2.45 -20.86
CA ALA D 88 -8.05 -3.26 -21.82
C ALA D 88 -7.50 -4.68 -21.88
N VAL D 89 -6.18 -4.80 -21.90
CA VAL D 89 -5.54 -6.11 -21.95
C VAL D 89 -5.80 -6.86 -20.65
N ASP D 90 -5.65 -6.17 -19.52
CA ASP D 90 -5.83 -6.76 -18.21
C ASP D 90 -7.26 -7.26 -17.99
N MET D 91 -8.23 -6.46 -18.42
CA MET D 91 -9.64 -6.85 -18.27
C MET D 91 -9.95 -8.12 -19.06
N ALA D 92 -9.48 -8.18 -20.31
CA ALA D 92 -9.72 -9.34 -21.16
C ALA D 92 -9.11 -10.61 -20.58
N LEU D 93 -7.93 -10.49 -19.98
CA LEU D 93 -7.25 -11.64 -19.39
C LEU D 93 -7.96 -12.14 -18.14
N TRP D 94 -8.42 -11.22 -17.30
CA TRP D 94 -9.13 -11.62 -16.10
C TRP D 94 -10.46 -12.24 -16.50
N ASP D 95 -10.99 -11.77 -17.63
CA ASP D 95 -12.25 -12.27 -18.15
C ASP D 95 -12.00 -13.72 -18.58
N ILE D 96 -10.88 -13.96 -19.24
CA ILE D 96 -10.52 -15.29 -19.69
C ILE D 96 -10.25 -16.22 -18.52
N LYS D 97 -9.55 -15.71 -17.50
CA LYS D 97 -9.23 -16.55 -16.35
C LYS D 97 -10.49 -16.94 -15.59
N ALA D 98 -11.43 -16.00 -15.45
CA ALA D 98 -12.66 -16.27 -14.74
C ALA D 98 -13.52 -17.29 -15.48
N LYS D 99 -13.53 -17.20 -16.81
CA LYS D 99 -14.30 -18.13 -17.64
C LYS D 99 -13.71 -19.51 -17.48
N MET D 100 -12.38 -19.61 -17.55
CA MET D 100 -11.70 -20.89 -17.40
C MET D 100 -11.90 -21.49 -16.02
N ALA D 101 -12.08 -20.65 -15.00
CA ALA D 101 -12.28 -21.16 -13.65
C ALA D 101 -13.76 -21.48 -13.45
N GLY D 102 -14.58 -21.06 -14.41
CA GLY D 102 -16.01 -21.31 -14.30
C GLY D 102 -16.64 -20.51 -13.18
N MET D 103 -16.12 -19.32 -12.92
CA MET D 103 -16.66 -18.49 -11.85
C MET D 103 -16.79 -17.04 -12.25
N PRO D 104 -17.71 -16.31 -11.60
CA PRO D 104 -17.84 -14.91 -11.97
C PRO D 104 -16.53 -14.30 -11.41
N LEU D 105 -16.04 -13.25 -12.06
CA LEU D 105 -14.79 -12.61 -11.66
C LEU D 105 -14.58 -12.27 -10.17
N TYR D 106 -15.57 -11.66 -9.52
CA TYR D 106 -15.39 -11.29 -8.12
C TYR D 106 -14.96 -12.46 -7.24
N GLN D 107 -15.31 -13.68 -7.64
CA GLN D 107 -14.94 -14.87 -6.87
C GLN D 107 -13.44 -15.07 -6.87
N LEU D 108 -12.79 -14.77 -8.00
CA LEU D 108 -11.33 -14.92 -8.09
C LEU D 108 -10.61 -13.84 -7.30
N LEU D 109 -11.21 -12.66 -7.19
CA LEU D 109 -10.61 -11.55 -6.47
C LEU D 109 -10.62 -11.80 -4.96
N GLY D 110 -11.47 -12.71 -4.51
CA GLY D 110 -11.56 -13.00 -3.09
C GLY D 110 -12.97 -13.24 -2.56
N GLY D 111 -13.93 -13.32 -3.47
CA GLY D 111 -15.30 -13.56 -3.06
C GLY D 111 -16.07 -12.29 -2.72
N ARG D 112 -17.36 -12.49 -2.45
CA ARG D 112 -18.30 -11.43 -2.14
C ARG D 112 -18.14 -10.85 -0.72
N SER D 113 -18.08 -9.52 -0.62
CA SER D 113 -17.96 -8.83 0.66
C SER D 113 -19.28 -8.15 1.00
N ARG D 114 -20.11 -7.96 -0.02
CA ARG D 114 -21.41 -7.31 0.17
C ARG D 114 -22.39 -7.81 -0.87
N ASP D 115 -23.66 -7.45 -0.70
CA ASP D 115 -24.70 -7.85 -1.62
C ASP D 115 -24.84 -6.82 -2.74
N GLY D 116 -25.47 -5.69 -2.43
CA GLY D 116 -25.65 -4.67 -3.43
C GLY D 116 -24.55 -3.62 -3.42
N ILE D 117 -24.42 -2.91 -4.53
CA ILE D 117 -23.41 -1.87 -4.71
C ILE D 117 -24.11 -0.53 -4.70
N MET D 118 -23.92 0.25 -3.64
CA MET D 118 -24.57 1.56 -3.58
C MET D 118 -24.03 2.50 -4.65
N VAL D 119 -24.95 3.20 -5.32
CA VAL D 119 -24.55 4.13 -6.37
C VAL D 119 -25.13 5.51 -6.06
N TYR D 120 -24.80 6.48 -6.90
CA TYR D 120 -25.35 7.81 -6.73
C TYR D 120 -25.78 8.26 -8.12
N GLY D 121 -26.84 9.06 -8.19
CA GLY D 121 -27.35 9.53 -9.46
C GLY D 121 -26.92 10.96 -9.78
N HIS D 122 -27.23 11.41 -10.99
CA HIS D 122 -26.87 12.75 -11.42
C HIS D 122 -28.04 13.72 -11.56
N ALA D 123 -28.26 14.50 -10.51
CA ALA D 123 -29.34 15.49 -10.50
C ALA D 123 -28.74 16.86 -10.84
N ASN D 124 -29.30 17.50 -11.86
CA ASN D 124 -28.81 18.82 -12.24
C ASN D 124 -29.92 19.70 -12.79
N GLY D 125 -29.60 20.98 -12.95
CA GLY D 125 -30.56 21.93 -13.45
C GLY D 125 -29.90 23.25 -13.75
N SER D 126 -30.59 24.11 -14.47
CA SER D 126 -30.08 25.42 -14.85
C SER D 126 -29.93 26.33 -13.63
N ASP D 127 -30.65 26.00 -12.57
CA ASP D 127 -30.60 26.77 -11.34
C ASP D 127 -30.95 25.89 -10.15
N ILE D 128 -30.93 26.48 -8.96
CA ILE D 128 -31.23 25.74 -7.74
C ILE D 128 -32.59 25.07 -7.76
N ALA D 129 -33.63 25.84 -8.06
CA ALA D 129 -34.99 25.31 -8.10
C ALA D 129 -35.08 24.04 -8.95
N GLU D 130 -34.53 24.12 -10.16
CA GLU D 130 -34.55 23.00 -11.09
C GLU D 130 -33.73 21.83 -10.54
N THR D 131 -32.56 22.13 -9.98
CA THR D 131 -31.70 21.10 -9.42
C THR D 131 -32.40 20.45 -8.22
N VAL D 132 -33.07 21.25 -7.40
CA VAL D 132 -33.77 20.71 -6.23
C VAL D 132 -34.88 19.78 -6.65
N GLU D 133 -35.54 20.10 -7.76
CA GLU D 133 -36.61 19.25 -8.26
C GLU D 133 -35.99 17.95 -8.78
N ALA D 134 -34.80 18.07 -9.36
CA ALA D 134 -34.09 16.90 -9.89
C ALA D 134 -33.71 15.90 -8.80
N VAL D 135 -33.20 16.40 -7.68
CA VAL D 135 -32.82 15.52 -6.58
C VAL D 135 -34.02 14.73 -6.07
N GLY D 136 -35.14 15.42 -5.92
CA GLY D 136 -36.36 14.77 -5.44
C GLY D 136 -36.78 13.64 -6.36
N HIS D 137 -36.51 13.80 -7.65
CA HIS D 137 -36.85 12.78 -8.63
C HIS D 137 -36.04 11.52 -8.37
N TYR D 138 -34.73 11.69 -8.14
CA TYR D 138 -33.85 10.56 -7.88
C TYR D 138 -34.20 9.93 -6.54
N ILE D 139 -34.60 10.75 -5.58
CA ILE D 139 -34.99 10.21 -4.29
C ILE D 139 -36.23 9.36 -4.56
N ASP D 140 -37.13 9.89 -5.39
CA ASP D 140 -38.35 9.15 -5.73
C ASP D 140 -38.04 7.81 -6.40
N MET D 141 -36.90 7.72 -7.08
CA MET D 141 -36.53 6.48 -7.74
C MET D 141 -35.78 5.51 -6.83
N GLY D 142 -35.65 5.87 -5.55
CA GLY D 142 -34.97 4.98 -4.62
C GLY D 142 -33.47 5.18 -4.44
N TYR D 143 -32.93 6.26 -4.98
CA TYR D 143 -31.50 6.52 -4.83
C TYR D 143 -31.17 6.94 -3.40
N LYS D 144 -30.15 6.31 -2.82
CA LYS D 144 -29.72 6.60 -1.47
C LYS D 144 -28.72 7.76 -1.46
N ALA D 145 -28.10 7.99 -2.61
CA ALA D 145 -27.10 9.05 -2.76
C ALA D 145 -27.33 9.80 -4.07
N ILE D 146 -27.23 11.12 -4.02
CA ILE D 146 -27.43 11.92 -5.22
C ILE D 146 -26.40 13.03 -5.37
N ARG D 147 -25.84 13.14 -6.57
CA ARG D 147 -24.90 14.20 -6.85
C ARG D 147 -25.74 15.34 -7.40
N ALA D 148 -25.55 16.53 -6.84
CA ALA D 148 -26.32 17.69 -7.28
C ALA D 148 -25.41 18.74 -7.93
N GLN D 149 -25.67 19.02 -9.20
CA GLN D 149 -24.90 20.01 -9.95
C GLN D 149 -25.89 21.05 -10.45
N THR D 150 -25.53 22.32 -10.33
CA THR D 150 -26.41 23.38 -10.78
C THR D 150 -25.66 24.37 -11.66
N GLY D 151 -26.38 25.02 -12.56
CA GLY D 151 -25.75 26.01 -13.41
C GLY D 151 -25.70 27.27 -12.57
N VAL D 152 -24.76 28.14 -12.84
CA VAL D 152 -24.64 29.37 -12.09
C VAL D 152 -25.06 30.56 -12.95
N PRO D 153 -26.18 31.21 -12.60
CA PRO D 153 -26.65 32.36 -13.36
C PRO D 153 -25.56 33.43 -13.41
N GLY D 154 -25.16 33.81 -14.61
CA GLY D 154 -24.13 34.83 -14.76
C GLY D 154 -22.87 34.26 -15.39
N ILE D 155 -22.90 32.98 -15.73
CA ILE D 155 -21.74 32.33 -16.36
C ILE D 155 -22.08 31.83 -17.76
N ALA D 173 -19.54 19.44 -29.67
CA ALA D 173 -19.61 18.07 -30.13
C ALA D 173 -18.52 17.79 -31.18
N SER D 174 -18.79 18.15 -32.43
CA SER D 174 -17.83 17.94 -33.52
C SER D 174 -16.49 18.58 -33.17
N LEU D 175 -16.53 19.62 -32.35
CA LEU D 175 -15.33 20.32 -31.89
C LEU D 175 -15.53 20.66 -30.42
N PRO D 176 -14.42 20.86 -29.69
CA PRO D 176 -14.54 21.19 -28.27
C PRO D 176 -15.39 22.43 -28.03
N SER D 177 -16.57 22.25 -27.45
CA SER D 177 -17.43 23.39 -27.15
C SER D 177 -16.74 24.15 -26.02
N VAL D 178 -16.98 25.45 -25.95
CA VAL D 178 -16.36 26.29 -24.93
C VAL D 178 -17.35 26.73 -23.86
N THR D 179 -17.00 26.51 -22.60
CA THR D 179 -17.85 26.89 -21.48
C THR D 179 -17.14 27.93 -20.64
N GLY D 180 -17.90 28.91 -20.16
CA GLY D 180 -17.31 29.97 -19.34
C GLY D 180 -17.29 29.60 -17.87
N TRP D 181 -16.53 30.36 -17.09
CA TRP D 181 -16.42 30.10 -15.67
C TRP D 181 -15.95 31.31 -14.86
N ASP D 182 -16.52 31.45 -13.66
CA ASP D 182 -16.16 32.52 -12.74
C ASP D 182 -16.30 31.94 -11.35
N THR D 183 -15.18 31.89 -10.63
CA THR D 183 -15.17 31.31 -9.30
C THR D 183 -16.01 32.05 -8.26
N ARG D 184 -15.84 33.37 -8.18
CA ARG D 184 -16.58 34.15 -7.20
C ARG D 184 -18.09 33.89 -7.32
N LYS D 185 -18.61 33.88 -8.54
CA LYS D 185 -20.03 33.64 -8.73
C LYS D 185 -20.43 32.26 -8.22
N ALA D 186 -19.61 31.26 -8.48
CA ALA D 186 -19.88 29.89 -8.04
C ALA D 186 -19.83 29.77 -6.51
N LEU D 187 -18.87 30.45 -5.90
CA LEU D 187 -18.70 30.43 -4.45
C LEU D 187 -19.91 31.05 -3.75
N ASN D 188 -20.54 32.01 -4.41
CA ASN D 188 -21.71 32.68 -3.82
C ASN D 188 -22.98 31.87 -4.03
N TYR D 189 -23.02 31.08 -5.10
CA TYR D 189 -24.20 30.29 -5.45
C TYR D 189 -24.24 28.84 -4.97
N VAL D 190 -23.20 28.08 -5.25
CA VAL D 190 -23.17 26.65 -4.87
C VAL D 190 -23.59 26.32 -3.44
N PRO D 191 -23.11 27.08 -2.45
CA PRO D 191 -23.52 26.75 -1.07
C PRO D 191 -25.03 26.88 -0.86
N LYS D 192 -25.67 27.80 -1.58
CA LYS D 192 -27.11 28.00 -1.46
C LYS D 192 -27.87 26.78 -1.95
N LEU D 193 -27.31 26.09 -2.94
CA LEU D 193 -27.94 24.90 -3.49
C LEU D 193 -28.13 23.85 -2.39
N PHE D 194 -27.03 23.49 -1.73
CA PHE D 194 -27.10 22.48 -0.69
C PHE D 194 -27.87 22.94 0.54
N GLU D 195 -27.91 24.23 0.77
CA GLU D 195 -28.67 24.74 1.91
C GLU D 195 -30.14 24.43 1.61
N GLU D 196 -30.56 24.76 0.39
CA GLU D 196 -31.93 24.51 -0.03
C GLU D 196 -32.27 23.02 -0.06
N LEU D 197 -31.33 22.21 -0.53
CA LEU D 197 -31.55 20.77 -0.58
C LEU D 197 -31.76 20.19 0.82
N ARG D 198 -31.04 20.71 1.81
CA ARG D 198 -31.19 20.18 3.16
C ARG D 198 -32.50 20.62 3.79
N LYS D 199 -32.91 21.87 3.58
CA LYS D 199 -34.17 22.29 4.19
C LYS D 199 -35.35 21.65 3.49
N THR D 200 -35.15 21.22 2.24
CA THR D 200 -36.21 20.59 1.47
C THR D 200 -36.34 19.08 1.75
N TYR D 201 -35.21 18.37 1.69
CA TYR D 201 -35.20 16.93 1.89
C TYR D 201 -34.62 16.39 3.18
N GLY D 202 -34.05 17.26 4.01
CA GLY D 202 -33.48 16.80 5.26
C GLY D 202 -32.12 16.15 5.12
N PHE D 203 -31.62 15.59 6.21
CA PHE D 203 -30.29 14.96 6.24
C PHE D 203 -30.24 13.43 6.10
N ASP D 204 -31.34 12.81 5.70
CA ASP D 204 -31.39 11.36 5.55
C ASP D 204 -31.04 10.90 4.14
N HIS D 205 -30.22 11.68 3.45
CA HIS D 205 -29.78 11.34 2.10
C HIS D 205 -28.32 11.73 1.90
N HIS D 206 -27.61 10.94 1.11
CA HIS D 206 -26.22 11.22 0.81
C HIS D 206 -26.21 12.20 -0.35
N LEU D 207 -25.57 13.35 -0.15
CA LEU D 207 -25.49 14.36 -1.21
C LEU D 207 -24.05 14.57 -1.61
N LEU D 208 -23.80 14.59 -2.91
CA LEU D 208 -22.44 14.78 -3.42
C LEU D 208 -22.35 15.99 -4.33
N HIS D 209 -21.14 16.48 -4.52
CA HIS D 209 -20.91 17.60 -5.41
C HIS D 209 -19.56 17.45 -6.10
N ASP D 210 -19.54 17.75 -7.39
CA ASP D 210 -18.34 17.65 -8.20
C ASP D 210 -17.82 19.06 -8.47
N GLY D 211 -16.69 19.41 -7.87
CA GLY D 211 -16.12 20.73 -8.09
C GLY D 211 -15.53 20.82 -9.48
N HIS D 212 -15.31 19.67 -10.09
CA HIS D 212 -14.79 19.57 -11.44
C HIS D 212 -13.56 20.41 -11.78
N HIS D 213 -12.52 20.32 -10.95
CA HIS D 213 -11.26 21.02 -11.16
C HIS D 213 -11.30 22.55 -11.28
N ARG D 214 -12.42 23.17 -10.95
CA ARG D 214 -12.56 24.61 -11.12
C ARG D 214 -11.92 25.53 -10.09
N TYR D 215 -11.64 25.01 -8.91
CA TYR D 215 -11.09 25.84 -7.83
C TYR D 215 -9.60 25.68 -7.54
N THR D 216 -9.04 26.70 -6.89
CA THR D 216 -7.65 26.66 -6.47
C THR D 216 -7.77 26.08 -5.07
N PRO D 217 -6.64 25.71 -4.44
CA PRO D 217 -6.73 25.13 -3.10
C PRO D 217 -7.44 26.01 -2.06
N GLN D 218 -7.12 27.30 -2.04
CA GLN D 218 -7.75 28.20 -1.08
C GLN D 218 -9.25 28.30 -1.30
N GLU D 219 -9.65 28.44 -2.56
CA GLU D 219 -11.07 28.56 -2.89
C GLU D 219 -11.79 27.26 -2.55
N ALA D 220 -11.12 26.14 -2.77
CA ALA D 220 -11.70 24.83 -2.46
C ALA D 220 -11.90 24.71 -0.96
N ALA D 221 -10.93 25.21 -0.20
CA ALA D 221 -11.00 25.20 1.25
C ALA D 221 -12.20 26.05 1.67
N ASN D 222 -12.29 27.23 1.07
CA ASN D 222 -13.36 28.17 1.32
C ASN D 222 -14.70 27.50 1.00
N LEU D 223 -14.79 26.88 -0.16
CA LEU D 223 -16.02 26.20 -0.56
C LEU D 223 -16.38 25.04 0.37
N GLY D 224 -15.40 24.19 0.68
CA GLY D 224 -15.65 23.05 1.57
C GLY D 224 -16.14 23.49 2.94
N LYS D 225 -15.58 24.59 3.42
CA LYS D 225 -15.95 25.13 4.73
C LYS D 225 -17.41 25.59 4.74
N MET D 226 -17.83 26.25 3.66
CA MET D 226 -19.20 26.74 3.55
C MET D 226 -20.20 25.59 3.37
N LEU D 227 -19.73 24.45 2.89
CA LEU D 227 -20.60 23.31 2.66
C LEU D 227 -20.72 22.40 3.89
N GLU D 228 -19.86 22.62 4.88
CA GLU D 228 -19.86 21.82 6.10
C GLU D 228 -21.21 21.68 6.80
N PRO D 229 -22.02 22.74 6.84
CA PRO D 229 -23.31 22.63 7.52
C PRO D 229 -24.28 21.69 6.82
N TYR D 230 -24.00 21.37 5.56
CA TYR D 230 -24.90 20.51 4.81
C TYR D 230 -24.49 19.05 4.72
N GLN D 231 -23.44 18.70 5.46
CA GLN D 231 -22.98 17.32 5.54
C GLN D 231 -22.94 16.57 4.21
N LEU D 232 -22.06 16.97 3.30
CA LEU D 232 -21.97 16.27 2.03
C LEU D 232 -21.28 14.92 2.14
N PHE D 233 -21.59 14.03 1.22
CA PHE D 233 -20.98 12.70 1.17
C PHE D 233 -19.54 12.97 0.72
N TRP D 234 -19.38 13.92 -0.19
CA TRP D 234 -18.06 14.31 -0.66
C TRP D 234 -18.08 15.51 -1.58
N LEU D 235 -16.94 16.19 -1.65
CA LEU D 235 -16.70 17.31 -2.54
C LEU D 235 -15.61 16.70 -3.41
N GLU D 236 -15.93 16.51 -4.69
CA GLU D 236 -15.03 15.86 -5.64
C GLU D 236 -14.19 16.74 -6.55
N ASP D 237 -12.97 16.29 -6.84
CA ASP D 237 -12.04 17.00 -7.71
C ASP D 237 -12.13 18.52 -7.52
N CYS D 238 -12.10 18.96 -6.26
CA CYS D 238 -12.20 20.38 -5.96
C CYS D 238 -11.13 21.25 -6.64
N THR D 239 -9.90 20.75 -6.73
CA THR D 239 -8.81 21.50 -7.34
C THR D 239 -7.90 20.56 -8.13
N PRO D 240 -7.24 21.07 -9.19
CA PRO D 240 -6.34 20.22 -9.98
C PRO D 240 -5.36 19.51 -9.06
N ALA D 241 -5.14 18.22 -9.30
CA ALA D 241 -4.27 17.44 -8.44
C ALA D 241 -2.92 16.95 -8.99
N GLU D 242 -2.45 17.51 -10.11
CA GLU D 242 -1.16 17.07 -10.64
C GLU D 242 -0.16 17.15 -9.49
N ASN D 243 -0.26 18.23 -8.73
CA ASN D 243 0.59 18.44 -7.57
C ASN D 243 -0.27 17.95 -6.41
N GLN D 244 -0.02 16.72 -5.96
CA GLN D 244 -0.79 16.12 -4.87
C GLN D 244 -0.83 16.93 -3.57
N GLU D 245 0.15 17.82 -3.38
CA GLU D 245 0.19 18.65 -2.17
C GLU D 245 -0.91 19.71 -2.20
N ALA D 246 -1.52 19.90 -3.36
CA ALA D 246 -2.58 20.90 -3.53
C ALA D 246 -3.77 20.68 -2.59
N PHE D 247 -4.00 19.42 -2.22
CA PHE D 247 -5.11 19.09 -1.32
C PHE D 247 -4.81 19.38 0.14
N ARG D 248 -3.53 19.58 0.46
CA ARG D 248 -3.13 19.85 1.84
C ARG D 248 -3.85 21.05 2.45
N LEU D 249 -3.91 22.15 1.71
CA LEU D 249 -4.56 23.35 2.23
C LEU D 249 -6.05 23.10 2.43
N VAL D 250 -6.67 22.38 1.51
CA VAL D 250 -8.10 22.08 1.60
C VAL D 250 -8.39 21.21 2.80
N ARG D 251 -7.64 20.12 2.93
CA ARG D 251 -7.84 19.18 4.03
C ARG D 251 -7.65 19.82 5.39
N GLN D 252 -6.74 20.79 5.47
CA GLN D 252 -6.45 21.46 6.73
C GLN D 252 -7.56 22.41 7.21
N HIS D 253 -8.37 22.91 6.28
CA HIS D 253 -9.41 23.87 6.66
C HIS D 253 -10.87 23.42 6.68
N THR D 254 -11.17 22.19 6.28
CA THR D 254 -12.54 21.72 6.29
C THR D 254 -12.67 20.24 6.59
N VAL D 255 -13.82 19.84 7.15
CA VAL D 255 -14.06 18.43 7.44
C VAL D 255 -14.99 17.83 6.40
N THR D 256 -15.30 18.62 5.36
CA THR D 256 -16.15 18.14 4.28
C THR D 256 -15.32 17.04 3.61
N PRO D 257 -15.92 15.85 3.40
CA PRO D 257 -15.20 14.73 2.77
C PRO D 257 -14.70 15.07 1.37
N LEU D 258 -13.49 14.62 1.06
CA LEU D 258 -12.90 14.90 -0.24
C LEU D 258 -12.72 13.65 -1.08
N ALA D 259 -12.95 13.80 -2.38
CA ALA D 259 -12.82 12.71 -3.35
C ALA D 259 -12.08 13.22 -4.58
N VAL D 260 -11.32 12.35 -5.23
CA VAL D 260 -10.56 12.73 -6.42
C VAL D 260 -10.06 11.47 -7.13
N GLY D 261 -9.65 11.60 -8.39
CA GLY D 261 -9.10 10.44 -9.07
C GLY D 261 -9.64 9.88 -10.37
N GLU D 262 -10.79 10.34 -10.86
CA GLU D 262 -11.31 9.77 -12.09
C GLU D 262 -10.31 9.88 -13.24
N ILE D 263 -9.52 10.95 -13.27
CA ILE D 263 -8.55 11.11 -14.35
C ILE D 263 -7.19 10.47 -14.08
N PHE D 264 -6.99 9.92 -12.88
CA PHE D 264 -5.72 9.27 -12.55
C PHE D 264 -5.56 7.98 -13.36
N ASN D 265 -4.32 7.62 -13.71
CA ASN D 265 -4.09 6.40 -14.45
C ASN D 265 -3.14 5.42 -13.75
N THR D 266 -2.46 5.88 -12.69
CA THR D 266 -1.59 4.99 -11.93
C THR D 266 -1.62 5.32 -10.44
N ILE D 267 -1.18 4.38 -9.63
CA ILE D 267 -1.15 4.57 -8.19
C ILE D 267 -0.27 5.76 -7.81
N TRP D 268 0.69 6.10 -8.68
CA TRP D 268 1.59 7.22 -8.41
C TRP D 268 0.90 8.59 -8.45
N ASP D 269 -0.31 8.63 -9.00
CA ASP D 269 -1.05 9.89 -9.05
C ASP D 269 -1.77 10.14 -7.73
N ALA D 270 -1.78 9.15 -6.84
CA ALA D 270 -2.53 9.28 -5.59
C ALA D 270 -1.83 8.78 -4.31
N GLU D 271 -0.63 8.24 -4.45
CA GLU D 271 0.11 7.72 -3.30
C GLU D 271 0.19 8.73 -2.16
N ASP D 272 0.57 9.97 -2.48
CA ASP D 272 0.68 11.00 -1.45
C ASP D 272 -0.67 11.49 -0.94
N LEU D 273 -1.67 11.58 -1.83
CA LEU D 273 -2.99 12.02 -1.41
C LEU D 273 -3.51 11.03 -0.38
N ILE D 274 -3.22 9.76 -0.59
CA ILE D 274 -3.67 8.71 0.31
C ILE D 274 -2.86 8.62 1.60
N GLN D 275 -1.55 8.49 1.50
CA GLN D 275 -0.71 8.36 2.69
C GLN D 275 -0.70 9.57 3.60
N ASN D 276 -0.96 10.74 3.06
CA ASN D 276 -1.00 11.96 3.87
C ASN D 276 -2.43 12.21 4.37
N GLN D 277 -3.32 11.28 4.05
CA GLN D 277 -4.72 11.35 4.45
C GLN D 277 -5.39 12.67 4.03
N LEU D 278 -5.25 13.01 2.75
CA LEU D 278 -5.84 14.22 2.22
C LEU D 278 -7.17 13.94 1.52
N ILE D 279 -7.51 12.66 1.34
CA ILE D 279 -8.78 12.31 0.69
C ILE D 279 -9.51 11.18 1.40
N ASP D 280 -10.82 11.13 1.20
CA ASP D 280 -11.64 10.09 1.82
C ASP D 280 -12.09 9.03 0.82
N TYR D 281 -12.07 9.38 -0.46
CA TYR D 281 -12.47 8.46 -1.52
C TYR D 281 -11.55 8.57 -2.74
N ILE D 282 -11.11 7.43 -3.24
CA ILE D 282 -10.27 7.42 -4.43
C ILE D 282 -11.19 7.02 -5.59
N ARG D 283 -11.23 7.87 -6.62
CA ARG D 283 -12.10 7.70 -7.77
C ARG D 283 -11.55 6.93 -8.98
N ALA D 284 -10.32 6.44 -8.87
CA ALA D 284 -9.72 5.72 -9.98
C ALA D 284 -10.62 4.57 -10.45
N THR D 285 -10.58 4.26 -11.74
CA THR D 285 -11.39 3.19 -12.30
C THR D 285 -10.56 2.09 -12.95
N VAL D 286 -11.20 0.96 -13.22
CA VAL D 286 -10.55 -0.19 -13.85
C VAL D 286 -9.99 0.15 -15.23
N VAL D 287 -10.69 0.99 -15.98
CA VAL D 287 -10.23 1.34 -17.33
C VAL D 287 -9.23 2.49 -17.30
N GLY D 288 -9.39 3.39 -16.34
CA GLY D 288 -8.46 4.50 -16.25
C GLY D 288 -7.13 4.17 -15.61
N ALA D 289 -7.11 3.23 -14.68
CA ALA D 289 -5.87 2.89 -13.98
C ALA D 289 -5.26 1.50 -14.13
N GLY D 290 -5.23 0.99 -15.35
CA GLY D 290 -4.60 -0.31 -15.60
C GLY D 290 -5.27 -1.62 -15.26
N GLY D 291 -6.60 -1.64 -15.20
CA GLY D 291 -7.29 -2.90 -14.92
C GLY D 291 -7.42 -3.31 -13.46
N LEU D 292 -8.00 -4.49 -13.26
CA LEU D 292 -8.19 -5.04 -11.92
C LEU D 292 -6.84 -5.19 -11.21
N THR D 293 -5.86 -5.69 -11.94
CA THR D 293 -4.52 -5.89 -11.39
C THR D 293 -3.96 -4.65 -10.69
N HIS D 294 -4.01 -3.50 -11.34
CA HIS D 294 -3.48 -2.29 -10.74
C HIS D 294 -4.45 -1.57 -9.79
N LEU D 295 -5.74 -1.58 -10.12
CA LEU D 295 -6.71 -0.92 -9.26
C LEU D 295 -6.71 -1.55 -7.88
N ARG D 296 -6.46 -2.85 -7.83
CA ARG D 296 -6.43 -3.60 -6.58
C ARG D 296 -5.33 -3.06 -5.66
N ARG D 297 -4.20 -2.66 -6.24
CA ARG D 297 -3.10 -2.14 -5.46
C ARG D 297 -3.48 -0.77 -4.90
N ILE D 298 -4.19 0.01 -5.71
CA ILE D 298 -4.61 1.34 -5.29
C ILE D 298 -5.62 1.22 -4.15
N ALA D 299 -6.53 0.25 -4.26
CA ALA D 299 -7.52 0.04 -3.23
C ALA D 299 -6.85 -0.43 -1.95
N ASP D 300 -5.86 -1.31 -2.07
CA ASP D 300 -5.15 -1.81 -0.90
C ASP D 300 -4.39 -0.68 -0.18
N LEU D 301 -3.73 0.20 -0.92
CA LEU D 301 -3.01 1.29 -0.29
C LEU D 301 -4.03 2.18 0.43
N ALA D 302 -5.17 2.40 -0.22
CA ALA D 302 -6.22 3.22 0.36
C ALA D 302 -6.75 2.68 1.68
N SER D 303 -6.97 1.36 1.74
CA SER D 303 -7.50 0.75 2.95
C SER D 303 -6.61 0.93 4.17
N LEU D 304 -5.29 1.04 3.96
CA LEU D 304 -4.40 1.23 5.11
C LEU D 304 -4.72 2.54 5.83
N TYR D 305 -5.27 3.49 5.10
CA TYR D 305 -5.63 4.79 5.67
C TYR D 305 -7.14 4.99 5.73
N GLN D 306 -7.86 3.87 5.72
CA GLN D 306 -9.32 3.89 5.76
C GLN D 306 -9.93 4.74 4.63
N VAL D 307 -9.18 4.90 3.55
CA VAL D 307 -9.69 5.64 2.40
C VAL D 307 -10.55 4.62 1.65
N ARG D 308 -11.68 5.06 1.12
CA ARG D 308 -12.59 4.16 0.43
C ARG D 308 -12.68 4.39 -1.08
N THR D 309 -13.15 3.37 -1.80
CA THR D 309 -13.28 3.48 -3.24
C THR D 309 -14.60 4.15 -3.61
N GLY D 310 -14.52 5.00 -4.64
CA GLY D 310 -15.69 5.72 -5.14
C GLY D 310 -15.51 5.80 -6.64
N CYS D 311 -15.33 4.65 -7.27
CA CYS D 311 -15.12 4.55 -8.70
C CYS D 311 -15.98 5.42 -9.60
N HIS D 312 -15.29 6.16 -10.46
CA HIS D 312 -15.91 7.03 -11.46
C HIS D 312 -16.73 6.12 -12.35
N GLY D 313 -17.84 6.62 -12.90
CA GLY D 313 -18.67 5.77 -13.74
C GLY D 313 -19.58 6.50 -14.71
N ALA D 314 -19.05 7.48 -15.40
CA ALA D 314 -19.83 8.22 -16.39
C ALA D 314 -20.09 7.28 -17.56
N THR D 315 -20.88 7.73 -18.52
CA THR D 315 -21.21 6.90 -19.67
C THR D 315 -20.04 6.63 -20.62
N ASP D 316 -19.00 7.48 -20.59
CA ASP D 316 -17.86 7.28 -21.47
C ASP D 316 -17.02 6.07 -21.08
N LEU D 317 -17.52 5.31 -20.11
CA LEU D 317 -16.88 4.08 -19.66
C LEU D 317 -17.87 3.00 -20.13
N SER D 318 -17.43 2.14 -21.06
CA SER D 318 -18.29 1.10 -21.60
C SER D 318 -18.82 0.10 -20.59
N PRO D 319 -19.89 -0.65 -20.96
CA PRO D 319 -20.47 -1.64 -20.05
C PRO D 319 -19.44 -2.66 -19.60
N VAL D 320 -18.39 -2.85 -20.40
CA VAL D 320 -17.33 -3.81 -20.05
C VAL D 320 -16.63 -3.31 -18.77
N THR D 321 -16.38 -1.99 -18.71
CA THR D 321 -15.75 -1.42 -17.54
C THR D 321 -16.68 -1.55 -16.34
N MET D 322 -17.95 -1.22 -16.54
CA MET D 322 -18.94 -1.30 -15.46
C MET D 322 -19.03 -2.73 -14.94
N GLY D 323 -18.96 -3.69 -15.85
CA GLY D 323 -19.03 -5.08 -15.43
C GLY D 323 -17.83 -5.39 -14.53
N CYS D 324 -16.64 -5.03 -15.00
CA CYS D 324 -15.43 -5.26 -14.22
C CYS D 324 -15.47 -4.47 -12.91
N ALA D 325 -15.87 -3.21 -12.98
CA ALA D 325 -15.96 -2.35 -11.81
C ALA D 325 -16.89 -2.92 -10.73
N LEU D 326 -18.01 -3.47 -11.15
CA LEU D 326 -18.96 -4.04 -10.20
C LEU D 326 -18.43 -5.31 -9.54
N HIS D 327 -17.66 -6.09 -10.30
CA HIS D 327 -17.08 -7.31 -9.74
C HIS D 327 -16.10 -6.86 -8.67
N PHE D 328 -15.32 -5.84 -9.01
CA PHE D 328 -14.34 -5.26 -8.11
C PHE D 328 -15.07 -4.77 -6.85
N ASP D 329 -16.09 -3.94 -7.06
CA ASP D 329 -16.90 -3.37 -5.96
C ASP D 329 -17.52 -4.42 -5.06
N THR D 330 -17.86 -5.57 -5.64
CA THR D 330 -18.48 -6.64 -4.88
C THR D 330 -17.49 -7.25 -3.90
N TRP D 331 -16.23 -7.34 -4.31
CA TRP D 331 -15.20 -7.91 -3.46
C TRP D 331 -14.48 -6.93 -2.52
N VAL D 332 -13.96 -5.84 -3.08
CA VAL D 332 -13.19 -4.88 -2.28
C VAL D 332 -13.77 -4.56 -0.90
N PRO D 333 -13.01 -4.84 0.16
CA PRO D 333 -13.49 -4.57 1.52
C PRO D 333 -13.75 -3.09 1.81
N ASN D 334 -12.85 -2.22 1.37
CA ASN D 334 -13.00 -0.78 1.60
C ASN D 334 -13.81 -0.06 0.51
N PHE D 335 -14.94 -0.65 0.14
CA PHE D 335 -15.82 -0.06 -0.87
C PHE D 335 -16.54 1.17 -0.30
N GLY D 336 -16.65 2.22 -1.11
CA GLY D 336 -17.33 3.42 -0.66
C GLY D 336 -18.65 3.61 -1.41
N ILE D 337 -18.56 3.82 -2.72
CA ILE D 337 -19.75 4.02 -3.53
C ILE D 337 -19.35 3.86 -4.99
N GLN D 338 -20.34 3.67 -5.86
CA GLN D 338 -20.09 3.51 -7.27
C GLN D 338 -20.93 4.51 -8.07
N GLU D 339 -20.28 5.31 -8.90
CA GLU D 339 -21.00 6.26 -9.71
C GLU D 339 -21.77 5.47 -10.78
N TYR D 340 -23.00 5.90 -11.07
CA TYR D 340 -23.79 5.20 -12.06
C TYR D 340 -24.56 6.09 -13.02
N MET D 341 -24.15 6.06 -14.29
CA MET D 341 -24.81 6.81 -15.34
C MET D 341 -25.31 5.75 -16.31
N ARG D 342 -26.59 5.82 -16.67
CA ARG D 342 -27.18 4.85 -17.59
C ARG D 342 -26.70 5.01 -19.02
N HIS D 343 -26.51 3.88 -19.72
CA HIS D 343 -26.09 3.87 -21.11
C HIS D 343 -27.38 3.82 -21.94
N THR D 344 -27.29 4.13 -23.23
CA THR D 344 -28.46 4.10 -24.09
C THR D 344 -28.88 2.65 -24.31
N GLU D 345 -30.07 2.46 -24.86
CA GLU D 345 -30.55 1.11 -25.12
C GLU D 345 -29.66 0.43 -26.17
N GLU D 346 -29.21 1.22 -27.15
CA GLU D 346 -28.34 0.69 -28.20
C GLU D 346 -27.03 0.18 -27.61
N THR D 347 -26.42 0.97 -26.74
CA THR D 347 -25.18 0.57 -26.10
C THR D 347 -25.37 -0.75 -25.35
N ASP D 348 -26.49 -0.86 -24.62
CA ASP D 348 -26.78 -2.07 -23.87
C ASP D 348 -26.93 -3.30 -24.77
N ALA D 349 -27.47 -3.11 -25.97
CA ALA D 349 -27.65 -4.23 -26.89
C ALA D 349 -26.30 -4.70 -27.44
N VAL D 350 -25.44 -3.75 -27.76
CA VAL D 350 -24.12 -4.08 -28.30
C VAL D 350 -23.27 -4.80 -27.24
N PHE D 351 -23.45 -4.40 -25.98
CA PHE D 351 -22.68 -4.99 -24.88
C PHE D 351 -23.55 -5.75 -23.87
N PRO D 352 -24.06 -6.92 -24.25
CA PRO D 352 -24.89 -7.67 -23.30
C PRO D 352 -24.09 -7.92 -22.01
N HIS D 353 -24.72 -7.67 -20.87
CA HIS D 353 -24.08 -7.83 -19.57
C HIS D 353 -25.02 -8.47 -18.56
N ASP D 354 -24.48 -8.97 -17.45
CA ASP D 354 -25.34 -9.60 -16.46
C ASP D 354 -25.61 -8.77 -15.20
N TYR D 355 -25.15 -7.52 -15.16
CA TYR D 355 -25.38 -6.69 -13.99
C TYR D 355 -26.66 -5.89 -14.14
N TRP D 356 -27.29 -5.55 -13.03
CA TRP D 356 -28.56 -4.81 -13.07
C TRP D 356 -28.71 -3.80 -11.93
N PHE D 357 -29.62 -2.86 -12.14
CA PHE D 357 -29.91 -1.81 -11.16
C PHE D 357 -31.23 -2.08 -10.47
N GLU D 358 -31.27 -1.87 -9.15
CA GLU D 358 -32.49 -2.08 -8.39
C GLU D 358 -32.52 -1.29 -7.09
N LYS D 359 -33.50 -0.41 -6.98
CA LYS D 359 -33.68 0.39 -5.77
C LYS D 359 -32.39 1.08 -5.30
N GLY D 360 -31.78 1.87 -6.17
CA GLY D 360 -30.57 2.60 -5.81
C GLY D 360 -29.30 1.77 -5.67
N GLU D 361 -29.31 0.53 -6.14
CA GLU D 361 -28.13 -0.32 -6.07
C GLU D 361 -27.89 -1.04 -7.38
N LEU D 362 -26.62 -1.34 -7.63
CA LEU D 362 -26.25 -2.10 -8.82
C LEU D 362 -25.85 -3.47 -8.27
N PHE D 363 -25.99 -4.49 -9.11
CA PHE D 363 -25.65 -5.86 -8.71
C PHE D 363 -24.95 -6.55 -9.87
N VAL D 364 -23.91 -7.32 -9.56
CA VAL D 364 -23.22 -8.07 -10.58
C VAL D 364 -23.77 -9.50 -10.52
N GLY D 365 -23.78 -10.21 -11.64
CA GLY D 365 -24.30 -11.56 -11.67
C GLY D 365 -23.29 -12.68 -11.47
N GLU D 366 -23.73 -13.91 -11.70
CA GLU D 366 -22.87 -15.09 -11.54
C GLU D 366 -22.27 -15.66 -12.82
N THR D 367 -22.44 -14.97 -13.94
CA THR D 367 -21.89 -15.44 -15.20
C THR D 367 -20.36 -15.52 -15.16
N PRO D 368 -19.79 -16.68 -15.55
CA PRO D 368 -18.33 -16.83 -15.56
C PRO D 368 -17.68 -15.73 -16.38
N GLY D 369 -16.59 -15.16 -15.87
CA GLY D 369 -15.92 -14.06 -16.54
C GLY D 369 -16.39 -12.80 -15.85
N HIS D 370 -16.30 -11.65 -16.51
CA HIS D 370 -16.80 -10.42 -15.88
C HIS D 370 -18.25 -10.21 -16.26
N GLY D 371 -18.81 -11.17 -17.00
CA GLY D 371 -20.21 -11.12 -17.38
C GLY D 371 -20.62 -10.18 -18.50
N VAL D 372 -19.66 -9.59 -19.19
CA VAL D 372 -20.00 -8.70 -20.29
C VAL D 372 -19.47 -9.30 -21.58
N ASP D 373 -20.12 -8.99 -22.69
CA ASP D 373 -19.66 -9.49 -23.99
C ASP D 373 -19.98 -8.42 -25.00
N ILE D 374 -19.56 -8.63 -26.24
CA ILE D 374 -19.84 -7.67 -27.29
C ILE D 374 -20.41 -8.38 -28.51
N ASP D 375 -21.47 -7.82 -29.06
CA ASP D 375 -22.11 -8.38 -30.25
C ASP D 375 -21.41 -7.69 -31.43
N GLU D 376 -20.41 -8.33 -32.00
CA GLU D 376 -19.65 -7.72 -33.10
C GLU D 376 -20.50 -7.35 -34.32
N GLU D 377 -21.37 -8.24 -34.76
CA GLU D 377 -22.20 -7.93 -35.91
C GLU D 377 -23.02 -6.67 -35.62
N LEU D 378 -23.63 -6.64 -34.44
CA LEU D 378 -24.44 -5.50 -34.04
C LEU D 378 -23.58 -4.24 -33.90
N ALA D 379 -22.36 -4.40 -33.40
CA ALA D 379 -21.45 -3.26 -33.22
C ALA D 379 -21.08 -2.59 -34.53
N ALA D 380 -20.90 -3.37 -35.59
CA ALA D 380 -20.52 -2.82 -36.89
C ALA D 380 -21.55 -1.85 -37.44
N LYS D 381 -22.79 -1.99 -37.03
CA LYS D 381 -23.87 -1.12 -37.49
C LYS D 381 -23.69 0.33 -37.04
N TYR D 382 -22.91 0.54 -35.99
CA TYR D 382 -22.68 1.88 -35.45
C TYR D 382 -21.23 2.31 -35.61
N PRO D 383 -20.92 2.99 -36.72
CA PRO D 383 -19.56 3.46 -37.03
C PRO D 383 -19.07 4.62 -36.17
N TYR D 384 -17.76 4.65 -35.96
CA TYR D 384 -17.10 5.69 -35.18
C TYR D 384 -17.64 7.05 -35.54
N LYS D 385 -17.66 7.96 -34.56
CA LYS D 385 -18.17 9.32 -34.77
C LYS D 385 -17.45 10.30 -33.85
N PRO D 386 -16.54 11.12 -34.40
CA PRO D 386 -15.76 12.11 -33.66
C PRO D 386 -16.55 12.99 -32.70
N ALA D 387 -16.11 13.02 -31.44
CA ALA D 387 -16.76 13.84 -30.41
C ALA D 387 -15.71 14.26 -29.39
N TYR D 388 -15.70 15.55 -29.04
CA TYR D 388 -14.75 16.11 -28.09
C TYR D 388 -15.39 16.54 -26.77
N LEU D 389 -14.58 16.55 -25.71
CA LEU D 389 -15.04 16.99 -24.41
C LEU D 389 -14.96 18.52 -24.46
N PRO D 390 -15.77 19.21 -23.65
CA PRO D 390 -15.75 20.67 -23.64
C PRO D 390 -14.48 21.21 -23.01
N VAL D 391 -14.18 22.48 -23.30
CA VAL D 391 -13.04 23.16 -22.72
C VAL D 391 -13.66 24.33 -21.97
N ALA D 392 -12.93 24.91 -21.04
CA ALA D 392 -13.47 26.04 -20.28
C ALA D 392 -12.50 27.21 -20.23
N ARG D 393 -13.07 28.40 -20.30
CA ARG D 393 -12.29 29.63 -20.25
C ARG D 393 -12.90 30.60 -19.25
N LEU D 394 -12.03 31.36 -18.59
CA LEU D 394 -12.47 32.36 -17.64
C LEU D 394 -13.09 33.48 -18.46
N GLU D 395 -13.78 34.41 -17.79
CA GLU D 395 -14.43 35.50 -18.48
C GLU D 395 -13.50 36.41 -19.30
N ASP D 396 -12.19 36.36 -19.01
CA ASP D 396 -11.25 37.18 -19.75
C ASP D 396 -10.57 36.41 -20.89
N GLY D 397 -10.94 35.15 -21.05
CA GLY D 397 -10.38 34.33 -22.12
C GLY D 397 -9.37 33.28 -21.69
N THR D 398 -8.82 33.42 -20.49
CA THR D 398 -7.83 32.48 -19.97
C THR D 398 -8.27 31.02 -20.04
N MET D 399 -7.45 30.17 -20.64
CA MET D 399 -7.77 28.74 -20.72
C MET D 399 -7.87 28.24 -19.28
N TRP D 400 -8.93 27.50 -18.98
CA TRP D 400 -9.11 26.98 -17.62
C TRP D 400 -9.38 25.47 -17.62
N ASN D 401 -9.73 24.93 -16.47
CA ASN D 401 -9.99 23.50 -16.36
C ASN D 401 -11.47 23.17 -16.49
N TRP D 402 -11.85 22.46 -17.55
CA TRP D 402 -13.26 22.12 -17.69
C TRP D 402 -13.62 21.06 -16.65
#